data_6CH9
#
_entry.id   6CH9
#
_cell.length_a   241.080
_cell.length_b   241.080
_cell.length_c   345.470
_cell.angle_alpha   90.00
_cell.angle_beta   90.00
_cell.angle_gamma   120.00
#
_symmetry.space_group_name_H-M   'H 3 2'
#
loop_
_entity.id
_entity.type
_entity.pdbx_description
1 polymer 'Envelope glycoprotein gp41'
2 polymer '35O22 Heavy Chain'
3 polymer '35O22 Light Chain'
4 polymer 'Envelope glycoprotein gp120'
5 polymer 'BG18 Heavy Chain'
6 polymer 'BG18 Light Chain'
7 branched beta-D-mannopyranose-(1-4)-2-acetamido-2-deoxy-beta-D-glucopyranose-(1-4)-2-acetamido-2-deoxy-beta-D-glucopyranose
8 branched alpha-D-mannopyranose-(1-6)-beta-D-mannopyranose-(1-4)-2-acetamido-2-deoxy-beta-D-glucopyranose-(1-4)-2-acetamido-2-deoxy-beta-D-glucopyranose
9 branched 2-acetamido-2-deoxy-beta-D-glucopyranose-(1-4)-2-acetamido-2-deoxy-beta-D-glucopyranose
10 branched alpha-D-mannopyranose-(1-6)-alpha-D-mannopyranose-(1-6)-[alpha-D-mannopyranose-(1-3)]beta-D-mannopyranose-(1-4)-2-acetamido-2-deoxy-beta-D-glucopyranose-(1-4)-2-acetamido-2-deoxy-beta-D-glucopyranose
11 branched alpha-D-mannopyranose-(1-3)-beta-D-mannopyranose-(1-4)-2-acetamido-2-deoxy-beta-D-glucopyranose-(1-4)-2-acetamido-2-deoxy-beta-D-glucopyranose
12 branched alpha-D-mannopyranose-(1-3)-[alpha-D-mannopyranose-(1-6)]beta-D-mannopyranose-(1-4)-2-acetamido-2-deoxy-beta-D-glucopyranose-(1-4)-2-acetamido-2-deoxy-beta-D-glucopyranose
13 branched alpha-D-mannopyranose-(1-6)-alpha-D-mannopyranose-(1-3)-[alpha-D-mannopyranose-(1-6)]beta-D-mannopyranose-(1-4)-2-acetamido-2-deoxy-beta-D-glucopyranose-(1-4)-2-acetamido-2-deoxy-beta-D-glucopyranose
14 non-polymer 2-acetamido-2-deoxy-beta-D-glucopyranose
#
loop_
_entity_poly.entity_id
_entity_poly.type
_entity_poly.pdbx_seq_one_letter_code
_entity_poly.pdbx_strand_id
1 'polypeptide(L)'
;AVGLGAFILGFLGAAGSTMGAASMALTVQARLLLSGIVQQQNNLLRAPEAQQHMLQLTVWGIKQLQARVLAVERYLRDQQ
LLGIWGCSGKIICCTNVPWNDSWSNKTINEIWDNMTWMQWEKEIDNYTQHIYTLLEVSQIQQEKNEQELLELD
;
B
2 'polypeptide(L)'
;EGQLVQSGAELKKPGASVKISCKTSGYRFNFYHINWIRQTAGRGPEWMGWISPYSGDKNLAPAFQDRVIMTTDTEVPVTS
FTSTGAAYMEIRNLKFDDTGTYFCAKGLLRDGSSTWLPYLWGQGTLLTVSSASTKGPSVFPLAPSSKSTSGGTAALGCLV
KDYFPEPVTVSWNSGALTSGVHTFPAVLQSSGLYSLSSVVTVPSSSLGTQTYICNVNHKPSNTKVDKRVEPKSCDKGLEV
LFQ
;
D
3 'polypeptide(L)'
;QSVLTQSASVSGSLGQSVTISCTGPNSVCCSHKSISWYQWPPGRAPTLIIYEDNERAPGISPRFSGYKSYWSAYLTISDL
RPEDETTYYCCSYTHNSGCVFGTGTKVSVLGQSKANPSVTLFPPSSEELQANKATLVCLISDFYPGAVTVAWKADSSPVK
AGVETTTPSKQSNNKYAASSYLSLTPEQWKSHRSYSCQVTHEGSTVEKTVAPTECS
;
E
4 'polypeptide(L)'
;MDAMKRGLCCVLLLCGAVFVSPSQEIHARFRRGARAAKKWVTVYYGVPVWKEATTTLFCASDAKAYDTEVHNVWATHACV
PTDPNPQEIVLGNVTENFNMWKNNMVEQMHEDIISLWDQSLKPCVKLTPLCVTLNCNNVNTNNTNNSTNATISDWEKMET
GEMKNCSFNVTTSIRDKIKKEYALFYKLDVVPLENKNNINNTNITNYRLINCNTSVITQACPKVSFEPIPIHYCAPAGFA
ILKCNSKTFNGSGPCTNVSTVQCTHGIRPVVSTQLLLNGSLAEEEIVIRSENITDNAKTIIVQLNEAVEINCTRPNNNTR
KSIHIGPGRAFYATGDIIGNIRQAHCNISKARWNETLGQIVAKLEEQFPNKTIIFNHSSGGDPEIVTHSFNCGGEFFYCN
TTPLFNSTWNNTRTDDYPTGGEQNITLQCRIKQIINMWQGVGKAMYAPPIRGQIRCSSNITGLLLTRDGGRDQNGTETFR
PGGGNMRDNWRSELYKYKVVKIEPLGIAPTACKRRVVQ
;
G
5 'polypeptide(L)'
;QVQLRESGPGLVKPSETLSLSCTVSQDSRPSDHSWTWVRQSPGKALEWIGDIHYNGATTYNPSLRSRVRIELDQSIPRFS
LKMTSMTAADTGMYYCARNAIRIYGVVALGEWFHYGMDVWGQGTAVTVSSASTKGPSVFPLAPSSKSTSGGTAALGCLVK
DYFPEPVTVSWNSGALTSGVHTFPAVLQSSGLYSLSSVVTVPSSSLGTQTYICNVNHKPSNTKVDKRVEPKSCDKHHHHH
;
Q
6 'polypeptide(L)'
;WASSELTQPPSVSVSPGQTARITCSGAPLTSRFTYWYRQKPGQAPVLIISRSSQRSSGWSGRFSASWSGTTVTLTIRGVQ
ADDEADYYCQSSDTSDSYKMFGGGTKLTVLGQPAAAPSVTLFPPSSEELQANKATLVCLISDFYPGAVTVAWKADSSPVK
AGVETTTPSKQSNNKYAASSYLSLTPEQWKSHKSYSCQVTHEGSTVEKTVAPTEC
;
R
#
loop_
_chem_comp.id
_chem_comp.type
_chem_comp.name
_chem_comp.formula
BMA D-saccharide, beta linking beta-D-mannopyranose 'C6 H12 O6'
MAN D-saccharide, alpha linking alpha-D-mannopyranose 'C6 H12 O6'
NAG D-saccharide, beta linking 2-acetamido-2-deoxy-beta-D-glucopyranose 'C8 H15 N O6'
#
# COMPACT_ATOMS: atom_id res chain seq x y z
N LEU A 9 -1.26 5.21 -42.20
CA LEU A 9 -0.84 6.03 -41.06
C LEU A 9 -1.46 5.59 -39.72
N GLY A 10 -2.24 4.51 -39.76
CA GLY A 10 -2.88 3.92 -38.58
C GLY A 10 -4.33 4.34 -38.38
N PHE A 11 -5.13 3.44 -37.74
CA PHE A 11 -6.55 3.68 -37.43
C PHE A 11 -6.66 4.86 -36.47
N LEU A 12 -7.22 5.98 -36.97
CA LEU A 12 -7.37 7.27 -36.29
C LEU A 12 -6.00 7.94 -36.05
N GLY A 13 -4.96 7.41 -36.71
CA GLY A 13 -3.57 7.89 -36.62
C GLY A 13 -3.31 9.28 -37.14
N ALA A 14 -4.38 10.02 -37.47
CA ALA A 14 -4.32 11.40 -37.95
C ALA A 14 -5.23 12.34 -37.15
N ALA A 15 -5.95 11.81 -36.12
CA ALA A 15 -6.86 12.56 -35.24
C ALA A 15 -6.14 13.64 -34.44
N GLY A 16 -4.94 13.30 -33.96
CA GLY A 16 -4.09 14.22 -33.21
C GLY A 16 -3.63 15.35 -34.11
N SER A 17 -3.12 14.99 -35.31
CA SER A 17 -2.63 15.92 -36.35
C SER A 17 -3.74 16.85 -36.87
N THR A 18 -3.37 18.08 -37.25
CA THR A 18 -4.27 19.13 -37.78
C THR A 18 -5.05 18.68 -39.02
N MET A 19 -6.23 19.31 -39.27
CA MET A 19 -7.15 19.02 -40.38
C MET A 19 -6.46 18.76 -41.73
N GLY A 20 -5.43 19.57 -42.05
CA GLY A 20 -4.65 19.45 -43.28
C GLY A 20 -3.92 18.13 -43.39
N ALA A 21 -3.34 17.67 -42.27
CA ALA A 21 -2.63 16.40 -42.16
C ALA A 21 -3.62 15.25 -41.89
N ALA A 22 -4.85 15.60 -41.45
CA ALA A 22 -5.93 14.65 -41.17
C ALA A 22 -6.64 14.26 -42.47
N SER A 23 -6.80 15.24 -43.38
CA SER A 23 -7.40 15.05 -44.70
C SER A 23 -6.40 14.32 -45.62
N MET A 24 -5.10 14.40 -45.28
CA MET A 24 -3.98 13.75 -45.96
C MET A 24 -4.11 12.22 -45.88
N ALA A 25 -4.54 11.70 -44.70
CA ALA A 25 -4.75 10.28 -44.46
C ALA A 25 -6.06 10.03 -43.70
N LEU A 26 -7.13 9.69 -44.43
CA LEU A 26 -8.45 9.40 -43.88
C LEU A 26 -9.09 8.12 -44.45
N THR A 27 -8.35 7.39 -45.32
CA THR A 27 -8.80 6.15 -45.93
C THR A 27 -8.65 4.97 -44.98
N VAL A 28 -7.58 4.97 -44.15
CA VAL A 28 -7.27 3.95 -43.14
C VAL A 28 -8.34 3.97 -42.04
N GLN A 29 -8.85 5.19 -41.71
CA GLN A 29 -9.91 5.43 -40.72
C GLN A 29 -11.25 4.81 -41.13
N ALA A 30 -11.40 4.49 -42.44
CA ALA A 30 -12.57 3.84 -43.02
C ALA A 30 -12.26 2.39 -43.41
N ARG A 31 -10.97 2.06 -43.63
CA ARG A 31 -10.48 0.73 -44.00
C ARG A 31 -10.61 -0.24 -42.83
N LEU A 32 -9.98 0.07 -41.68
CA LEU A 32 -10.03 -0.76 -40.46
C LEU A 32 -11.33 -0.53 -39.66
N LEU A 33 -12.23 0.33 -40.19
CA LEU A 33 -13.52 0.68 -39.60
C LEU A 33 -14.52 -0.48 -39.60
N LEU A 34 -14.42 -1.41 -40.58
CA LEU A 34 -15.34 -2.55 -40.67
C LEU A 34 -14.67 -3.91 -40.39
N SER A 35 -13.99 -4.50 -41.40
CA SER A 35 -13.32 -5.79 -41.28
C SER A 35 -11.78 -5.65 -41.21
N GLY A 36 -11.30 -5.36 -40.00
CA GLY A 36 -9.88 -5.17 -39.73
C GLY A 36 -9.34 -6.18 -38.73
N ILE A 37 -9.38 -5.81 -37.44
CA ILE A 37 -8.90 -6.63 -36.32
C ILE A 37 -10.09 -6.99 -35.38
N VAL A 38 -11.33 -6.73 -35.85
CA VAL A 38 -12.58 -7.01 -35.11
C VAL A 38 -13.44 -8.09 -35.76
N GLN A 39 -13.27 -8.31 -37.10
CA GLN A 39 -14.00 -9.30 -37.89
C GLN A 39 -13.72 -10.74 -37.41
N GLN A 40 -12.41 -11.14 -37.39
CA GLN A 40 -11.89 -12.44 -36.97
C GLN A 40 -12.45 -13.62 -37.79
N GLN A 41 -12.33 -14.85 -37.26
CA GLN A 41 -12.79 -16.10 -37.88
C GLN A 41 -14.30 -16.30 -37.68
N ASN A 42 -14.84 -15.88 -36.50
CA ASN A 42 -16.26 -16.01 -36.09
C ASN A 42 -16.70 -17.48 -36.05
N ASN A 43 -15.82 -18.34 -35.49
CA ASN A 43 -16.00 -19.79 -35.34
C ASN A 43 -17.14 -20.15 -34.39
N HIS A 53 -21.53 -30.41 -25.44
CA HIS A 53 -22.42 -29.40 -25.97
C HIS A 53 -22.01 -28.98 -27.38
N MET A 54 -22.98 -28.95 -28.31
CA MET A 54 -22.77 -28.59 -29.72
C MET A 54 -23.85 -27.60 -30.20
N LEU A 55 -23.67 -26.31 -29.85
CA LEU A 55 -24.59 -25.21 -30.19
C LEU A 55 -23.86 -23.85 -30.10
N GLN A 56 -24.31 -22.87 -30.91
CA GLN A 56 -23.72 -21.51 -30.94
C GLN A 56 -24.67 -20.42 -30.36
N LEU A 57 -25.66 -20.83 -29.54
CA LEU A 57 -26.63 -19.93 -28.90
C LEU A 57 -26.15 -19.37 -27.54
N THR A 58 -24.83 -19.46 -27.28
CA THR A 58 -24.17 -18.99 -26.05
C THR A 58 -24.17 -17.45 -25.95
N VAL A 59 -23.76 -16.91 -24.79
CA VAL A 59 -23.69 -15.47 -24.49
C VAL A 59 -22.78 -14.71 -25.51
N TRP A 60 -21.73 -15.38 -26.05
CA TRP A 60 -20.82 -14.77 -27.04
C TRP A 60 -21.40 -14.73 -28.45
N GLY A 61 -22.29 -15.67 -28.76
CA GLY A 61 -22.97 -15.76 -30.05
C GLY A 61 -24.00 -14.66 -30.26
N ILE A 62 -24.78 -14.37 -29.21
CA ILE A 62 -25.83 -13.33 -29.18
C ILE A 62 -25.19 -11.94 -29.24
N LYS A 63 -24.13 -11.71 -28.43
CA LYS A 63 -23.39 -10.45 -28.33
C LYS A 63 -22.70 -10.03 -29.63
N GLN A 64 -22.19 -11.02 -30.40
CA GLN A 64 -21.48 -10.76 -31.67
C GLN A 64 -22.44 -10.36 -32.81
N LEU A 65 -23.63 -10.99 -32.88
CA LEU A 65 -24.62 -10.70 -33.92
C LEU A 65 -25.39 -9.40 -33.68
N GLN A 66 -25.62 -9.03 -32.40
CA GLN A 66 -26.30 -7.79 -32.03
C GLN A 66 -25.37 -6.60 -32.33
N ALA A 67 -24.05 -6.80 -32.13
CA ALA A 67 -23.00 -5.81 -32.39
C ALA A 67 -22.81 -5.62 -33.90
N ARG A 68 -23.06 -6.68 -34.69
CA ARG A 68 -22.96 -6.71 -36.15
C ARG A 68 -24.01 -5.77 -36.78
N VAL A 69 -25.21 -5.73 -36.17
CA VAL A 69 -26.34 -4.88 -36.58
C VAL A 69 -25.99 -3.40 -36.37
N LEU A 70 -25.41 -3.07 -35.20
CA LEU A 70 -24.97 -1.72 -34.84
C LEU A 70 -23.74 -1.29 -35.64
N ALA A 71 -22.96 -2.28 -36.15
CA ALA A 71 -21.75 -2.07 -36.95
C ALA A 71 -22.08 -1.50 -38.33
N VAL A 72 -23.04 -2.11 -39.03
CA VAL A 72 -23.49 -1.68 -40.36
C VAL A 72 -24.32 -0.39 -40.28
N GLU A 73 -25.14 -0.24 -39.22
CA GLU A 73 -26.01 0.91 -38.95
C GLU A 73 -25.23 2.24 -38.97
N ARG A 74 -24.04 2.27 -38.36
CA ARG A 74 -23.18 3.46 -38.31
C ARG A 74 -22.53 3.76 -39.66
N TYR A 75 -22.30 2.72 -40.48
CA TYR A 75 -21.71 2.86 -41.81
C TYR A 75 -22.75 3.31 -42.83
N LEU A 76 -23.89 2.59 -42.90
CA LEU A 76 -24.99 2.82 -43.83
C LEU A 76 -25.66 4.19 -43.71
N ARG A 77 -25.73 4.75 -42.48
CA ARG A 77 -26.31 6.08 -42.20
C ARG A 77 -25.56 7.15 -43.01
N ASP A 78 -24.21 7.12 -42.99
CA ASP A 78 -23.36 8.05 -43.73
C ASP A 78 -23.19 7.62 -45.20
N GLN A 79 -23.23 6.29 -45.48
CA GLN A 79 -23.11 5.72 -46.82
C GLN A 79 -24.28 6.15 -47.71
N GLN A 80 -25.49 6.23 -47.15
CA GLN A 80 -26.69 6.67 -47.86
C GLN A 80 -26.58 8.15 -48.24
N LEU A 81 -26.01 8.98 -47.34
CA LEU A 81 -25.82 10.42 -47.53
C LEU A 81 -24.88 10.75 -48.70
N LEU A 82 -23.74 10.04 -48.79
CA LEU A 82 -22.76 10.20 -49.88
C LEU A 82 -23.38 9.79 -51.21
N GLY A 83 -24.27 8.79 -51.17
CA GLY A 83 -25.00 8.27 -52.33
C GLY A 83 -26.00 9.27 -52.88
N ILE A 84 -26.55 10.13 -51.99
CA ILE A 84 -27.53 11.17 -52.36
C ILE A 84 -26.87 12.56 -52.40
N TRP A 85 -25.55 12.61 -52.72
CA TRP A 85 -24.75 13.83 -52.84
C TRP A 85 -23.79 13.79 -54.04
N GLY A 86 -23.70 12.64 -54.70
CA GLY A 86 -22.80 12.42 -55.84
C GLY A 86 -21.37 12.25 -55.39
N CYS A 87 -21.16 12.06 -54.08
CA CYS A 87 -19.87 11.89 -53.40
C CYS A 87 -19.61 10.42 -53.06
N SER A 88 -20.51 9.51 -53.50
CA SER A 88 -20.44 8.07 -53.26
C SER A 88 -19.21 7.41 -53.88
N GLY A 89 -18.83 7.89 -55.07
CA GLY A 89 -17.70 7.36 -55.83
C GLY A 89 -16.32 7.56 -55.23
N LYS A 90 -16.18 8.46 -54.24
CA LYS A 90 -14.87 8.74 -53.62
C LYS A 90 -14.95 9.14 -52.13
N ILE A 91 -13.78 9.27 -51.48
CA ILE A 91 -13.63 9.67 -50.09
C ILE A 91 -13.93 11.16 -49.91
N ILE A 92 -13.29 11.99 -50.76
CA ILE A 92 -13.41 13.45 -50.74
C ILE A 92 -13.97 13.93 -52.08
N CYS A 93 -15.15 14.56 -52.02
CA CYS A 93 -15.83 15.12 -53.19
C CYS A 93 -16.59 16.37 -52.78
N CYS A 94 -16.36 17.47 -53.50
CA CYS A 94 -17.00 18.76 -53.24
C CYS A 94 -18.44 18.81 -53.76
N THR A 95 -19.18 19.85 -53.35
CA THR A 95 -20.57 20.08 -53.73
C THR A 95 -20.79 21.52 -54.23
N ASN A 96 -21.96 21.76 -54.86
CA ASN A 96 -22.35 23.07 -55.39
C ASN A 96 -23.22 23.81 -54.34
N VAL A 97 -22.78 23.78 -53.07
CA VAL A 97 -23.49 24.41 -51.95
C VAL A 97 -22.64 25.55 -51.36
N PRO A 98 -23.15 26.81 -51.35
CA PRO A 98 -22.37 27.90 -50.77
C PRO A 98 -22.39 27.89 -49.24
N TRP A 99 -21.33 28.39 -48.62
CA TRP A 99 -21.21 28.43 -47.16
C TRP A 99 -21.78 29.75 -46.63
N ASN A 100 -22.85 29.65 -45.81
CA ASN A 100 -23.47 30.81 -45.17
C ASN A 100 -22.49 31.24 -44.08
N ASP A 101 -21.94 32.45 -44.21
CA ASP A 101 -20.94 33.00 -43.29
C ASP A 101 -21.38 32.96 -41.82
N SER A 102 -22.70 33.06 -41.55
CA SER A 102 -23.29 33.01 -40.21
C SER A 102 -22.97 31.72 -39.42
N TRP A 103 -22.70 30.60 -40.12
CA TRP A 103 -22.36 29.32 -39.49
C TRP A 103 -20.96 29.37 -38.86
N SER A 104 -19.92 29.70 -39.65
CA SER A 104 -18.54 29.82 -39.21
C SER A 104 -17.88 31.05 -39.82
N ASN A 105 -17.18 31.83 -38.99
CA ASN A 105 -16.48 33.03 -39.45
C ASN A 105 -14.94 32.94 -39.59
N LYS A 106 -14.36 31.75 -39.45
CA LYS A 106 -12.91 31.57 -39.52
C LYS A 106 -12.42 31.29 -40.95
N THR A 107 -11.19 31.68 -41.22
CA THR A 107 -10.57 31.52 -42.55
C THR A 107 -10.40 30.07 -42.96
N ILE A 108 -10.61 29.79 -44.25
CA ILE A 108 -10.44 28.43 -44.75
C ILE A 108 -9.11 27.79 -44.32
N ASN A 109 -7.97 28.40 -44.66
CA ASN A 109 -6.63 27.91 -44.33
C ASN A 109 -6.35 27.87 -42.81
N GLU A 110 -7.02 28.72 -42.03
CA GLU A 110 -6.82 28.80 -40.55
C GLU A 110 -7.19 27.60 -39.63
N ILE A 111 -8.39 27.04 -39.80
CA ILE A 111 -8.81 25.81 -39.11
C ILE A 111 -8.04 24.54 -39.54
N TRP A 112 -7.51 24.52 -40.78
CA TRP A 112 -6.79 23.38 -41.36
C TRP A 112 -5.41 23.11 -40.72
N ASP A 113 -4.78 24.13 -40.11
CA ASP A 113 -3.48 23.98 -39.44
C ASP A 113 -3.55 24.42 -37.96
N ASN A 114 -4.76 24.76 -37.53
CA ASN A 114 -4.97 25.22 -36.17
C ASN A 114 -6.07 24.54 -35.36
N MET A 115 -7.31 24.64 -35.82
CA MET A 115 -8.45 24.12 -35.07
C MET A 115 -8.51 22.59 -34.98
N THR A 116 -8.23 21.87 -36.11
CA THR A 116 -8.26 20.40 -36.24
C THR A 116 -9.71 19.89 -36.27
N TRP A 117 -9.96 18.80 -37.03
CA TRP A 117 -11.27 18.15 -37.17
C TRP A 117 -11.98 17.91 -35.83
N MET A 118 -11.21 17.59 -34.77
CA MET A 118 -11.68 17.29 -33.42
C MET A 118 -12.61 18.37 -32.86
N GLN A 119 -12.13 19.62 -32.79
CA GLN A 119 -12.90 20.76 -32.32
C GLN A 119 -13.92 21.20 -33.36
N TRP A 120 -13.55 21.08 -34.66
CA TRP A 120 -14.38 21.47 -35.79
C TRP A 120 -15.73 20.76 -35.86
N GLU A 121 -15.78 19.46 -35.50
CA GLU A 121 -17.03 18.70 -35.48
C GLU A 121 -17.96 19.25 -34.39
N LYS A 122 -17.37 19.71 -33.27
CA LYS A 122 -18.10 20.31 -32.14
C LYS A 122 -18.65 21.70 -32.48
N GLU A 123 -18.21 22.29 -33.61
CA GLU A 123 -18.64 23.60 -34.10
C GLU A 123 -19.82 23.50 -35.08
N ILE A 124 -19.78 22.49 -36.00
CA ILE A 124 -20.81 22.27 -37.03
C ILE A 124 -21.97 21.41 -36.53
N ASP A 125 -21.72 20.60 -35.53
CA ASP A 125 -22.67 19.58 -35.14
C ASP A 125 -24.00 20.24 -34.99
N ASN A 126 -23.99 21.48 -34.55
CA ASN A 126 -25.28 22.12 -34.36
C ASN A 126 -25.98 22.30 -35.70
N TYR A 127 -25.42 23.01 -36.65
CA TYR A 127 -26.22 23.24 -37.85
C TYR A 127 -26.10 22.11 -38.85
N THR A 128 -25.49 21.03 -38.38
CA THR A 128 -25.15 19.89 -39.24
C THR A 128 -26.38 19.34 -39.99
N GLN A 129 -27.56 19.24 -39.32
CA GLN A 129 -28.80 18.74 -39.93
C GLN A 129 -29.35 19.72 -40.98
N HIS A 130 -29.20 21.04 -40.74
CA HIS A 130 -29.63 22.11 -41.65
C HIS A 130 -28.69 22.14 -42.85
N ILE A 131 -27.41 21.78 -42.64
CA ILE A 131 -26.37 21.69 -43.67
C ILE A 131 -26.71 20.50 -44.58
N TYR A 132 -27.04 19.32 -43.98
CA TYR A 132 -27.42 18.11 -44.71
C TYR A 132 -28.67 18.33 -45.56
N THR A 133 -29.64 19.11 -45.03
CA THR A 133 -30.90 19.47 -45.70
C THR A 133 -30.59 20.29 -46.97
N LEU A 134 -29.68 21.28 -46.87
CA LEU A 134 -29.28 22.15 -47.97
C LEU A 134 -28.39 21.43 -49.00
N LEU A 135 -27.57 20.46 -48.54
CA LEU A 135 -26.66 19.66 -49.37
C LEU A 135 -27.39 18.76 -50.35
N GLU A 136 -28.58 18.28 -49.95
CA GLU A 136 -29.46 17.42 -50.76
C GLU A 136 -30.03 18.16 -51.97
N VAL A 137 -30.56 19.38 -51.80
CA VAL A 137 -31.17 20.17 -52.92
C VAL A 137 -30.35 20.89 -54.04
N SER A 138 -29.37 21.72 -53.69
CA SER A 138 -28.44 22.36 -54.63
C SER A 138 -27.56 21.41 -55.46
N GLN A 139 -27.12 20.28 -54.86
CA GLN A 139 -26.25 19.31 -55.51
C GLN A 139 -26.99 18.11 -56.15
N ILE A 140 -28.22 17.79 -55.67
CA ILE A 140 -28.95 16.64 -56.19
C ILE A 140 -30.40 17.00 -56.62
N GLN A 141 -31.24 17.55 -55.72
CA GLN A 141 -32.63 17.92 -56.02
C GLN A 141 -32.76 19.08 -57.04
N GLN A 142 -31.66 19.79 -57.32
CA GLN A 142 -31.62 20.89 -58.28
C GLN A 142 -30.71 20.54 -59.45
N GLU A 143 -29.45 20.15 -59.15
CA GLU A 143 -28.42 19.81 -60.14
C GLU A 143 -28.78 18.57 -60.97
N LYS A 144 -29.13 17.44 -60.31
CA LYS A 144 -29.49 16.20 -61.01
C LYS A 144 -30.89 16.26 -61.64
N ASN A 145 -31.76 17.14 -61.12
CA ASN A 145 -33.12 17.33 -61.65
C ASN A 145 -33.13 18.26 -62.86
N GLU A 146 -32.04 19.05 -63.04
CA GLU A 146 -31.85 19.94 -64.18
C GLU A 146 -31.46 19.10 -65.41
N GLN A 147 -30.77 17.96 -65.16
CA GLN A 147 -30.31 17.00 -66.17
C GLN A 147 -31.45 16.44 -67.02
N GLU A 148 -32.62 16.14 -66.40
CA GLU A 148 -33.82 15.61 -67.08
C GLU A 148 -34.10 16.30 -68.42
N LEU A 149 -33.93 17.63 -68.47
CA LEU A 149 -34.13 18.45 -69.66
C LEU A 149 -32.81 18.72 -70.42
N LEU A 150 -31.69 18.88 -69.67
CA LEU A 150 -30.36 19.21 -70.20
C LEU A 150 -29.59 18.05 -70.86
N GLU A 151 -29.93 16.78 -70.53
CA GLU A 151 -29.26 15.59 -71.05
C GLU A 151 -29.33 15.45 -72.57
N LEU A 152 -30.49 15.79 -73.18
CA LEU A 152 -30.67 15.71 -74.62
C LEU A 152 -31.02 17.08 -75.22
N ASP A 153 -30.07 17.64 -75.97
CA ASP A 153 -30.18 18.94 -76.65
C ASP A 153 -29.21 19.02 -77.82
N GLU B 1 -9.04 33.68 -28.46
CA GLU B 1 -8.30 34.60 -27.61
C GLU B 1 -7.90 33.95 -26.28
N GLY B 2 -6.59 33.85 -26.05
CA GLY B 2 -6.00 33.27 -24.85
C GLY B 2 -5.22 34.28 -24.03
N GLN B 3 -5.30 34.16 -22.69
CA GLN B 3 -4.61 35.06 -21.76
C GLN B 3 -3.30 34.47 -21.22
N LEU B 4 -2.21 35.27 -21.32
CA LEU B 4 -0.87 34.90 -20.85
C LEU B 4 -0.52 35.62 -19.54
N VAL B 5 0.18 34.93 -18.63
CA VAL B 5 0.59 35.47 -17.33
C VAL B 5 2.13 35.65 -17.31
N GLN B 6 2.61 36.90 -17.48
CA GLN B 6 4.04 37.22 -17.52
C GLN B 6 4.55 37.72 -16.16
N SER B 7 5.50 36.95 -15.56
CA SER B 7 6.15 37.27 -14.28
C SER B 7 7.08 38.47 -14.47
N GLY B 8 6.86 39.53 -13.70
CA GLY B 8 7.64 40.76 -13.83
C GLY B 8 8.38 41.30 -12.62
N ALA B 9 8.96 42.51 -12.82
CA ALA B 9 9.74 43.35 -11.90
C ALA B 9 11.06 42.71 -11.38
N GLU B 10 11.63 41.75 -12.15
CA GLU B 10 12.91 41.13 -11.82
C GLU B 10 14.04 41.78 -12.61
N LEU B 11 15.14 42.15 -11.93
CA LEU B 11 16.33 42.81 -12.50
C LEU B 11 17.56 42.75 -11.58
N LYS B 12 18.77 42.86 -12.16
CA LYS B 12 20.04 42.82 -11.42
C LYS B 12 21.21 43.53 -12.15
N LYS B 13 22.37 43.59 -11.46
CA LYS B 13 23.62 44.22 -11.91
C LYS B 13 24.25 43.51 -13.14
N PRO B 14 25.10 44.19 -13.96
CA PRO B 14 25.68 43.52 -15.15
C PRO B 14 26.59 42.34 -14.85
N GLY B 15 26.59 41.37 -15.76
CA GLY B 15 27.37 40.14 -15.64
C GLY B 15 26.61 38.99 -15.02
N ALA B 16 25.67 39.30 -14.11
CA ALA B 16 24.82 38.36 -13.38
C ALA B 16 23.80 37.63 -14.29
N SER B 17 23.29 36.47 -13.82
CA SER B 17 22.32 35.64 -14.54
C SER B 17 20.85 36.00 -14.23
N VAL B 18 20.09 36.42 -15.27
CA VAL B 18 18.68 36.82 -15.17
C VAL B 18 17.75 35.66 -15.56
N LYS B 19 16.72 35.39 -14.72
CA LYS B 19 15.72 34.35 -14.95
C LYS B 19 14.32 34.99 -15.10
N ILE B 20 13.73 34.87 -16.31
CA ILE B 20 12.40 35.41 -16.62
C ILE B 20 11.44 34.26 -16.95
N SER B 21 10.27 34.25 -16.27
CA SER B 21 9.24 33.21 -16.43
C SER B 21 7.92 33.75 -16.98
N CYS B 22 7.06 32.83 -17.48
CA CYS B 22 5.74 33.11 -18.04
C CYS B 22 4.84 31.87 -17.96
N LYS B 23 3.65 32.03 -17.36
CA LYS B 23 2.65 30.98 -17.20
C LYS B 23 1.63 31.08 -18.35
N THR B 24 1.37 29.95 -19.02
CA THR B 24 0.43 29.87 -20.15
C THR B 24 -0.91 29.32 -19.67
N SER B 25 -2.03 29.99 -20.03
CA SER B 25 -3.36 29.58 -19.58
C SER B 25 -4.45 29.71 -20.65
N GLY B 26 -5.40 28.78 -20.61
CA GLY B 26 -6.57 28.75 -21.47
C GLY B 26 -6.37 28.39 -22.93
N TYR B 27 -5.40 27.50 -23.24
CA TYR B 27 -5.10 27.03 -24.60
C TYR B 27 -4.21 25.78 -24.63
N ARG B 28 -4.15 25.09 -25.80
CA ARG B 28 -3.32 23.90 -26.01
C ARG B 28 -1.85 24.32 -26.14
N PHE B 29 -1.14 24.36 -25.00
CA PHE B 29 0.27 24.75 -24.88
C PHE B 29 1.23 23.85 -25.67
N ASN B 30 0.86 22.57 -25.86
CA ASN B 30 1.67 21.57 -26.55
C ASN B 30 2.01 21.91 -28.02
N PHE B 31 1.00 21.94 -28.93
CA PHE B 31 1.24 22.20 -30.35
C PHE B 31 1.46 23.70 -30.70
N TYR B 32 1.18 24.62 -29.75
CA TYR B 32 1.38 26.06 -29.94
C TYR B 32 2.81 26.46 -29.56
N HIS B 33 3.57 26.99 -30.53
CA HIS B 33 4.96 27.42 -30.36
C HIS B 33 5.11 28.66 -29.46
N ILE B 34 6.33 28.90 -28.92
CA ILE B 34 6.62 30.03 -28.05
C ILE B 34 7.77 30.89 -28.61
N ASN B 35 7.53 32.20 -28.77
CA ASN B 35 8.50 33.17 -29.29
C ASN B 35 8.90 34.17 -28.20
N TRP B 36 10.20 34.55 -28.16
CA TRP B 36 10.75 35.51 -27.19
C TRP B 36 11.45 36.67 -27.89
N ILE B 37 11.13 37.91 -27.49
CA ILE B 37 11.67 39.15 -28.06
C ILE B 37 11.94 40.23 -27.01
N ARG B 38 12.89 41.15 -27.30
CA ARG B 38 13.26 42.29 -26.46
C ARG B 38 13.42 43.57 -27.29
N GLN B 39 13.25 44.74 -26.65
CA GLN B 39 13.39 46.04 -27.32
C GLN B 39 14.31 46.96 -26.52
N THR B 40 15.33 47.51 -27.20
CA THR B 40 16.32 48.43 -26.63
C THR B 40 15.77 49.85 -26.51
N ALA B 41 16.55 50.77 -25.90
CA ALA B 41 16.18 52.19 -25.73
C ALA B 41 16.21 52.97 -27.06
N GLY B 42 16.93 52.44 -28.05
CA GLY B 42 17.07 53.03 -29.37
C GLY B 42 15.98 52.65 -30.36
N ARG B 43 14.81 52.21 -29.86
CA ARG B 43 13.60 51.80 -30.59
C ARG B 43 13.84 50.70 -31.65
N GLY B 44 14.88 49.89 -31.44
CA GLY B 44 15.23 48.78 -32.31
C GLY B 44 14.98 47.45 -31.63
N PRO B 45 13.82 46.79 -31.87
CA PRO B 45 13.55 45.50 -31.21
C PRO B 45 14.34 44.35 -31.83
N GLU B 46 15.12 43.67 -30.99
CA GLU B 46 15.96 42.54 -31.39
C GLU B 46 15.23 41.24 -31.12
N TRP B 47 15.00 40.45 -32.18
CA TRP B 47 14.34 39.15 -32.05
C TRP B 47 15.33 38.18 -31.42
N MET B 48 15.03 37.71 -30.20
CA MET B 48 15.90 36.83 -29.43
C MET B 48 15.91 35.38 -29.94
N GLY B 49 14.80 34.67 -29.80
CA GLY B 49 14.71 33.28 -30.23
C GLY B 49 13.32 32.67 -30.26
N TRP B 50 13.20 31.54 -30.97
CA TRP B 50 11.99 30.74 -31.16
C TRP B 50 12.18 29.37 -30.50
N ILE B 51 11.16 28.89 -29.75
CA ILE B 51 11.19 27.61 -29.06
C ILE B 51 9.86 26.82 -29.21
N SER B 52 9.96 25.49 -29.30
CA SER B 52 8.81 24.60 -29.44
C SER B 52 8.57 23.77 -28.17
N PRO B 53 7.33 23.75 -27.61
CA PRO B 53 7.10 22.99 -26.37
C PRO B 53 6.74 21.50 -26.56
N TYR B 54 6.51 21.05 -27.81
CA TYR B 54 6.17 19.66 -28.12
C TYR B 54 7.39 18.87 -28.60
N SER B 55 8.25 19.52 -29.39
CA SER B 55 9.48 18.96 -29.94
C SER B 55 10.67 19.84 -29.51
N GLY B 56 11.88 19.28 -29.58
CA GLY B 56 13.09 20.00 -29.18
C GLY B 56 13.67 20.99 -30.17
N ASP B 57 12.89 21.38 -31.20
CA ASP B 57 13.34 22.33 -32.22
C ASP B 57 13.44 23.76 -31.68
N LYS B 58 14.49 24.48 -32.11
CA LYS B 58 14.77 25.85 -31.69
C LYS B 58 15.53 26.64 -32.77
N ASN B 59 15.27 27.95 -32.83
CA ASN B 59 15.93 28.87 -33.76
C ASN B 59 16.32 30.11 -32.96
N LEU B 60 17.63 30.36 -32.82
CA LEU B 60 18.13 31.50 -32.03
C LEU B 60 19.12 32.38 -32.78
N ALA B 61 19.11 33.70 -32.45
CA ALA B 61 19.98 34.72 -33.03
C ALA B 61 21.45 34.54 -32.58
N PRO B 62 22.46 34.84 -33.43
CA PRO B 62 23.87 34.65 -33.01
C PRO B 62 24.33 35.51 -31.84
N ALA B 63 23.71 36.70 -31.66
CA ALA B 63 24.01 37.63 -30.56
C ALA B 63 23.45 37.10 -29.22
N PHE B 64 22.55 36.11 -29.28
CA PHE B 64 21.90 35.49 -28.13
C PHE B 64 22.04 33.95 -28.21
N GLN B 65 23.28 33.46 -28.24
CA GLN B 65 23.59 32.03 -28.33
C GLN B 65 24.24 31.50 -27.05
N ASP B 66 25.46 31.99 -26.74
CA ASP B 66 26.22 31.59 -25.55
C ASP B 66 25.63 32.21 -24.29
N ARG B 67 25.04 33.41 -24.43
CA ARG B 67 24.43 34.18 -23.34
C ARG B 67 23.04 33.66 -22.98
N VAL B 68 22.17 33.43 -23.99
CA VAL B 68 20.79 32.99 -23.79
C VAL B 68 20.59 31.50 -24.06
N ILE B 69 20.03 30.79 -23.06
CA ILE B 69 19.69 29.37 -23.07
C ILE B 69 18.28 29.25 -22.45
N MET B 70 17.30 28.75 -23.22
CA MET B 70 15.90 28.61 -22.80
C MET B 70 15.51 27.17 -22.44
N THR B 71 14.39 27.02 -21.68
CA THR B 71 13.84 25.73 -21.25
C THR B 71 12.30 25.76 -21.15
N THR B 72 11.64 24.59 -21.35
CA THR B 72 10.19 24.43 -21.29
C THR B 72 9.78 23.14 -20.55
N ASP B 73 8.56 23.15 -19.96
CA ASP B 73 8.02 22.01 -19.22
C ASP B 73 6.83 21.32 -19.92
N THR B 74 6.37 20.19 -19.36
CA THR B 74 5.26 19.39 -19.88
C THR B 74 3.90 20.08 -19.61
N GLU B 75 2.96 19.93 -20.57
CA GLU B 75 1.61 20.49 -20.49
C GLU B 75 0.75 19.82 -19.42
N VAL B 76 -0.06 20.61 -18.70
CA VAL B 76 -0.98 20.14 -17.66
C VAL B 76 -2.40 20.26 -18.22
N PRO B 77 -3.01 19.15 -18.71
CA PRO B 77 -4.36 19.26 -19.31
C PRO B 77 -5.49 19.57 -18.34
N VAL B 78 -6.37 20.51 -18.73
CA VAL B 78 -7.55 20.94 -17.97
C VAL B 78 -8.77 20.23 -18.58
N THR B 79 -8.93 20.34 -19.93
CA THR B 79 -9.99 19.70 -20.71
C THR B 79 -9.32 18.85 -21.82
N SER B 80 -10.11 18.40 -22.82
CA SER B 80 -9.61 17.61 -23.95
C SER B 80 -8.77 18.44 -24.93
N PHE B 81 -8.78 19.79 -24.76
CA PHE B 81 -8.04 20.74 -25.59
C PHE B 81 -7.17 21.68 -24.77
N THR B 82 -7.76 22.36 -23.75
CA THR B 82 -7.05 23.33 -22.91
C THR B 82 -5.98 22.69 -22.02
N SER B 83 -4.85 23.39 -21.85
CA SER B 83 -3.72 22.94 -21.04
C SER B 83 -2.96 24.11 -20.37
N THR B 84 -2.08 23.79 -19.40
CA THR B 84 -1.30 24.78 -18.66
C THR B 84 0.19 24.39 -18.62
N GLY B 85 1.04 25.32 -19.05
CA GLY B 85 2.49 25.14 -19.08
C GLY B 85 3.25 26.41 -18.78
N ALA B 86 4.59 26.33 -18.72
CA ALA B 86 5.45 27.48 -18.45
C ALA B 86 6.79 27.42 -19.17
N ALA B 87 7.32 28.60 -19.55
CA ALA B 87 8.60 28.74 -20.24
C ALA B 87 9.54 29.66 -19.45
N TYR B 88 10.81 29.25 -19.30
CA TYR B 88 11.83 29.99 -18.58
C TYR B 88 12.93 30.48 -19.53
N MET B 89 13.48 31.67 -19.26
CA MET B 89 14.55 32.27 -20.07
C MET B 89 15.73 32.68 -19.19
N GLU B 90 16.92 32.13 -19.48
CA GLU B 90 18.15 32.43 -18.75
C GLU B 90 19.14 33.17 -19.64
N ILE B 91 19.57 34.36 -19.19
CA ILE B 91 20.54 35.22 -19.91
C ILE B 91 21.77 35.41 -19.00
N ARG B 92 22.98 35.21 -19.55
CA ARG B 92 24.25 35.36 -18.84
C ARG B 92 25.12 36.45 -19.46
N ASN B 93 25.91 37.16 -18.61
CA ASN B 93 26.82 38.25 -18.99
C ASN B 93 26.08 39.39 -19.71
N LEU B 94 25.16 40.04 -18.98
CA LEU B 94 24.34 41.14 -19.49
C LEU B 94 25.03 42.50 -19.46
N LYS B 95 24.62 43.41 -20.36
CA LYS B 95 25.14 44.76 -20.50
C LYS B 95 24.02 45.80 -20.37
N PHE B 96 24.37 47.10 -20.44
CA PHE B 96 23.42 48.21 -20.39
C PHE B 96 22.61 48.31 -21.71
N ASP B 97 23.08 47.64 -22.78
CA ASP B 97 22.39 47.56 -24.07
C ASP B 97 21.25 46.55 -23.99
N ASP B 98 21.35 45.58 -23.05
CA ASP B 98 20.35 44.55 -22.78
C ASP B 98 19.17 45.11 -21.97
N THR B 99 19.32 46.35 -21.45
CA THR B 99 18.29 47.05 -20.67
C THR B 99 17.13 47.42 -21.59
N GLY B 100 15.93 46.99 -21.22
CA GLY B 100 14.70 47.22 -21.97
C GLY B 100 13.56 46.32 -21.58
N THR B 101 12.47 46.36 -22.37
CA THR B 101 11.27 45.56 -22.14
C THR B 101 11.36 44.20 -22.84
N TYR B 102 11.09 43.13 -22.09
CA TYR B 102 11.13 41.74 -22.57
C TYR B 102 9.72 41.17 -22.62
N PHE B 103 9.31 40.65 -23.79
CA PHE B 103 7.97 40.10 -24.01
C PHE B 103 7.95 38.63 -24.38
N CYS B 104 6.86 37.93 -23.98
CA CYS B 104 6.60 36.52 -24.29
C CYS B 104 5.39 36.46 -25.24
N ALA B 105 5.48 35.64 -26.29
CA ALA B 105 4.41 35.55 -27.29
C ALA B 105 3.92 34.13 -27.59
N LYS B 106 2.60 34.00 -27.77
CA LYS B 106 1.87 32.77 -28.08
C LYS B 106 1.92 32.55 -29.61
N GLY B 107 2.14 31.31 -30.03
CA GLY B 107 2.22 30.92 -31.44
C GLY B 107 0.92 31.02 -32.23
N LEU B 108 0.99 30.72 -33.54
CA LEU B 108 -0.18 30.78 -34.42
C LEU B 108 -0.78 29.40 -34.77
N LEU B 109 -0.08 28.59 -35.60
CA LEU B 109 -0.55 27.27 -36.01
C LEU B 109 0.48 26.19 -35.68
N SER B 114 4.30 28.82 -42.49
CA SER B 114 3.80 30.07 -41.93
C SER B 114 3.08 29.84 -40.60
N THR B 115 3.80 29.33 -39.59
CA THR B 115 3.26 29.05 -38.25
C THR B 115 4.20 29.60 -37.17
N TRP B 116 5.52 29.64 -37.50
CA TRP B 116 6.65 30.11 -36.70
C TRP B 116 6.38 31.47 -36.01
N LEU B 117 5.48 32.29 -36.61
CA LEU B 117 5.08 33.64 -36.16
C LEU B 117 4.17 33.68 -34.90
N PRO B 118 4.17 34.78 -34.12
CA PRO B 118 3.30 34.85 -32.93
C PRO B 118 1.83 35.19 -33.24
N TYR B 119 1.02 35.45 -32.19
CA TYR B 119 -0.42 35.77 -32.29
C TYR B 119 -0.89 36.68 -31.14
N LEU B 120 -0.50 36.36 -29.88
CA LEU B 120 -0.84 37.15 -28.70
C LEU B 120 0.34 37.30 -27.74
N TRP B 121 0.48 38.50 -27.14
CA TRP B 121 1.57 38.88 -26.24
C TRP B 121 1.12 39.02 -24.78
N GLY B 122 2.10 39.07 -23.88
CA GLY B 122 1.89 39.26 -22.45
C GLY B 122 1.88 40.73 -22.04
N GLN B 123 1.89 40.98 -20.72
CA GLN B 123 1.86 42.33 -20.15
C GLN B 123 3.15 43.12 -20.38
N GLY B 124 4.29 42.50 -20.08
CA GLY B 124 5.60 43.11 -20.24
C GLY B 124 6.47 43.06 -19.00
N THR B 125 7.77 42.78 -19.19
CA THR B 125 8.76 42.70 -18.12
C THR B 125 9.89 43.70 -18.38
N LEU B 126 9.83 44.87 -17.72
CA LEU B 126 10.84 45.92 -17.87
C LEU B 126 12.10 45.59 -17.06
N LEU B 127 13.12 45.06 -17.76
CA LEU B 127 14.41 44.67 -17.17
C LEU B 127 15.39 45.83 -17.16
N THR B 128 15.89 46.18 -15.97
CA THR B 128 16.84 47.26 -15.76
C THR B 128 18.22 46.69 -15.38
N VAL B 129 19.13 46.60 -16.37
CA VAL B 129 20.49 46.07 -16.17
C VAL B 129 21.40 47.23 -15.74
N SER B 130 21.32 47.61 -14.45
CA SER B 130 22.09 48.69 -13.86
C SER B 130 22.83 48.26 -12.60
N SER B 131 24.03 48.80 -12.39
CA SER B 131 24.89 48.50 -11.23
C SER B 131 24.48 49.29 -9.97
N ALA B 132 23.66 50.34 -10.13
CA ALA B 132 23.18 51.21 -9.05
C ALA B 132 22.20 50.50 -8.10
N SER B 133 22.25 50.84 -6.79
CA SER B 133 21.43 50.27 -5.73
C SER B 133 19.94 50.62 -5.83
N THR B 134 19.08 49.75 -5.28
CA THR B 134 17.61 49.88 -5.28
C THR B 134 17.13 50.92 -4.26
N LYS B 135 16.17 51.78 -4.66
CA LYS B 135 15.57 52.80 -3.81
C LYS B 135 14.07 52.57 -3.66
N GLY B 136 13.58 52.68 -2.42
CA GLY B 136 12.17 52.49 -2.09
C GLY B 136 11.33 53.74 -2.27
N PRO B 137 10.17 53.61 -2.97
CA PRO B 137 9.30 54.79 -3.19
C PRO B 137 8.87 55.57 -1.94
N SER B 138 9.01 56.91 -2.01
CA SER B 138 8.63 57.83 -0.94
C SER B 138 7.21 58.31 -1.21
N VAL B 139 6.22 57.59 -0.66
CA VAL B 139 4.79 57.85 -0.84
C VAL B 139 4.33 59.04 0.02
N PHE B 140 3.69 60.04 -0.62
CA PHE B 140 3.15 61.23 0.03
C PHE B 140 1.74 61.56 -0.47
N PRO B 141 0.77 61.83 0.43
CA PRO B 141 -0.58 62.17 -0.05
C PRO B 141 -0.69 63.61 -0.51
N LEU B 142 -1.51 63.86 -1.54
CA LEU B 142 -1.72 65.20 -2.09
C LEU B 142 -2.97 65.86 -1.53
N ALA B 143 -2.87 67.18 -1.26
CA ALA B 143 -3.95 68.03 -0.74
C ALA B 143 -5.08 68.16 -1.79
N PRO B 144 -6.33 68.60 -1.44
CA PRO B 144 -7.38 68.73 -2.48
C PRO B 144 -6.99 69.59 -3.68
N SER B 145 -7.60 69.33 -4.84
CA SER B 145 -7.33 70.03 -6.11
C SER B 145 -7.83 71.47 -6.16
N SER B 146 -7.56 72.15 -7.29
CA SER B 146 -7.99 73.52 -7.57
C SER B 146 -9.12 73.48 -8.63
N LYS B 147 -10.15 72.65 -8.38
CA LYS B 147 -11.28 72.49 -9.30
C LYS B 147 -12.55 73.20 -8.80
N SER B 148 -13.54 72.46 -8.25
CA SER B 148 -14.81 73.01 -7.79
C SER B 148 -15.48 72.16 -6.70
N THR B 149 -16.65 72.63 -6.20
CA THR B 149 -17.49 71.96 -5.19
C THR B 149 -18.88 71.67 -5.79
N SER B 150 -19.14 72.16 -7.03
CA SER B 150 -20.38 71.99 -7.80
C SER B 150 -20.60 70.52 -8.13
N GLY B 151 -21.52 69.89 -7.40
CA GLY B 151 -21.84 68.48 -7.54
C GLY B 151 -21.01 67.60 -6.63
N GLY B 152 -19.73 67.95 -6.46
CA GLY B 152 -18.77 67.24 -5.64
C GLY B 152 -17.50 66.86 -6.36
N THR B 153 -17.68 66.52 -7.63
CA THR B 153 -16.55 66.07 -8.39
C THR B 153 -15.48 67.12 -8.30
N ALA B 154 -14.33 66.61 -7.89
CA ALA B 154 -13.08 67.34 -7.78
C ALA B 154 -11.93 66.33 -7.62
N ALA B 155 -10.74 66.66 -8.16
CA ALA B 155 -9.58 65.77 -8.10
C ALA B 155 -8.94 65.68 -6.71
N LEU B 156 -8.32 64.51 -6.41
CA LEU B 156 -7.61 64.17 -5.17
C LEU B 156 -6.82 62.88 -5.37
N GLY B 157 -5.57 62.86 -4.93
CA GLY B 157 -4.72 61.69 -5.10
C GLY B 157 -3.47 61.65 -4.25
N CYS B 158 -2.46 60.91 -4.73
CA CYS B 158 -1.17 60.72 -4.05
C CYS B 158 0.01 60.93 -4.99
N LEU B 159 1.20 61.21 -4.42
CA LEU B 159 2.44 61.45 -5.14
C LEU B 159 3.57 60.57 -4.62
N VAL B 160 4.31 59.94 -5.55
CA VAL B 160 5.47 59.08 -5.30
C VAL B 160 6.72 59.88 -5.67
N LYS B 161 7.51 60.28 -4.65
CA LYS B 161 8.68 61.13 -4.87
C LYS B 161 9.85 60.44 -5.60
N ASP B 162 10.64 59.59 -4.92
CA ASP B 162 11.79 58.96 -5.58
C ASP B 162 11.96 57.47 -5.29
N TYR B 163 12.40 56.72 -6.33
CA TYR B 163 12.63 55.28 -6.29
C TYR B 163 13.55 54.86 -7.44
N PHE B 164 14.09 53.63 -7.37
CA PHE B 164 14.94 53.09 -8.42
C PHE B 164 14.93 51.58 -8.43
N PRO B 165 14.44 50.91 -9.50
CA PRO B 165 14.13 51.09 -10.92
C PRO B 165 12.69 50.64 -11.19
N GLU B 166 12.14 51.04 -12.34
CA GLU B 166 10.76 50.73 -12.71
C GLU B 166 10.63 49.22 -13.14
N PRO B 167 9.43 48.57 -13.19
CA PRO B 167 8.07 49.12 -13.01
C PRO B 167 7.56 49.15 -11.56
N VAL B 168 6.58 50.01 -11.30
CA VAL B 168 5.93 50.16 -9.98
C VAL B 168 4.41 50.15 -10.18
N THR B 169 3.71 49.22 -9.50
CA THR B 169 2.26 49.07 -9.57
C THR B 169 1.60 49.83 -8.42
N VAL B 170 0.69 50.76 -8.75
CA VAL B 170 -0.05 51.58 -7.77
C VAL B 170 -1.56 51.50 -8.05
N SER B 171 -2.34 51.08 -7.03
CA SER B 171 -3.80 50.95 -7.10
C SER B 171 -4.46 51.71 -5.94
N TRP B 172 -5.80 51.76 -5.92
CA TRP B 172 -6.57 52.45 -4.88
C TRP B 172 -7.49 51.50 -4.12
N ASN B 173 -7.27 51.39 -2.79
CA ASN B 173 -7.99 50.54 -1.84
C ASN B 173 -7.94 49.04 -2.23
N SER B 174 -6.74 48.58 -2.69
CA SER B 174 -6.40 47.22 -3.11
C SER B 174 -7.39 46.61 -4.13
N GLY B 175 -7.27 47.05 -5.39
CA GLY B 175 -8.07 46.59 -6.52
C GLY B 175 -9.57 46.82 -6.40
N ALA B 176 -9.98 47.97 -5.83
CA ALA B 176 -11.39 48.34 -5.65
C ALA B 176 -11.77 49.56 -6.49
N LEU B 177 -10.97 50.64 -6.40
CA LEU B 177 -11.20 51.87 -7.16
C LEU B 177 -10.27 51.90 -8.37
N THR B 178 -10.81 51.56 -9.55
CA THR B 178 -10.07 51.50 -10.82
C THR B 178 -10.53 52.55 -11.83
N SER B 179 -11.85 52.87 -11.84
CA SER B 179 -12.45 53.85 -12.74
C SER B 179 -12.30 55.28 -12.20
N GLY B 180 -12.08 56.22 -13.12
CA GLY B 180 -11.88 57.64 -12.82
C GLY B 180 -10.53 57.94 -12.20
N VAL B 181 -9.54 57.07 -12.48
CA VAL B 181 -8.16 57.18 -11.97
C VAL B 181 -7.19 57.26 -13.16
N HIS B 182 -6.29 58.26 -13.14
CA HIS B 182 -5.28 58.44 -14.18
C HIS B 182 -3.89 58.13 -13.66
N THR B 183 -3.16 57.26 -14.38
CA THR B 183 -1.80 56.87 -14.04
C THR B 183 -0.84 57.82 -14.76
N PHE B 184 -0.14 58.66 -13.96
CA PHE B 184 0.81 59.65 -14.44
C PHE B 184 2.06 58.97 -15.03
N PRO B 185 2.63 59.47 -16.16
CA PRO B 185 3.81 58.81 -16.75
C PRO B 185 5.06 58.96 -15.89
N ALA B 186 5.55 57.82 -15.38
CA ALA B 186 6.73 57.75 -14.52
C ALA B 186 7.99 57.95 -15.37
N VAL B 187 8.73 59.05 -15.13
CA VAL B 187 9.94 59.42 -15.89
C VAL B 187 11.12 59.74 -14.93
N LEU B 188 12.35 59.40 -15.37
CA LEU B 188 13.65 59.60 -14.70
C LEU B 188 13.95 61.08 -14.45
N GLN B 189 14.64 61.37 -13.31
CA GLN B 189 15.06 62.72 -12.88
C GLN B 189 16.52 62.99 -13.28
N SER B 190 17.07 64.15 -12.85
CA SER B 190 18.45 64.57 -13.11
C SER B 190 19.46 63.68 -12.38
N SER B 191 19.08 63.18 -11.18
CA SER B 191 19.89 62.30 -10.33
C SER B 191 19.91 60.85 -10.85
N GLY B 192 18.93 60.49 -11.67
CA GLY B 192 18.79 59.16 -12.23
C GLY B 192 17.82 58.29 -11.45
N LEU B 193 16.72 58.90 -10.96
CA LEU B 193 15.67 58.23 -10.18
C LEU B 193 14.31 58.50 -10.80
N TYR B 194 13.42 57.49 -10.84
CA TYR B 194 12.08 57.63 -11.42
C TYR B 194 11.08 58.28 -10.45
N SER B 195 9.99 58.91 -10.99
CA SER B 195 8.98 59.62 -10.20
C SER B 195 7.57 59.54 -10.82
N LEU B 196 6.53 59.28 -10.00
CA LEU B 196 5.13 59.20 -10.47
C LEU B 196 4.10 59.77 -9.47
N SER B 197 2.81 59.83 -9.88
CA SER B 197 1.66 60.26 -9.08
C SER B 197 0.36 59.61 -9.57
N SER B 198 -0.76 59.84 -8.85
CA SER B 198 -2.07 59.30 -9.23
C SER B 198 -3.16 60.31 -8.89
N VAL B 199 -4.09 60.53 -9.84
CA VAL B 199 -5.18 61.50 -9.69
C VAL B 199 -6.54 60.79 -9.83
N VAL B 200 -7.43 60.96 -8.82
CA VAL B 200 -8.77 60.37 -8.78
C VAL B 200 -9.84 61.48 -8.73
N THR B 201 -10.81 61.44 -9.66
CA THR B 201 -11.91 62.40 -9.72
C THR B 201 -13.19 61.76 -9.16
N VAL B 202 -13.44 62.01 -7.86
CA VAL B 202 -14.58 61.47 -7.11
C VAL B 202 -15.52 62.58 -6.58
N PRO B 203 -16.86 62.33 -6.45
CA PRO B 203 -17.74 63.40 -5.94
C PRO B 203 -17.53 63.71 -4.47
N SER B 204 -16.70 64.73 -4.21
CA SER B 204 -16.34 65.19 -2.86
C SER B 204 -16.79 66.63 -2.65
N SER B 205 -18.02 66.81 -2.14
CA SER B 205 -18.60 68.13 -1.84
C SER B 205 -17.92 68.73 -0.61
N SER B 206 -17.59 67.86 0.37
CA SER B 206 -16.92 68.17 1.63
C SER B 206 -16.27 66.88 2.15
N LEU B 207 -15.03 66.97 2.67
CA LEU B 207 -14.25 65.83 3.18
C LEU B 207 -14.94 65.12 4.35
N GLY B 208 -15.42 63.90 4.10
CA GLY B 208 -16.12 63.08 5.07
C GLY B 208 -16.90 61.91 4.50
N THR B 209 -16.84 60.75 5.18
CA THR B 209 -17.49 59.47 4.86
C THR B 209 -17.16 59.01 3.41
N GLN B 210 -15.86 58.76 3.15
CA GLN B 210 -15.34 58.34 1.85
C GLN B 210 -13.98 57.64 2.01
N THR B 211 -13.62 56.77 1.04
CA THR B 211 -12.36 56.03 1.03
C THR B 211 -11.27 56.85 0.32
N TYR B 212 -10.16 57.13 1.03
CA TYR B 212 -9.02 57.91 0.52
C TYR B 212 -7.71 57.09 0.53
N ILE B 213 -7.77 55.84 1.01
CA ILE B 213 -6.61 54.93 1.12
C ILE B 213 -6.26 54.25 -0.22
N CYS B 214 -4.94 54.21 -0.54
CA CYS B 214 -4.38 53.61 -1.76
C CYS B 214 -3.53 52.36 -1.45
N ASN B 215 -2.83 51.81 -2.48
CA ASN B 215 -1.96 50.64 -2.38
C ASN B 215 -0.72 50.81 -3.28
N VAL B 216 0.48 50.67 -2.70
CA VAL B 216 1.77 50.81 -3.40
C VAL B 216 2.58 49.51 -3.25
N ASN B 217 3.09 48.94 -4.37
CA ASN B 217 3.86 47.69 -4.38
C ASN B 217 5.12 47.73 -5.25
N HIS B 218 6.15 46.97 -4.82
CA HIS B 218 7.46 46.84 -5.48
C HIS B 218 8.07 45.45 -5.22
N LYS B 219 8.95 44.97 -6.12
CA LYS B 219 9.62 43.67 -6.02
C LYS B 219 11.05 43.76 -5.43
N PRO B 220 11.99 44.64 -5.89
CA PRO B 220 13.34 44.63 -5.32
C PRO B 220 13.48 45.33 -3.95
N SER B 221 12.51 46.20 -3.71
CA SER B 221 12.28 46.94 -2.49
C SER B 221 10.81 46.57 -2.35
N ASN B 222 10.41 45.97 -1.24
CA ASN B 222 9.05 45.52 -1.13
C ASN B 222 8.46 46.65 -0.32
N THR B 223 7.44 47.30 -0.87
CA THR B 223 6.79 48.45 -0.22
C THR B 223 5.42 48.12 0.37
N LYS B 224 5.08 48.85 1.44
CA LYS B 224 3.83 48.73 2.20
C LYS B 224 3.20 50.11 2.47
N VAL B 225 3.99 51.19 2.28
CA VAL B 225 3.61 52.60 2.52
C VAL B 225 2.35 53.02 1.75
N ASP B 226 1.24 53.23 2.50
CA ASP B 226 -0.07 53.65 1.98
C ASP B 226 -0.58 54.83 2.81
N LYS B 227 -0.69 56.01 2.18
CA LYS B 227 -1.16 57.24 2.84
C LYS B 227 -2.42 57.81 2.19
N ARG B 228 -3.42 58.17 3.02
CA ARG B 228 -4.71 58.72 2.58
C ARG B 228 -4.71 60.25 2.39
N VAL B 229 -5.59 60.74 1.49
CA VAL B 229 -5.78 62.15 1.10
C VAL B 229 -5.96 63.07 2.33
N GLU B 230 -5.18 64.17 2.37
CA GLU B 230 -5.10 65.18 3.42
C GLU B 230 -6.44 65.85 3.78
N PRO B 231 -6.91 65.74 5.05
CA PRO B 231 -8.15 66.43 5.44
C PRO B 231 -7.93 67.93 5.63
N LYS B 232 -6.73 68.34 6.12
CA LYS B 232 -6.33 69.74 6.32
C LYS B 232 -6.01 70.33 4.93
N SER B 233 -7.06 70.81 4.24
CA SER B 233 -6.99 71.37 2.89
C SER B 233 -6.00 72.52 2.73
N CYS B 234 -5.18 72.46 1.67
CA CYS B 234 -4.16 73.45 1.33
C CYS B 234 -4.46 74.09 -0.04
N ASP B 235 -5.73 74.00 -0.51
CA ASP B 235 -6.18 74.54 -1.78
C ASP B 235 -7.60 75.13 -1.71
N LYS B 236 -7.84 76.15 -2.56
CA LYS B 236 -9.08 76.91 -2.72
C LYS B 236 -10.21 76.13 -3.44
N GLY B 237 -9.84 75.12 -4.23
CA GLY B 237 -10.76 74.29 -5.01
C GLY B 237 -11.85 73.61 -4.21
N LEU B 238 -11.46 73.02 -3.07
CA LEU B 238 -12.40 72.36 -2.15
C LEU B 238 -12.70 73.33 -1.00
N GLU B 239 -13.39 74.42 -1.35
CA GLU B 239 -13.81 75.52 -0.46
C GLU B 239 -14.97 76.27 -1.12
N VAL B 240 -14.72 76.90 -2.29
CA VAL B 240 -15.71 77.67 -3.06
C VAL B 240 -15.94 76.97 -4.41
N SER C 2 19.50 47.88 -37.61
CA SER C 2 18.34 47.38 -38.35
C SER C 2 18.55 47.54 -39.86
N VAL C 3 18.50 46.42 -40.61
CA VAL C 3 18.68 46.39 -42.06
C VAL C 3 17.36 46.66 -42.79
N LEU C 4 16.25 46.04 -42.32
CA LEU C 4 14.91 46.21 -42.88
C LEU C 4 14.41 47.58 -42.43
N THR C 5 14.18 48.49 -43.40
CA THR C 5 13.77 49.87 -43.10
C THR C 5 12.30 50.16 -43.38
N GLN C 6 11.73 51.07 -42.58
CA GLN C 6 10.35 51.54 -42.68
C GLN C 6 10.35 53.03 -43.08
N SER C 7 9.17 53.60 -43.38
CA SER C 7 9.03 55.01 -43.80
C SER C 7 9.39 56.04 -42.71
N ALA C 8 9.68 55.57 -41.47
CA ALA C 8 10.09 56.31 -40.25
C ALA C 8 9.04 57.28 -39.69
N SER C 9 8.41 58.10 -40.56
CA SER C 9 7.40 59.08 -40.17
C SER C 9 6.32 59.21 -41.26
N VAL C 10 5.10 58.73 -40.95
CA VAL C 10 3.94 58.76 -41.86
C VAL C 10 2.82 59.57 -41.20
N SER C 11 2.20 60.49 -41.96
CA SER C 11 1.11 61.31 -41.48
C SER C 11 -0.15 61.11 -42.31
N GLY C 12 -1.29 60.99 -41.63
CA GLY C 12 -2.59 60.79 -42.25
C GLY C 12 -3.70 61.55 -41.56
N SER C 13 -4.92 61.50 -42.15
CA SER C 13 -6.10 62.19 -41.63
C SER C 13 -7.28 61.21 -41.48
N LEU C 14 -8.18 61.49 -40.52
CA LEU C 14 -9.36 60.68 -40.22
C LEU C 14 -10.28 60.54 -41.43
N GLY C 15 -10.74 59.31 -41.68
CA GLY C 15 -11.62 58.98 -42.79
C GLY C 15 -10.94 59.02 -44.15
N GLN C 16 -9.59 59.00 -44.16
CA GLN C 16 -8.78 59.05 -45.38
C GLN C 16 -7.79 57.89 -45.43
N SER C 17 -7.49 57.41 -46.64
CA SER C 17 -6.56 56.31 -46.89
C SER C 17 -5.11 56.71 -46.64
N VAL C 18 -4.32 55.81 -46.05
CA VAL C 18 -2.89 56.02 -45.76
C VAL C 18 -2.08 54.78 -46.16
N THR C 19 -0.84 54.99 -46.63
CA THR C 19 0.04 53.90 -47.05
C THR C 19 1.44 54.05 -46.48
N ILE C 20 2.01 52.94 -45.96
CA ILE C 20 3.36 52.90 -45.39
C ILE C 20 4.27 52.08 -46.29
N SER C 21 5.34 52.70 -46.80
CA SER C 21 6.30 52.05 -47.68
C SER C 21 7.47 51.46 -46.90
N CYS C 22 7.51 50.12 -46.79
CA CYS C 22 8.57 49.39 -46.10
C CYS C 22 9.50 48.78 -47.15
N THR C 23 10.80 49.09 -47.08
CA THR C 23 11.77 48.56 -48.04
C THR C 23 12.97 47.94 -47.33
N GLY C 24 13.42 46.82 -47.87
CA GLY C 24 14.57 46.10 -47.34
C GLY C 24 15.68 45.91 -48.38
N PRO C 25 16.87 45.45 -47.94
CA PRO C 25 17.97 45.20 -48.89
C PRO C 25 17.67 43.95 -49.72
N ASN C 26 18.48 43.69 -50.77
CA ASN C 26 18.29 42.52 -51.64
C ASN C 26 18.62 41.16 -50.97
N SER C 27 19.02 41.18 -49.68
CA SER C 27 19.31 39.99 -48.87
C SER C 27 18.01 39.51 -48.21
N VAL C 28 17.41 40.38 -47.36
CA VAL C 28 16.13 40.12 -46.67
C VAL C 28 14.99 40.86 -47.39
N CYS C 29 15.00 40.78 -48.73
CA CYS C 29 14.03 41.39 -49.64
C CYS C 29 12.64 40.81 -49.50
N CYS C 30 11.62 41.62 -49.82
CA CYS C 30 10.21 41.25 -49.77
C CYS C 30 9.77 40.73 -51.14
N SER C 31 10.17 39.49 -51.44
CA SER C 31 9.87 38.80 -52.70
C SER C 31 9.56 37.33 -52.42
N HIS C 32 10.45 36.63 -51.69
CA HIS C 32 10.29 35.23 -51.30
C HIS C 32 9.74 35.11 -49.88
N LYS C 33 10.20 35.98 -48.96
CA LYS C 33 9.78 36.00 -47.56
C LYS C 33 8.38 36.58 -47.39
N SER C 34 7.57 35.95 -46.53
CA SER C 34 6.23 36.42 -46.20
C SER C 34 6.37 37.59 -45.25
N ILE C 35 5.55 38.64 -45.44
CA ILE C 35 5.65 39.84 -44.62
C ILE C 35 4.42 39.99 -43.70
N SER C 36 4.67 40.47 -42.47
CA SER C 36 3.64 40.70 -41.44
C SER C 36 3.79 42.09 -40.82
N TRP C 37 2.66 42.69 -40.40
CA TRP C 37 2.60 44.01 -39.77
C TRP C 37 2.06 43.92 -38.33
N TYR C 38 2.52 44.84 -37.46
CA TYR C 38 2.14 44.88 -36.05
C TYR C 38 1.83 46.29 -35.53
N GLN C 39 0.75 46.41 -34.73
CA GLN C 39 0.33 47.66 -34.08
C GLN C 39 0.92 47.57 -32.65
N TRP C 40 2.12 48.17 -32.45
CA TRP C 40 2.85 48.10 -31.19
C TRP C 40 2.91 49.44 -30.41
N PRO C 41 1.99 49.69 -29.45
CA PRO C 41 2.12 50.91 -28.63
C PRO C 41 3.18 50.70 -27.54
N PRO C 42 4.26 51.51 -27.49
CA PRO C 42 5.31 51.28 -26.47
C PRO C 42 4.80 51.24 -25.04
N GLY C 43 5.01 50.09 -24.40
CA GLY C 43 4.55 49.80 -23.05
C GLY C 43 3.42 48.79 -23.03
N ARG C 44 2.49 48.92 -24.00
CA ARG C 44 1.32 48.05 -24.18
C ARG C 44 1.66 46.77 -24.95
N ALA C 45 0.67 45.85 -25.05
CA ALA C 45 0.80 44.57 -25.76
C ALA C 45 0.58 44.76 -27.28
N PRO C 46 1.54 44.34 -28.13
CA PRO C 46 1.36 44.51 -29.59
C PRO C 46 0.28 43.58 -30.16
N THR C 47 -0.35 44.01 -31.26
CA THR C 47 -1.40 43.26 -31.93
C THR C 47 -1.02 42.93 -33.38
N LEU C 48 -1.17 41.65 -33.75
CA LEU C 48 -0.88 41.11 -35.08
C LEU C 48 -1.93 41.62 -36.06
N ILE C 49 -1.51 42.37 -37.09
CA ILE C 49 -2.40 42.95 -38.10
C ILE C 49 -2.47 42.04 -39.34
N ILE C 50 -1.31 41.71 -39.93
CA ILE C 50 -1.20 40.84 -41.10
C ILE C 50 -0.43 39.59 -40.66
N TYR C 51 -0.95 38.39 -40.97
CA TYR C 51 -0.29 37.13 -40.61
C TYR C 51 0.33 36.43 -41.83
N GLU C 52 -0.02 36.88 -43.05
CA GLU C 52 0.44 36.37 -44.34
C GLU C 52 0.06 37.40 -45.42
N ASP C 53 1.05 38.24 -45.83
CA ASP C 53 1.00 39.32 -46.84
C ASP C 53 -0.37 40.02 -47.03
N ASN C 54 -1.32 39.40 -47.75
CA ASN C 54 -2.66 39.96 -48.02
C ASN C 54 -3.66 39.67 -46.89
N GLU C 55 -3.57 38.47 -46.29
CA GLU C 55 -4.45 37.99 -45.23
C GLU C 55 -4.23 38.72 -43.91
N ARG C 56 -5.33 39.14 -43.27
CA ARG C 56 -5.34 39.83 -41.98
C ARG C 56 -5.61 38.81 -40.88
N ALA C 57 -5.13 39.08 -39.65
CA ALA C 57 -5.37 38.22 -38.50
C ALA C 57 -6.87 38.27 -38.14
N PRO C 58 -7.51 37.14 -37.75
CA PRO C 58 -8.95 37.19 -37.44
C PRO C 58 -9.31 38.19 -36.35
N GLY C 59 -10.29 39.04 -36.64
CA GLY C 59 -10.73 40.11 -35.76
C GLY C 59 -10.31 41.48 -36.23
N ILE C 60 -9.27 41.54 -37.09
CA ILE C 60 -8.73 42.77 -37.67
C ILE C 60 -9.60 43.21 -38.86
N SER C 61 -10.02 44.48 -38.85
CA SER C 61 -10.88 45.15 -39.84
C SER C 61 -10.40 44.99 -41.31
N PRO C 62 -11.32 44.84 -42.30
CA PRO C 62 -10.89 44.71 -43.70
C PRO C 62 -10.26 45.97 -44.31
N ARG C 63 -10.21 47.08 -43.53
CA ARG C 63 -9.61 48.37 -43.90
C ARG C 63 -8.13 48.21 -44.22
N PHE C 64 -7.45 47.30 -43.49
CA PHE C 64 -6.04 46.99 -43.63
C PHE C 64 -5.84 46.01 -44.78
N SER C 65 -4.87 46.28 -45.67
CA SER C 65 -4.55 45.46 -46.83
C SER C 65 -3.05 45.43 -47.09
N GLY C 66 -2.58 44.35 -47.71
CA GLY C 66 -1.17 44.16 -48.02
C GLY C 66 -0.86 44.04 -49.50
N TYR C 67 0.40 44.32 -49.86
CA TYR C 67 0.96 44.24 -51.21
C TYR C 67 2.47 44.00 -51.14
N LYS C 68 2.98 43.08 -51.98
CA LYS C 68 4.39 42.68 -52.01
C LYS C 68 4.96 42.79 -53.44
N SER C 69 6.06 43.57 -53.61
CA SER C 69 6.71 43.77 -54.91
C SER C 69 7.88 42.78 -55.13
N TYR C 70 8.93 43.19 -55.88
CA TYR C 70 10.09 42.35 -56.18
C TYR C 70 11.17 42.39 -55.08
N TRP C 71 10.97 43.26 -54.04
CA TRP C 71 11.92 43.48 -52.94
C TRP C 71 11.36 44.27 -51.73
N SER C 72 10.25 45.01 -51.92
CA SER C 72 9.63 45.84 -50.88
C SER C 72 8.15 45.51 -50.63
N ALA C 73 7.72 45.61 -49.35
CA ALA C 73 6.34 45.33 -48.95
C ALA C 73 5.66 46.55 -48.33
N TYR C 74 4.33 46.66 -48.48
CA TYR C 74 3.61 47.82 -47.97
C TYR C 74 2.27 47.50 -47.30
N LEU C 75 1.72 48.48 -46.56
CA LEU C 75 0.45 48.37 -45.83
C LEU C 75 -0.44 49.58 -46.15
N THR C 76 -1.71 49.31 -46.51
CA THR C 76 -2.70 50.34 -46.85
C THR C 76 -3.83 50.32 -45.83
N ILE C 77 -4.11 51.49 -45.21
CA ILE C 77 -5.18 51.63 -44.21
C ILE C 77 -6.24 52.63 -44.71
N SER C 78 -7.31 52.11 -45.33
CA SER C 78 -8.43 52.90 -45.84
C SER C 78 -9.34 53.29 -44.67
N ASP C 79 -9.79 54.56 -44.62
CA ASP C 79 -10.65 55.13 -43.58
C ASP C 79 -9.97 55.05 -42.19
N LEU C 80 -9.16 56.06 -41.87
CA LEU C 80 -8.42 56.14 -40.60
C LEU C 80 -9.31 56.40 -39.39
N ARG C 81 -8.93 55.82 -38.24
CA ARG C 81 -9.64 55.94 -36.97
C ARG C 81 -8.74 56.56 -35.87
N PRO C 82 -9.30 57.13 -34.76
CA PRO C 82 -8.42 57.77 -33.74
C PRO C 82 -7.44 56.86 -33.00
N GLU C 83 -7.73 55.54 -32.91
CA GLU C 83 -6.91 54.55 -32.22
C GLU C 83 -5.61 54.15 -32.95
N ASP C 84 -5.49 54.56 -34.22
CA ASP C 84 -4.40 54.20 -35.13
C ASP C 84 -3.04 54.86 -34.89
N GLU C 85 -2.98 56.10 -34.34
CA GLU C 85 -1.70 56.79 -34.14
C GLU C 85 -0.79 56.12 -33.09
N THR C 86 0.21 55.36 -33.59
CA THR C 86 1.22 54.62 -32.82
C THR C 86 2.37 54.15 -33.72
N THR C 87 3.47 53.68 -33.12
CA THR C 87 4.65 53.18 -33.84
C THR C 87 4.39 51.75 -34.33
N TYR C 88 4.51 51.53 -35.66
CA TYR C 88 4.28 50.22 -36.28
C TYR C 88 5.58 49.48 -36.59
N TYR C 89 5.51 48.14 -36.66
CA TYR C 89 6.65 47.27 -36.96
C TYR C 89 6.32 46.21 -38.01
N CYS C 90 7.28 45.96 -38.90
CA CYS C 90 7.19 45.00 -40.00
C CYS C 90 8.04 43.76 -39.70
N CYS C 91 7.77 42.62 -40.38
CA CYS C 91 8.53 41.39 -40.18
C CYS C 91 8.65 40.53 -41.44
N SER C 92 9.90 40.06 -41.72
CA SER C 92 10.25 39.17 -42.84
C SER C 92 10.58 37.80 -42.27
N TYR C 93 9.97 36.73 -42.82
CA TYR C 93 10.14 35.35 -42.33
C TYR C 93 9.90 34.25 -43.37
N THR C 94 10.32 33.01 -43.05
CA THR C 94 10.15 31.79 -43.86
C THR C 94 9.78 30.60 -42.95
N HIS C 95 9.41 29.45 -43.54
CA HIS C 95 9.06 28.23 -42.79
C HIS C 95 10.32 27.41 -42.43
N ASN C 96 11.49 28.07 -42.43
CA ASN C 96 12.81 27.52 -42.13
C ASN C 96 13.59 28.42 -41.16
N SER C 97 13.29 29.72 -41.14
CA SER C 97 14.06 30.66 -40.31
C SER C 97 13.30 31.63 -39.40
N GLY C 98 14.06 32.15 -38.43
CA GLY C 98 13.56 33.10 -37.45
C GLY C 98 13.24 34.48 -38.01
N CYS C 99 12.39 35.20 -37.30
CA CYS C 99 11.93 36.52 -37.71
C CYS C 99 12.97 37.65 -37.82
N VAL C 100 12.73 38.50 -38.82
CA VAL C 100 13.55 39.68 -39.16
C VAL C 100 12.69 40.90 -38.80
N PHE C 101 13.22 41.82 -37.97
CA PHE C 101 12.47 43.00 -37.53
C PHE C 101 12.95 44.32 -38.13
N GLY C 102 11.99 45.22 -38.38
CA GLY C 102 12.22 46.54 -38.96
C GLY C 102 12.66 47.61 -37.98
N THR C 103 12.98 48.81 -38.54
CA THR C 103 13.43 49.98 -37.78
C THR C 103 12.29 50.59 -36.95
N GLY C 104 11.14 50.78 -37.59
CA GLY C 104 9.96 51.36 -36.94
C GLY C 104 9.50 52.65 -37.58
N THR C 105 8.20 52.76 -37.88
CA THR C 105 7.59 53.95 -38.47
C THR C 105 6.57 54.58 -37.51
N LYS C 106 6.68 55.90 -37.32
CA LYS C 106 5.82 56.68 -36.42
C LYS C 106 4.62 57.23 -37.20
N VAL C 107 3.40 56.97 -36.71
CA VAL C 107 2.17 57.40 -37.38
C VAL C 107 1.41 58.45 -36.55
N SER C 108 1.10 59.60 -37.19
CA SER C 108 0.36 60.71 -36.59
C SER C 108 -0.98 60.87 -37.33
N VAL C 109 -2.08 60.47 -36.67
CA VAL C 109 -3.44 60.54 -37.22
C VAL C 109 -4.06 61.90 -36.88
N LEU C 110 -4.02 62.83 -37.85
CA LEU C 110 -4.55 64.18 -37.72
C LEU C 110 -6.06 64.26 -38.05
N GLY C 111 -6.64 65.44 -37.86
CA GLY C 111 -8.05 65.71 -38.10
C GLY C 111 -8.87 65.81 -36.82
N GLN C 112 -8.35 65.26 -35.72
CA GLN C 112 -8.98 65.25 -34.39
C GLN C 112 -9.15 66.67 -33.84
N SER C 113 -10.21 66.88 -33.04
CA SER C 113 -10.55 68.15 -32.42
C SER C 113 -9.57 68.51 -31.30
N LYS C 114 -9.40 69.83 -31.03
CA LYS C 114 -8.53 70.34 -29.97
C LYS C 114 -9.13 69.98 -28.61
N ALA C 115 -8.80 68.77 -28.12
CA ALA C 115 -9.31 68.26 -26.85
C ALA C 115 -8.77 69.08 -25.68
N ASN C 116 -9.69 69.71 -24.92
CA ASN C 116 -9.34 70.53 -23.76
C ASN C 116 -8.93 69.63 -22.59
N PRO C 117 -7.76 69.87 -21.98
CA PRO C 117 -7.30 68.98 -20.90
C PRO C 117 -7.81 69.30 -19.50
N SER C 118 -7.86 68.26 -18.65
CA SER C 118 -8.28 68.37 -17.25
C SER C 118 -7.03 68.67 -16.40
N VAL C 119 -6.49 69.89 -16.58
CA VAL C 119 -5.29 70.39 -15.91
C VAL C 119 -5.55 70.67 -14.42
N THR C 120 -4.69 70.12 -13.55
CA THR C 120 -4.78 70.26 -12.10
C THR C 120 -3.40 70.49 -11.48
N LEU C 121 -3.28 71.53 -10.62
CA LEU C 121 -2.05 71.87 -9.91
C LEU C 121 -2.22 71.48 -8.45
N PHE C 122 -1.35 70.57 -7.96
CA PHE C 122 -1.40 70.06 -6.59
C PHE C 122 -0.40 70.76 -5.64
N PRO C 123 -0.88 71.50 -4.62
CA PRO C 123 0.05 72.17 -3.68
C PRO C 123 0.56 71.24 -2.58
N PRO C 124 1.73 71.53 -1.94
CA PRO C 124 2.21 70.62 -0.87
C PRO C 124 1.31 70.62 0.37
N SER C 125 0.85 69.42 0.76
CA SER C 125 -0.04 69.21 1.92
C SER C 125 0.73 69.26 3.25
N SER C 126 0.03 69.03 4.40
CA SER C 126 0.65 69.03 5.73
C SER C 126 1.64 67.87 5.95
N GLU C 127 1.62 66.85 5.06
CA GLU C 127 2.50 65.68 5.08
C GLU C 127 3.73 65.91 4.17
N GLU C 128 3.52 66.53 2.99
CA GLU C 128 4.57 66.85 2.01
C GLU C 128 5.55 67.87 2.57
N LEU C 129 5.04 68.87 3.32
CA LEU C 129 5.84 69.93 3.95
C LEU C 129 6.54 69.44 5.23
N GLN C 130 5.93 68.44 5.93
CA GLN C 130 6.46 67.85 7.17
C GLN C 130 7.76 67.08 6.93
N ALA C 131 7.84 66.32 5.82
CA ALA C 131 9.01 65.53 5.43
C ALA C 131 10.14 66.39 4.81
N ASN C 132 10.01 67.73 4.89
CA ASN C 132 10.94 68.76 4.39
C ASN C 132 11.14 68.68 2.86
N LYS C 133 10.04 68.46 2.13
CA LYS C 133 10.06 68.35 0.66
C LYS C 133 9.13 69.37 -0.01
N ALA C 134 9.72 70.37 -0.68
CA ALA C 134 8.99 71.42 -1.38
C ALA C 134 8.76 71.06 -2.85
N THR C 135 7.53 70.65 -3.18
CA THR C 135 7.17 70.25 -4.53
C THR C 135 5.80 70.78 -4.96
N LEU C 136 5.64 71.01 -6.28
CA LEU C 136 4.43 71.51 -6.94
C LEU C 136 4.33 70.82 -8.31
N VAL C 137 3.36 69.90 -8.45
CA VAL C 137 3.16 69.10 -9.68
C VAL C 137 1.96 69.58 -10.50
N CYS C 138 1.98 69.30 -11.82
CA CYS C 138 0.93 69.68 -12.77
C CYS C 138 0.51 68.48 -13.62
N LEU C 139 -0.79 68.12 -13.56
CA LEU C 139 -1.40 67.01 -14.32
C LEU C 139 -1.98 67.52 -15.64
N ILE C 140 -1.93 66.69 -16.69
CA ILE C 140 -2.50 66.99 -18.00
C ILE C 140 -3.10 65.70 -18.60
N SER C 141 -4.39 65.74 -18.95
CA SER C 141 -5.11 64.58 -19.48
C SER C 141 -5.94 64.92 -20.72
N ASP C 142 -5.63 64.25 -21.86
CA ASP C 142 -6.27 64.40 -23.18
C ASP C 142 -6.15 65.85 -23.68
N PHE C 143 -5.02 66.17 -24.32
CA PHE C 143 -4.71 67.52 -24.79
C PHE C 143 -4.37 67.63 -26.29
N TYR C 144 -4.82 66.66 -27.12
CA TYR C 144 -4.54 66.60 -28.57
C TYR C 144 -4.47 67.98 -29.26
N PRO C 145 -3.37 68.30 -30.01
CA PRO C 145 -2.19 67.48 -30.33
C PRO C 145 -1.23 67.23 -29.17
N GLY C 146 -0.28 66.31 -29.35
CA GLY C 146 0.71 65.93 -28.35
C GLY C 146 1.85 66.91 -28.13
N ALA C 147 1.58 68.22 -28.27
CA ALA C 147 2.56 69.29 -28.06
C ALA C 147 2.48 69.80 -26.63
N VAL C 148 3.64 70.01 -25.99
CA VAL C 148 3.71 70.47 -24.60
C VAL C 148 4.56 71.72 -24.43
N THR C 149 4.12 72.63 -23.55
CA THR C 149 4.81 73.87 -23.21
C THR C 149 4.76 74.08 -21.69
N VAL C 150 5.85 73.71 -21.00
CA VAL C 150 6.00 73.82 -19.55
C VAL C 150 6.72 75.12 -19.20
N ALA C 151 6.12 75.92 -18.32
CA ALA C 151 6.68 77.20 -17.85
C ALA C 151 6.29 77.49 -16.41
N TRP C 152 7.29 77.58 -15.53
CA TRP C 152 7.10 77.87 -14.10
C TRP C 152 7.35 79.36 -13.82
N LYS C 153 6.62 79.92 -12.85
CA LYS C 153 6.75 81.33 -12.49
C LYS C 153 6.94 81.54 -10.98
N ALA C 154 8.20 81.54 -10.52
CA ALA C 154 8.55 81.78 -9.14
C ALA C 154 8.65 83.31 -9.01
N ASP C 155 7.50 83.95 -8.70
CA ASP C 155 7.31 85.42 -8.62
C ASP C 155 7.47 86.05 -10.02
N SER C 156 7.11 85.28 -11.08
CA SER C 156 7.18 85.62 -12.51
C SER C 156 8.62 85.98 -12.98
N SER C 157 9.63 85.29 -12.40
CA SER C 157 11.05 85.47 -12.70
C SER C 157 11.59 84.30 -13.57
N PRO C 158 12.72 84.46 -14.33
CA PRO C 158 13.23 83.34 -15.15
C PRO C 158 13.71 82.14 -14.32
N VAL C 159 12.98 81.03 -14.42
CA VAL C 159 13.25 79.78 -13.71
C VAL C 159 14.32 78.96 -14.44
N LYS C 160 15.41 78.63 -13.74
CA LYS C 160 16.54 77.86 -14.28
C LYS C 160 16.70 76.49 -13.60
N ALA C 161 16.63 76.45 -12.26
CA ALA C 161 16.80 75.23 -11.45
C ALA C 161 15.53 74.40 -11.23
N GLY C 162 14.38 75.06 -11.14
CA GLY C 162 13.10 74.40 -10.91
C GLY C 162 12.37 73.99 -12.17
N VAL C 163 13.08 73.31 -13.10
CA VAL C 163 12.53 72.83 -14.38
C VAL C 163 12.72 71.31 -14.48
N GLU C 164 11.63 70.57 -14.69
CA GLU C 164 11.61 69.11 -14.85
C GLU C 164 10.49 68.70 -15.81
N THR C 165 10.87 68.42 -17.08
CA THR C 165 9.95 68.04 -18.16
C THR C 165 10.05 66.55 -18.49
N THR C 166 8.98 66.00 -19.11
CA THR C 166 8.91 64.58 -19.50
C THR C 166 8.50 64.40 -20.98
N THR C 167 8.21 63.15 -21.39
CA THR C 167 7.78 62.79 -22.74
C THR C 167 6.26 62.56 -22.76
N PRO C 168 5.49 63.18 -23.71
CA PRO C 168 4.04 62.97 -23.73
C PRO C 168 3.64 61.62 -24.32
N SER C 169 3.21 60.69 -23.45
CA SER C 169 2.80 59.33 -23.81
C SER C 169 1.36 59.28 -24.30
N LYS C 170 1.03 58.26 -25.13
CA LYS C 170 -0.31 58.05 -25.69
C LYS C 170 -1.27 57.58 -24.58
N GLN C 171 -2.37 58.31 -24.38
CA GLN C 171 -3.38 58.02 -23.36
C GLN C 171 -4.44 57.02 -23.84
N SER C 172 -5.28 56.52 -22.90
CA SER C 172 -6.36 55.56 -23.13
C SER C 172 -7.41 56.02 -24.13
N ASN C 173 -7.73 57.34 -24.16
CA ASN C 173 -8.70 57.93 -25.09
C ASN C 173 -8.08 58.16 -26.48
N ASN C 174 -6.87 57.60 -26.72
CA ASN C 174 -6.06 57.69 -27.95
C ASN C 174 -5.56 59.12 -28.20
N LYS C 175 -5.54 59.95 -27.13
CA LYS C 175 -5.07 61.32 -27.15
C LYS C 175 -3.64 61.31 -26.57
N TYR C 176 -3.29 62.25 -25.67
CA TYR C 176 -1.97 62.31 -25.07
C TYR C 176 -1.98 62.67 -23.58
N ALA C 177 -0.93 62.25 -22.85
CA ALA C 177 -0.74 62.50 -21.42
C ALA C 177 0.75 62.72 -21.14
N ALA C 178 1.07 63.85 -20.49
CA ALA C 178 2.44 64.24 -20.14
C ALA C 178 2.61 64.55 -18.66
N SER C 179 3.86 64.70 -18.19
CA SER C 179 4.17 64.98 -16.79
C SER C 179 5.12 66.16 -16.60
N SER C 180 4.94 66.89 -15.48
CA SER C 180 5.75 68.05 -15.10
C SER C 180 5.97 68.06 -13.58
N TYR C 181 7.24 68.11 -13.16
CA TYR C 181 7.63 68.08 -11.75
C TYR C 181 8.46 69.31 -11.33
N LEU C 182 8.62 69.51 -10.02
CA LEU C 182 9.40 70.59 -9.42
C LEU C 182 10.23 70.01 -8.26
N SER C 183 11.55 69.92 -8.46
CA SER C 183 12.48 69.38 -7.47
C SER C 183 13.30 70.51 -6.83
N LEU C 184 12.83 71.03 -5.68
CA LEU C 184 13.47 72.11 -4.94
C LEU C 184 13.44 71.89 -3.42
N THR C 185 14.45 72.42 -2.71
CA THR C 185 14.57 72.36 -1.25
C THR C 185 13.77 73.52 -0.63
N PRO C 186 13.33 73.46 0.67
CA PRO C 186 12.54 74.57 1.24
C PRO C 186 13.23 75.93 1.31
N GLU C 187 14.57 75.98 1.14
CA GLU C 187 15.36 77.23 1.16
C GLU C 187 15.14 78.08 -0.09
N GLN C 188 15.23 77.47 -1.29
CA GLN C 188 15.00 78.15 -2.58
C GLN C 188 13.49 78.37 -2.79
N TRP C 189 12.67 77.56 -2.10
CA TRP C 189 11.21 77.60 -2.12
C TRP C 189 10.65 78.79 -1.30
N LYS C 190 11.30 79.14 -0.17
CA LYS C 190 10.83 80.24 0.68
C LYS C 190 11.23 81.64 0.15
N SER C 191 12.21 81.70 -0.79
CA SER C 191 12.67 82.94 -1.41
C SER C 191 11.67 83.52 -2.43
N HIS C 192 10.70 82.69 -2.87
CA HIS C 192 9.63 83.04 -3.80
C HIS C 192 8.31 82.49 -3.26
N ARG C 193 7.22 83.26 -3.31
CA ARG C 193 5.94 82.79 -2.77
C ARG C 193 4.82 82.71 -3.80
N SER C 194 4.74 83.66 -4.74
CA SER C 194 3.72 83.69 -5.79
C SER C 194 4.09 82.72 -6.92
N TYR C 195 3.61 81.46 -6.81
CA TYR C 195 3.86 80.40 -7.80
C TYR C 195 2.71 80.29 -8.80
N SER C 196 2.97 80.74 -10.04
CA SER C 196 2.00 80.72 -11.14
C SER C 196 2.34 79.61 -12.15
N CYS C 197 1.31 78.86 -12.58
CA CYS C 197 1.47 77.77 -13.54
C CYS C 197 1.11 78.23 -14.95
N GLN C 198 2.09 78.16 -15.86
CA GLN C 198 1.92 78.57 -17.27
C GLN C 198 2.08 77.37 -18.22
N VAL C 199 0.96 76.92 -18.80
CA VAL C 199 0.89 75.82 -19.76
C VAL C 199 0.35 76.43 -21.06
N THR C 200 1.20 76.50 -22.09
CA THR C 200 0.82 77.12 -23.36
C THR C 200 0.26 76.08 -24.35
N HIS C 201 -1.06 76.18 -24.58
CA HIS C 201 -1.88 75.41 -25.50
C HIS C 201 -2.84 76.43 -26.10
N GLU C 202 -2.92 76.43 -27.42
CA GLU C 202 -3.73 77.44 -28.02
C GLU C 202 -5.10 77.31 -27.43
N GLY C 203 -5.53 78.41 -26.87
CA GLY C 203 -6.86 78.60 -26.30
C GLY C 203 -6.99 79.71 -25.28
N SER C 204 -7.90 79.51 -24.30
CA SER C 204 -8.22 80.45 -23.22
C SER C 204 -7.14 80.55 -22.12
N THR C 205 -7.33 81.50 -21.17
CA THR C 205 -6.39 81.74 -20.07
C THR C 205 -7.01 81.43 -18.67
N VAL C 206 -7.68 80.28 -18.53
CA VAL C 206 -8.27 79.84 -17.25
C VAL C 206 -7.36 78.76 -16.64
N GLU C 207 -6.13 79.20 -16.26
CA GLU C 207 -5.09 78.36 -15.67
C GLU C 207 -5.19 78.37 -14.15
N LYS C 208 -4.91 77.23 -13.50
CA LYS C 208 -5.01 77.10 -12.05
C LYS C 208 -3.72 77.53 -11.35
N THR C 209 -3.74 78.76 -10.80
CA THR C 209 -2.64 79.37 -10.06
C THR C 209 -2.87 79.17 -8.56
N VAL C 210 -2.12 78.23 -7.96
CA VAL C 210 -2.24 77.90 -6.53
C VAL C 210 -0.95 78.25 -5.80
N ALA C 211 -1.07 78.96 -4.67
CA ALA C 211 0.05 79.34 -3.83
C ALA C 211 0.43 78.17 -2.91
N PRO C 212 1.74 77.86 -2.72
CA PRO C 212 2.11 76.74 -1.83
C PRO C 212 1.92 77.07 -0.34
N THR C 213 1.83 78.37 -0.01
CA THR C 213 1.64 78.86 1.36
C THR C 213 0.25 79.46 1.56
N GLU C 214 -0.55 78.83 2.45
CA GLU C 214 -1.91 79.26 2.79
C GLU C 214 -2.18 79.07 4.28
N ALA D 37 -12.98 33.98 -49.41
CA ALA D 37 -12.91 34.04 -50.86
C ALA D 37 -13.66 32.86 -51.50
N LYS D 38 -14.99 33.03 -51.70
CA LYS D 38 -15.92 32.06 -52.26
C LYS D 38 -15.86 30.70 -51.53
N LYS D 39 -16.48 30.65 -50.33
CA LYS D 39 -16.49 29.47 -49.48
C LYS D 39 -17.58 28.50 -49.92
N TRP D 40 -17.18 27.28 -50.29
CA TRP D 40 -18.11 26.23 -50.73
C TRP D 40 -17.95 24.99 -49.86
N VAL D 41 -19.08 24.32 -49.59
CA VAL D 41 -19.17 23.12 -48.75
C VAL D 41 -18.49 21.92 -49.44
N THR D 42 -17.60 21.23 -48.71
CA THR D 42 -16.89 20.04 -49.19
C THR D 42 -17.16 18.87 -48.23
N VAL D 43 -17.59 17.72 -48.78
CA VAL D 43 -17.94 16.52 -48.01
C VAL D 43 -16.71 15.61 -47.88
N TYR D 44 -16.40 15.19 -46.64
CA TYR D 44 -15.27 14.33 -46.31
C TYR D 44 -15.73 13.08 -45.56
N TYR D 45 -15.31 11.89 -46.04
CA TYR D 45 -15.63 10.62 -45.41
C TYR D 45 -14.39 9.96 -44.83
N GLY D 46 -14.53 9.40 -43.64
CA GLY D 46 -13.44 8.76 -42.92
C GLY D 46 -12.72 9.73 -42.00
N VAL D 47 -13.46 10.74 -41.52
CA VAL D 47 -12.97 11.79 -40.62
C VAL D 47 -12.65 11.18 -39.25
N PRO D 48 -11.41 11.35 -38.73
CA PRO D 48 -11.07 10.75 -37.43
C PRO D 48 -11.59 11.52 -36.20
N VAL D 49 -12.92 11.50 -36.00
CA VAL D 49 -13.59 12.17 -34.88
C VAL D 49 -14.52 11.21 -34.14
N TRP D 50 -14.39 11.14 -32.80
CA TRP D 50 -15.22 10.28 -31.95
C TRP D 50 -16.22 11.03 -31.08
N LYS D 51 -17.29 10.32 -30.66
CA LYS D 51 -18.35 10.80 -29.77
C LYS D 51 -18.51 9.79 -28.64
N GLU D 52 -18.48 10.26 -27.38
CA GLU D 52 -18.60 9.42 -26.19
C GLU D 52 -19.94 8.66 -26.13
N ALA D 53 -19.89 7.33 -26.33
CA ALA D 53 -21.06 6.44 -26.33
C ALA D 53 -20.71 4.99 -25.96
N THR D 54 -21.71 4.21 -25.51
CA THR D 54 -21.53 2.80 -25.13
C THR D 54 -22.36 1.86 -26.04
N THR D 55 -21.72 0.79 -26.53
CA THR D 55 -22.32 -0.22 -27.41
C THR D 55 -22.10 -1.66 -26.88
N THR D 56 -22.81 -2.64 -27.47
CA THR D 56 -22.71 -4.06 -27.11
C THR D 56 -21.37 -4.60 -27.64
N LEU D 57 -20.55 -5.16 -26.74
CA LEU D 57 -19.23 -5.73 -27.06
C LEU D 57 -19.28 -7.25 -27.23
N PHE D 58 -18.11 -7.91 -27.40
CA PHE D 58 -17.98 -9.37 -27.55
C PHE D 58 -16.58 -9.88 -27.15
N CYS D 59 -16.45 -11.22 -27.01
CA CYS D 59 -15.23 -11.94 -26.60
C CYS D 59 -14.06 -11.80 -27.59
N ALA D 60 -12.86 -12.14 -27.10
CA ALA D 60 -11.56 -12.21 -27.80
C ALA D 60 -10.67 -13.08 -26.91
N SER D 61 -10.53 -14.36 -27.28
CA SER D 61 -9.74 -15.34 -26.51
C SER D 61 -8.90 -16.28 -27.37
N ASP D 62 -7.67 -16.57 -26.90
CA ASP D 62 -6.73 -17.46 -27.56
C ASP D 62 -7.00 -18.93 -27.17
N ALA D 63 -6.49 -19.89 -27.97
CA ALA D 63 -6.65 -21.31 -27.72
C ALA D 63 -5.87 -21.71 -26.47
N LYS D 64 -6.58 -22.27 -25.47
CA LYS D 64 -5.99 -22.68 -24.20
C LYS D 64 -5.50 -24.13 -24.22
N ALA D 65 -6.13 -25.03 -23.43
CA ALA D 65 -5.75 -26.44 -23.36
C ALA D 65 -5.98 -27.18 -24.68
N TYR D 66 -7.04 -26.78 -25.43
CA TYR D 66 -7.45 -27.27 -26.76
C TYR D 66 -7.93 -28.74 -26.76
N ASP D 67 -7.08 -29.68 -26.33
CA ASP D 67 -7.34 -31.13 -26.31
C ASP D 67 -8.01 -31.60 -25.01
N THR D 68 -7.35 -31.41 -23.84
CA THR D 68 -7.84 -31.85 -22.52
C THR D 68 -9.09 -31.05 -22.13
N GLU D 69 -8.90 -29.79 -21.65
CA GLU D 69 -10.00 -28.91 -21.27
C GLU D 69 -10.45 -28.18 -22.53
N VAL D 70 -11.70 -28.45 -22.97
CA VAL D 70 -12.23 -27.84 -24.19
C VAL D 70 -13.20 -26.68 -23.86
N HIS D 71 -14.03 -26.81 -22.80
CA HIS D 71 -14.96 -25.74 -22.44
C HIS D 71 -14.97 -25.39 -20.94
N ASN D 72 -14.38 -24.24 -20.59
CA ASN D 72 -14.38 -23.69 -19.23
C ASN D 72 -15.55 -22.72 -19.16
N VAL D 73 -16.21 -22.60 -17.99
CA VAL D 73 -17.42 -21.81 -17.74
C VAL D 73 -17.45 -20.46 -18.51
N TRP D 74 -16.38 -19.64 -18.50
CA TRP D 74 -16.36 -18.34 -19.19
C TRP D 74 -16.25 -18.43 -20.71
N ALA D 75 -15.21 -19.08 -21.23
CA ALA D 75 -14.95 -19.20 -22.67
C ALA D 75 -15.96 -20.09 -23.41
N THR D 76 -16.50 -21.13 -22.73
CA THR D 76 -17.46 -22.12 -23.27
C THR D 76 -16.85 -22.85 -24.51
N HIS D 77 -17.70 -23.51 -25.32
CA HIS D 77 -17.26 -24.23 -26.52
C HIS D 77 -16.99 -23.25 -27.67
N ALA D 78 -17.87 -22.25 -27.86
CA ALA D 78 -17.76 -21.26 -28.93
C ALA D 78 -17.61 -19.81 -28.44
N CYS D 79 -16.35 -19.37 -28.30
CA CYS D 79 -15.99 -18.00 -27.93
C CYS D 79 -15.37 -17.33 -29.14
N VAL D 80 -15.60 -16.02 -29.29
CA VAL D 80 -15.06 -15.22 -30.40
C VAL D 80 -13.51 -15.19 -30.26
N PRO D 81 -12.73 -15.63 -31.27
CA PRO D 81 -11.27 -15.67 -31.13
C PRO D 81 -10.57 -14.31 -31.20
N THR D 82 -9.30 -14.26 -30.72
CA THR D 82 -8.47 -13.05 -30.71
C THR D 82 -7.40 -13.08 -31.81
N ASP D 83 -7.00 -11.89 -32.29
CA ASP D 83 -5.98 -11.72 -33.32
C ASP D 83 -4.60 -11.54 -32.65
N PRO D 84 -3.52 -12.15 -33.19
CA PRO D 84 -2.19 -11.98 -32.56
C PRO D 84 -1.57 -10.59 -32.76
N ASN D 85 -2.14 -9.78 -33.67
CA ASN D 85 -1.66 -8.43 -33.98
C ASN D 85 -2.68 -7.34 -33.59
N PRO D 86 -2.58 -6.76 -32.38
CA PRO D 86 -3.54 -5.71 -31.99
C PRO D 86 -3.15 -4.32 -32.48
N GLN D 87 -4.14 -3.44 -32.69
CA GLN D 87 -3.92 -2.07 -33.15
C GLN D 87 -3.34 -1.22 -32.02
N GLU D 88 -2.00 -1.13 -31.99
CA GLU D 88 -1.22 -0.42 -30.96
C GLU D 88 -1.04 1.09 -31.25
N ILE D 89 -1.82 1.65 -32.19
CA ILE D 89 -1.76 3.05 -32.61
C ILE D 89 -1.99 4.02 -31.44
N VAL D 90 -0.94 4.81 -31.13
CA VAL D 90 -0.93 5.80 -30.04
C VAL D 90 -1.18 7.18 -30.67
N LEU D 91 -2.14 7.94 -30.10
CA LEU D 91 -2.50 9.26 -30.63
C LEU D 91 -1.90 10.43 -29.84
N GLY D 92 -0.90 11.03 -30.46
CA GLY D 92 -0.23 12.20 -29.96
C GLY D 92 -1.17 13.37 -30.08
N ASN D 93 -0.99 14.30 -29.15
CA ASN D 93 -1.76 15.55 -29.03
C ASN D 93 -3.21 15.30 -28.57
N VAL D 94 -3.55 14.15 -27.91
CA VAL D 94 -4.90 13.77 -27.52
C VAL D 94 -4.92 13.57 -26.01
N THR D 95 -5.63 14.46 -25.29
CA THR D 95 -5.75 14.41 -23.83
C THR D 95 -7.22 14.16 -23.43
N GLU D 96 -7.78 13.02 -23.89
CA GLU D 96 -9.16 12.64 -23.61
C GLU D 96 -9.39 12.29 -22.14
N ASN D 97 -10.45 12.86 -21.54
CA ASN D 97 -10.82 12.64 -20.15
C ASN D 97 -11.50 11.29 -19.97
N PHE D 98 -10.84 10.39 -19.23
CA PHE D 98 -11.31 9.03 -18.95
C PHE D 98 -12.14 8.98 -17.69
N ASN D 99 -13.26 8.22 -17.72
CA ASN D 99 -14.13 8.02 -16.56
C ASN D 99 -13.88 6.62 -15.99
N MET D 100 -13.21 6.58 -14.82
CA MET D 100 -12.84 5.34 -14.12
C MET D 100 -14.07 4.71 -13.47
N TRP D 101 -14.70 5.43 -12.52
CA TRP D 101 -15.86 4.98 -11.76
C TRP D 101 -17.17 4.98 -12.56
N LYS D 102 -17.32 5.88 -13.54
CA LYS D 102 -18.54 5.97 -14.34
C LYS D 102 -18.39 5.27 -15.71
N ASN D 103 -17.52 4.25 -15.79
CA ASN D 103 -17.31 3.48 -17.02
C ASN D 103 -18.43 2.46 -17.19
N ASN D 104 -19.01 2.41 -18.39
CA ASN D 104 -20.13 1.52 -18.72
C ASN D 104 -19.71 0.11 -19.17
N MET D 105 -18.39 -0.13 -19.34
CA MET D 105 -17.83 -1.44 -19.70
C MET D 105 -17.88 -2.37 -18.50
N VAL D 106 -17.72 -1.80 -17.29
CA VAL D 106 -17.72 -2.47 -15.98
C VAL D 106 -19.07 -3.17 -15.76
N GLU D 107 -20.19 -2.47 -16.05
CA GLU D 107 -21.55 -3.01 -15.91
C GLU D 107 -21.83 -4.13 -16.92
N GLN D 108 -21.19 -4.08 -18.11
CA GLN D 108 -21.32 -5.11 -19.14
C GLN D 108 -20.71 -6.42 -18.66
N MET D 109 -19.54 -6.36 -18.02
CA MET D 109 -18.83 -7.52 -17.46
C MET D 109 -19.61 -8.13 -16.28
N HIS D 110 -20.36 -7.30 -15.54
CA HIS D 110 -21.19 -7.71 -14.39
C HIS D 110 -22.36 -8.58 -14.81
N GLU D 111 -23.09 -8.18 -15.87
CA GLU D 111 -24.26 -8.90 -16.39
C GLU D 111 -23.89 -10.16 -17.18
N ASP D 112 -22.77 -10.15 -17.92
CA ASP D 112 -22.31 -11.28 -18.74
C ASP D 112 -21.95 -12.52 -17.94
N ILE D 113 -21.24 -12.36 -16.81
CA ILE D 113 -20.78 -13.45 -15.94
C ILE D 113 -21.95 -14.14 -15.22
N ILE D 114 -22.86 -13.35 -14.59
CA ILE D 114 -24.02 -13.86 -13.84
C ILE D 114 -24.99 -14.63 -14.77
N SER D 115 -25.29 -14.08 -15.97
CA SER D 115 -26.16 -14.71 -16.97
C SER D 115 -25.56 -16.04 -17.43
N LEU D 116 -24.23 -16.10 -17.57
CA LEU D 116 -23.45 -17.27 -17.94
C LEU D 116 -23.44 -18.28 -16.79
N TRP D 117 -23.37 -17.79 -15.53
CA TRP D 117 -23.40 -18.60 -14.31
C TRP D 117 -24.76 -19.30 -14.17
N ASP D 118 -25.86 -18.63 -14.56
CA ASP D 118 -27.21 -19.20 -14.53
C ASP D 118 -27.37 -20.20 -15.67
N GLN D 119 -26.79 -19.89 -16.85
CA GLN D 119 -26.82 -20.76 -18.03
C GLN D 119 -26.04 -22.06 -17.79
N SER D 120 -24.86 -21.89 -17.20
CA SER D 120 -23.98 -22.99 -16.88
C SER D 120 -24.68 -23.75 -15.78
N LEU D 121 -24.71 -25.08 -15.89
CA LEU D 121 -25.36 -25.91 -14.87
C LEU D 121 -26.89 -26.03 -15.02
N LYS D 122 -27.43 -25.45 -16.08
CA LYS D 122 -28.84 -25.52 -16.34
C LYS D 122 -29.20 -26.90 -16.82
N PRO D 123 -28.37 -27.44 -17.72
CA PRO D 123 -28.67 -28.80 -18.21
C PRO D 123 -28.27 -29.91 -17.22
N CYS D 124 -27.64 -29.52 -16.07
CA CYS D 124 -27.18 -30.44 -15.02
C CYS D 124 -28.26 -30.81 -13.99
N VAL D 125 -27.94 -31.81 -13.15
CA VAL D 125 -28.75 -32.43 -12.10
C VAL D 125 -29.31 -31.43 -11.08
N LYS D 126 -30.66 -31.40 -10.95
CA LYS D 126 -31.39 -30.55 -10.01
C LYS D 126 -31.42 -31.21 -8.64
N LEU D 127 -30.96 -30.49 -7.61
CA LEU D 127 -30.93 -31.03 -6.24
C LEU D 127 -32.14 -30.58 -5.41
N THR D 128 -33.28 -30.31 -6.10
CA THR D 128 -34.56 -29.91 -5.51
C THR D 128 -35.13 -31.01 -4.58
N PRO D 129 -35.18 -32.31 -4.96
CA PRO D 129 -35.73 -33.30 -4.01
C PRO D 129 -34.72 -33.86 -3.00
N LEU D 130 -33.43 -33.47 -3.13
CA LEU D 130 -32.33 -33.90 -2.27
C LEU D 130 -32.47 -33.40 -0.82
N CYS D 131 -32.88 -32.12 -0.65
CA CYS D 131 -33.05 -31.49 0.65
C CYS D 131 -34.17 -32.16 1.46
N VAL D 132 -33.78 -32.83 2.55
CA VAL D 132 -34.65 -33.60 3.45
C VAL D 132 -34.28 -33.41 4.94
N THR D 133 -34.80 -34.29 5.82
CA THR D 133 -34.52 -34.33 7.26
C THR D 133 -33.06 -34.73 7.46
N LEU D 134 -32.38 -34.16 8.48
CA LEU D 134 -30.97 -34.44 8.76
C LEU D 134 -30.70 -34.68 10.24
N ASN D 135 -30.24 -35.89 10.60
CA ASN D 135 -29.89 -36.31 11.97
C ASN D 135 -28.42 -36.72 12.02
N CYS D 136 -27.67 -36.20 13.02
CA CYS D 136 -26.22 -36.47 13.10
C CYS D 136 -25.64 -36.49 14.53
N ASN D 137 -24.31 -36.70 14.58
CA ASN D 137 -23.39 -36.65 15.72
C ASN D 137 -22.18 -35.97 15.05
N ASN D 138 -21.16 -35.82 15.88
CA ASN D 138 -19.85 -35.32 15.52
C ASN D 138 -18.96 -36.48 15.16
N VAL D 139 -17.67 -36.23 15.13
CA VAL D 139 -16.67 -37.21 14.69
C VAL D 139 -16.38 -38.39 15.64
N ASN D 140 -15.52 -39.33 15.22
CA ASN D 140 -15.12 -40.50 16.01
C ASN D 140 -14.22 -40.06 17.19
N THR D 141 -13.59 -38.88 17.05
CA THR D 141 -12.73 -38.24 18.06
C THR D 141 -13.33 -36.87 18.42
N ASN D 142 -13.29 -36.51 19.72
CA ASN D 142 -13.83 -35.24 20.22
C ASN D 142 -12.96 -34.03 19.84
N ASN D 143 -13.12 -33.54 18.60
CA ASN D 143 -12.42 -32.32 18.12
C ASN D 143 -10.89 -32.19 18.29
N THR D 144 -10.10 -33.06 17.67
CA THR D 144 -8.65 -33.03 17.93
C THR D 144 -7.88 -32.81 16.61
N GLY D 161 -13.12 -32.45 13.75
CA GLY D 161 -12.96 -31.24 12.96
C GLY D 161 -14.26 -30.47 12.75
N GLU D 162 -14.45 -29.96 11.53
CA GLU D 162 -15.65 -29.18 11.14
C GLU D 162 -16.56 -29.95 10.17
N MET D 163 -16.51 -31.30 10.24
CA MET D 163 -17.31 -32.21 9.41
C MET D 163 -18.28 -32.91 10.36
N LYS D 164 -19.47 -33.22 9.87
CA LYS D 164 -20.45 -33.97 10.64
C LYS D 164 -21.03 -35.20 9.94
N ASN D 165 -20.86 -36.36 10.57
CA ASN D 165 -21.44 -37.62 10.15
C ASN D 165 -22.96 -37.52 10.08
N CYS D 166 -23.57 -37.01 9.01
CA CYS D 166 -25.00 -36.90 8.71
C CYS D 166 -25.60 -38.09 7.96
N SER D 167 -26.88 -38.34 8.27
CA SER D 167 -27.76 -39.37 7.71
C SER D 167 -28.96 -38.62 7.13
N PHE D 168 -29.60 -39.17 6.09
CA PHE D 168 -30.73 -38.60 5.34
C PHE D 168 -31.54 -39.48 4.38
N ASN D 169 -32.71 -39.05 3.86
CA ASN D 169 -33.46 -39.87 2.90
C ASN D 169 -33.39 -39.36 1.46
N VAL D 170 -32.77 -40.20 0.54
CA VAL D 170 -32.58 -39.90 -0.87
C VAL D 170 -33.22 -40.97 -1.75
N THR D 171 -34.10 -40.51 -2.67
CA THR D 171 -34.81 -41.37 -3.61
C THR D 171 -33.78 -41.92 -4.61
N THR D 172 -33.59 -43.24 -4.60
CA THR D 172 -32.64 -43.96 -5.46
C THR D 172 -33.10 -43.97 -6.94
N SER D 173 -32.48 -44.81 -7.80
CA SER D 173 -32.80 -44.96 -9.21
C SER D 173 -34.32 -45.13 -9.43
N ILE D 174 -34.97 -45.91 -8.56
CA ILE D 174 -36.42 -46.16 -8.56
C ILE D 174 -37.08 -45.15 -7.61
N ARG D 175 -38.16 -44.49 -8.08
CA ARG D 175 -38.90 -43.48 -7.32
C ARG D 175 -39.60 -44.05 -6.07
N ASP D 176 -40.22 -45.23 -6.20
CA ASP D 176 -40.95 -45.91 -5.13
C ASP D 176 -40.04 -46.32 -3.97
N LYS D 177 -38.87 -46.90 -4.27
CA LYS D 177 -37.90 -47.35 -3.26
C LYS D 177 -37.06 -46.19 -2.73
N ILE D 178 -36.95 -46.08 -1.40
CA ILE D 178 -36.19 -45.03 -0.72
C ILE D 178 -35.05 -45.65 0.08
N LYS D 179 -33.84 -45.07 -0.01
CA LYS D 179 -32.65 -45.54 0.69
C LYS D 179 -32.03 -44.44 1.56
N LYS D 180 -31.73 -44.79 2.82
CA LYS D 180 -31.09 -43.91 3.80
C LYS D 180 -29.59 -43.87 3.49
N GLU D 181 -29.05 -42.70 3.11
CA GLU D 181 -27.64 -42.54 2.76
C GLU D 181 -26.85 -41.65 3.71
N TYR D 182 -25.55 -41.93 3.86
CA TYR D 182 -24.60 -41.18 4.69
C TYR D 182 -23.56 -40.54 3.78
N ALA D 183 -23.37 -39.22 3.88
CA ALA D 183 -22.41 -38.47 3.07
C ALA D 183 -21.80 -37.28 3.82
N LEU D 184 -20.56 -36.92 3.44
CA LEU D 184 -19.81 -35.80 4.02
C LEU D 184 -20.09 -34.47 3.34
N PHE D 185 -19.84 -33.38 4.09
CA PHE D 185 -20.01 -31.99 3.70
C PHE D 185 -19.25 -31.11 4.70
N TYR D 186 -18.89 -29.89 4.29
CA TYR D 186 -18.15 -28.95 5.14
C TYR D 186 -19.08 -28.11 6.04
N LYS D 187 -18.50 -27.40 7.03
CA LYS D 187 -19.21 -26.56 8.00
C LYS D 187 -19.97 -25.39 7.34
N LEU D 188 -21.07 -24.93 8.00
CA LEU D 188 -21.98 -23.84 7.62
C LEU D 188 -23.00 -24.22 6.53
N ASP D 189 -22.84 -25.39 5.88
CA ASP D 189 -23.74 -25.89 4.84
C ASP D 189 -25.13 -26.27 5.37
N VAL D 190 -25.25 -26.47 6.69
CA VAL D 190 -26.49 -26.81 7.39
C VAL D 190 -26.71 -25.90 8.61
N VAL D 191 -27.99 -25.67 8.97
CA VAL D 191 -28.34 -24.83 10.12
C VAL D 191 -29.27 -25.56 11.10
N PRO D 192 -29.05 -25.42 12.44
CA PRO D 192 -29.89 -26.12 13.42
C PRO D 192 -31.35 -25.67 13.51
N LEU D 193 -32.21 -26.56 14.04
CA LEU D 193 -33.64 -26.34 14.24
C LEU D 193 -34.08 -26.92 15.60
N GLU D 194 -33.60 -28.13 15.95
CA GLU D 194 -33.92 -28.81 17.21
C GLU D 194 -32.65 -29.12 18.02
N ASN D 203 -30.83 -36.07 22.69
CA ASN D 203 -29.80 -37.10 22.52
C ASN D 203 -29.08 -36.97 21.17
N ILE D 204 -29.85 -36.79 20.08
CA ILE D 204 -29.34 -36.68 18.70
C ILE D 204 -29.59 -35.28 18.12
N THR D 205 -28.58 -34.75 17.39
CA THR D 205 -28.62 -33.44 16.73
C THR D 205 -29.56 -33.52 15.53
N ASN D 206 -30.64 -32.71 15.56
CA ASN D 206 -31.67 -32.67 14.51
C ASN D 206 -31.67 -31.27 13.86
N TYR D 207 -31.29 -31.18 12.57
CA TYR D 207 -31.22 -29.91 11.85
C TYR D 207 -31.70 -29.96 10.38
N ARG D 208 -31.55 -28.83 9.65
CA ARG D 208 -31.96 -28.62 8.25
C ARG D 208 -30.82 -28.02 7.40
N LEU D 209 -30.98 -28.04 6.06
CA LEU D 209 -30.03 -27.48 5.08
C LEU D 209 -30.35 -25.98 4.86
N ILE D 210 -29.32 -25.15 4.61
CA ILE D 210 -29.43 -23.70 4.40
C ILE D 210 -30.15 -23.33 3.07
N ASN D 211 -30.17 -24.24 2.07
CA ASN D 211 -30.79 -23.98 0.77
C ASN D 211 -32.31 -23.85 0.80
N CYS D 212 -32.97 -24.76 1.51
CA CYS D 212 -34.42 -24.89 1.42
C CYS D 212 -35.01 -23.54 1.66
N ASN D 213 -34.48 -22.85 2.66
CA ASN D 213 -34.95 -21.50 2.86
C ASN D 213 -34.91 -20.83 1.51
N THR D 214 -33.75 -20.25 1.24
CA THR D 214 -33.53 -19.34 0.12
C THR D 214 -33.66 -19.67 -1.37
N SER D 215 -33.12 -20.79 -1.83
CA SER D 215 -33.20 -21.01 -3.27
C SER D 215 -33.13 -22.45 -3.70
N VAL D 216 -33.57 -22.67 -4.93
CA VAL D 216 -33.52 -24.00 -5.51
C VAL D 216 -32.07 -24.30 -5.92
N ILE D 217 -31.48 -25.36 -5.33
CA ILE D 217 -30.10 -25.74 -5.60
C ILE D 217 -30.00 -26.76 -6.74
N THR D 218 -28.92 -26.67 -7.51
CA THR D 218 -28.61 -27.53 -8.64
C THR D 218 -27.14 -27.94 -8.48
N GLN D 219 -26.78 -29.13 -8.98
CA GLN D 219 -25.41 -29.65 -8.96
C GLN D 219 -24.63 -28.96 -10.08
N ALA D 220 -23.42 -28.47 -9.75
CA ALA D 220 -22.56 -27.78 -10.69
C ALA D 220 -21.96 -28.68 -11.76
N CYS D 221 -21.45 -28.04 -12.83
CA CYS D 221 -20.83 -28.63 -14.02
C CYS D 221 -19.68 -29.61 -13.73
N PRO D 222 -19.72 -30.82 -14.33
CA PRO D 222 -18.62 -31.78 -14.14
C PRO D 222 -17.52 -31.60 -15.18
N LYS D 223 -16.25 -31.72 -14.75
CA LYS D 223 -15.02 -31.59 -15.56
C LYS D 223 -14.94 -30.25 -16.34
N VAL D 224 -15.52 -29.18 -15.78
CA VAL D 224 -15.51 -27.84 -16.36
C VAL D 224 -14.67 -26.97 -15.43
N SER D 225 -13.61 -26.34 -15.98
CA SER D 225 -12.71 -25.50 -15.20
C SER D 225 -13.37 -24.19 -14.76
N PHE D 226 -13.46 -23.98 -13.44
CA PHE D 226 -14.03 -22.78 -12.85
C PHE D 226 -12.88 -21.81 -12.51
N GLU D 227 -11.86 -21.79 -13.37
CA GLU D 227 -10.66 -20.95 -13.25
C GLU D 227 -10.53 -20.04 -14.48
N PRO D 228 -10.26 -18.73 -14.27
CA PRO D 228 -10.21 -17.78 -15.40
C PRO D 228 -9.01 -17.90 -16.33
N ILE D 229 -9.21 -17.45 -17.58
CA ILE D 229 -8.26 -17.38 -18.68
C ILE D 229 -8.36 -15.97 -19.31
N PRO D 230 -7.33 -15.41 -20.00
CA PRO D 230 -7.44 -14.04 -20.53
C PRO D 230 -8.61 -13.80 -21.49
N ILE D 231 -9.63 -13.05 -21.00
CA ILE D 231 -10.81 -12.69 -21.79
C ILE D 231 -10.71 -11.22 -22.18
N HIS D 232 -10.27 -10.98 -23.42
CA HIS D 232 -10.13 -9.64 -23.99
C HIS D 232 -11.51 -9.24 -24.55
N TYR D 233 -11.79 -7.93 -24.57
CA TYR D 233 -13.05 -7.40 -25.09
C TYR D 233 -12.85 -6.67 -26.41
N CYS D 234 -13.59 -7.09 -27.44
CA CYS D 234 -13.53 -6.49 -28.77
C CYS D 234 -14.78 -5.68 -29.06
N ALA D 235 -14.59 -4.39 -29.37
CA ALA D 235 -15.69 -3.46 -29.71
C ALA D 235 -16.07 -3.63 -31.18
N PRO D 236 -17.37 -3.50 -31.55
CA PRO D 236 -17.74 -3.70 -32.97
C PRO D 236 -17.24 -2.62 -33.93
N ALA D 237 -17.49 -2.85 -35.23
CA ALA D 237 -17.13 -1.98 -36.35
C ALA D 237 -17.81 -0.61 -36.23
N GLY D 238 -17.05 0.45 -36.48
CA GLY D 238 -17.54 1.82 -36.37
C GLY D 238 -17.45 2.35 -34.95
N PHE D 239 -16.74 1.60 -34.08
CA PHE D 239 -16.50 1.92 -32.67
C PHE D 239 -15.07 1.54 -32.29
N ALA D 240 -14.52 2.23 -31.28
CA ALA D 240 -13.16 1.98 -30.79
C ALA D 240 -13.06 2.14 -29.28
N ILE D 241 -12.18 1.34 -28.67
CA ILE D 241 -11.93 1.39 -27.22
C ILE D 241 -10.69 2.27 -27.02
N LEU D 242 -10.83 3.35 -26.25
CA LEU D 242 -9.69 4.22 -25.97
C LEU D 242 -8.83 3.58 -24.88
N LYS D 243 -7.56 3.27 -25.21
CA LYS D 243 -6.63 2.66 -24.25
C LYS D 243 -5.83 3.72 -23.53
N CYS D 244 -5.79 3.63 -22.20
CA CYS D 244 -5.05 4.56 -21.37
C CYS D 244 -3.86 3.86 -20.73
N ASN D 245 -2.72 3.92 -21.42
CA ASN D 245 -1.47 3.34 -20.94
C ASN D 245 -0.62 4.44 -20.25
N SER D 246 -1.29 5.32 -19.48
CA SER D 246 -0.68 6.41 -18.72
C SER D 246 -0.19 5.90 -17.37
N LYS D 247 0.90 6.50 -16.88
CA LYS D 247 1.60 6.16 -15.65
C LYS D 247 0.76 6.35 -14.38
N THR D 248 0.20 7.56 -14.18
CA THR D 248 -0.58 7.90 -12.98
C THR D 248 -2.05 8.23 -13.26
N PHE D 249 -2.88 8.10 -12.21
CA PHE D 249 -4.32 8.37 -12.20
C PHE D 249 -4.79 8.81 -10.82
N ASN D 250 -5.30 10.03 -11.25
CA ASN D 250 -5.95 10.48 -10.02
C ASN D 250 -7.42 10.08 -10.05
N GLY D 251 -8.13 9.03 -9.76
CA GLY D 251 -9.53 8.64 -9.77
C GLY D 251 -10.31 9.42 -10.81
N SER D 252 -10.08 9.08 -12.11
CA SER D 252 -10.70 9.69 -13.30
C SER D 252 -10.26 11.15 -13.56
N GLY D 253 -9.97 11.45 -14.83
CA GLY D 253 -9.54 12.76 -15.28
C GLY D 253 -8.90 12.78 -16.65
N PRO D 254 -8.26 13.91 -17.07
CA PRO D 254 -7.63 13.95 -18.40
C PRO D 254 -6.30 13.21 -18.44
N CYS D 255 -6.07 12.43 -19.51
CA CYS D 255 -4.86 11.62 -19.66
C CYS D 255 -3.77 12.29 -20.51
N THR D 256 -2.62 11.61 -20.71
CA THR D 256 -1.46 12.15 -21.41
C THR D 256 -1.29 11.61 -22.85
N ASN D 257 -1.31 10.34 -22.98
CA ASN D 257 -0.95 9.55 -24.16
C ASN D 257 -2.09 8.57 -24.33
N VAL D 258 -3.19 9.03 -24.87
CA VAL D 258 -4.33 8.23 -25.20
C VAL D 258 -4.03 7.44 -26.46
N SER D 259 -4.29 6.15 -26.36
CA SER D 259 -4.12 5.18 -27.45
C SER D 259 -5.48 4.69 -27.97
N THR D 260 -5.50 4.09 -29.17
CA THR D 260 -6.71 3.56 -29.79
C THR D 260 -6.59 2.08 -30.10
N VAL D 261 -7.32 1.24 -29.34
CA VAL D 261 -7.31 -0.22 -29.51
C VAL D 261 -8.69 -0.76 -29.87
N GLN D 262 -8.73 -1.84 -30.67
CA GLN D 262 -9.96 -2.52 -31.05
C GLN D 262 -10.10 -3.82 -30.26
N CYS D 263 -9.03 -4.17 -29.50
CA CYS D 263 -8.93 -5.35 -28.64
C CYS D 263 -8.24 -4.93 -27.34
N THR D 264 -8.88 -5.19 -26.19
CA THR D 264 -8.37 -4.82 -24.85
C THR D 264 -7.33 -5.80 -24.29
N HIS D 265 -6.89 -5.56 -23.03
CA HIS D 265 -5.93 -6.35 -22.25
C HIS D 265 -6.52 -7.73 -21.90
N GLY D 266 -5.63 -8.68 -21.56
CA GLY D 266 -6.01 -10.03 -21.16
C GLY D 266 -6.61 -10.06 -19.77
N ILE D 267 -7.83 -9.51 -19.65
CA ILE D 267 -8.58 -9.40 -18.40
C ILE D 267 -9.19 -10.75 -18.01
N ARG D 268 -8.79 -11.26 -16.85
CA ARG D 268 -9.28 -12.52 -16.31
C ARG D 268 -10.47 -12.27 -15.39
N PRO D 269 -11.64 -12.91 -15.64
CA PRO D 269 -12.82 -12.68 -14.77
C PRO D 269 -12.62 -13.09 -13.32
N VAL D 270 -12.19 -12.12 -12.49
CA VAL D 270 -11.89 -12.23 -11.05
C VAL D 270 -13.16 -12.59 -10.25
N VAL D 271 -13.11 -13.71 -9.51
CA VAL D 271 -14.22 -14.18 -8.66
C VAL D 271 -13.72 -14.19 -7.21
N SER D 272 -13.65 -12.98 -6.60
CA SER D 272 -13.18 -12.82 -5.22
C SER D 272 -13.58 -11.49 -4.55
N THR D 273 -13.57 -11.51 -3.21
CA THR D 273 -13.79 -10.36 -2.32
C THR D 273 -12.50 -10.18 -1.51
N GLN D 274 -12.27 -8.96 -0.97
CA GLN D 274 -11.10 -8.55 -0.17
C GLN D 274 -9.83 -8.35 -1.02
N LEU D 275 -9.34 -9.42 -1.69
CA LEU D 275 -8.14 -9.36 -2.51
C LEU D 275 -8.43 -9.64 -3.98
N LEU D 276 -7.64 -9.02 -4.87
CA LEU D 276 -7.76 -9.18 -6.32
C LEU D 276 -6.70 -10.17 -6.79
N LEU D 277 -7.09 -11.12 -7.64
CA LEU D 277 -6.17 -12.12 -8.18
C LEU D 277 -5.41 -11.93 -9.53
N ASN D 278 -6.01 -11.31 -10.55
CA ASN D 278 -5.28 -11.23 -11.81
C ASN D 278 -5.22 -9.82 -12.37
N GLY D 279 -4.43 -9.64 -13.39
CA GLY D 279 -4.55 -8.36 -14.04
C GLY D 279 -3.54 -7.27 -13.98
N SER D 280 -4.00 -6.13 -14.44
CA SER D 280 -3.13 -4.97 -14.57
C SER D 280 -2.38 -4.59 -13.29
N LEU D 281 -1.06 -4.42 -13.42
CA LEU D 281 -0.14 -4.03 -12.36
C LEU D 281 0.65 -2.83 -12.87
N ALA D 282 0.13 -1.62 -12.66
CA ALA D 282 0.77 -0.39 -13.09
C ALA D 282 1.98 -0.12 -12.18
N GLU D 283 3.16 -0.12 -12.79
CA GLU D 283 4.46 0.03 -12.13
C GLU D 283 4.96 1.38 -11.60
N GLU D 284 5.91 1.24 -10.67
CA GLU D 284 6.72 2.26 -9.97
C GLU D 284 6.09 2.95 -8.76
N GLU D 285 4.79 2.72 -8.57
CA GLU D 285 4.05 3.28 -7.44
C GLU D 285 2.75 2.53 -7.30
N ILE D 286 2.11 2.62 -6.14
CA ILE D 286 0.79 1.98 -6.04
C ILE D 286 -0.31 2.95 -6.42
N VAL D 287 -1.09 2.60 -7.45
CA VAL D 287 -2.14 3.46 -7.98
C VAL D 287 -3.38 3.40 -7.09
N ILE D 288 -3.92 4.58 -6.73
CA ILE D 288 -5.10 4.71 -5.89
C ILE D 288 -6.30 5.03 -6.78
N ARG D 289 -7.21 4.05 -6.95
CA ARG D 289 -8.42 4.23 -7.74
C ARG D 289 -9.43 4.90 -6.83
N SER D 290 -9.83 6.13 -7.18
CA SER D 290 -10.76 6.89 -6.37
C SER D 290 -12.11 7.14 -7.02
N GLU D 291 -13.11 6.35 -6.63
CA GLU D 291 -14.50 6.51 -7.06
C GLU D 291 -15.03 7.74 -6.29
N ASN D 292 -14.52 7.44 -5.11
CA ASN D 292 -14.81 8.58 -4.20
C ASN D 292 -13.92 8.48 -2.95
N ILE D 293 -13.34 9.62 -2.56
CA ILE D 293 -12.43 9.72 -1.40
C ILE D 293 -12.66 10.76 -0.27
N THR D 294 -13.19 11.94 -0.56
CA THR D 294 -13.33 12.98 0.50
C THR D 294 -14.22 12.51 1.64
N ASP D 295 -15.32 11.91 1.24
CA ASP D 295 -16.31 11.25 2.07
C ASP D 295 -15.86 9.79 2.24
N ASN D 296 -15.55 9.39 3.49
CA ASN D 296 -15.06 8.06 3.85
C ASN D 296 -15.96 6.92 3.33
N ALA D 297 -17.29 7.09 3.47
CA ALA D 297 -18.39 6.18 3.13
C ALA D 297 -18.22 5.32 1.87
N LYS D 298 -17.67 5.88 0.79
CA LYS D 298 -17.51 5.15 -0.47
C LYS D 298 -16.23 4.32 -0.57
N THR D 299 -16.31 3.21 -1.31
CA THR D 299 -15.26 2.23 -1.56
C THR D 299 -14.06 2.79 -2.33
N ILE D 300 -12.84 2.30 -2.00
CA ILE D 300 -11.58 2.69 -2.65
C ILE D 300 -10.78 1.44 -3.03
N ILE D 301 -10.48 1.29 -4.33
CA ILE D 301 -9.71 0.19 -4.89
C ILE D 301 -8.26 0.67 -5.05
N VAL D 302 -7.27 -0.21 -4.79
CA VAL D 302 -5.85 0.17 -4.91
C VAL D 302 -5.08 -0.85 -5.76
N GLN D 303 -4.52 -0.37 -6.89
CA GLN D 303 -3.69 -1.16 -7.80
C GLN D 303 -2.28 -1.26 -7.25
N LEU D 304 -1.70 -2.47 -7.28
CA LEU D 304 -0.34 -2.70 -6.79
C LEU D 304 0.70 -2.46 -7.88
N ASN D 305 1.92 -2.07 -7.47
CA ASN D 305 3.03 -1.81 -8.38
C ASN D 305 3.75 -3.10 -8.77
N GLU D 306 3.97 -3.99 -7.78
CA GLU D 306 4.64 -5.28 -7.94
C GLU D 306 3.81 -6.37 -7.30
N ALA D 307 3.65 -7.51 -8.00
CA ALA D 307 2.87 -8.66 -7.58
C ALA D 307 3.37 -9.33 -6.30
N VAL D 308 2.43 -9.74 -5.45
CA VAL D 308 2.70 -10.42 -4.19
C VAL D 308 2.12 -11.84 -4.33
N GLU D 309 2.98 -12.82 -4.66
CA GLU D 309 2.66 -14.22 -4.88
C GLU D 309 1.95 -14.89 -3.71
N ILE D 310 0.84 -15.58 -3.97
CA ILE D 310 0.19 -16.29 -2.90
C ILE D 310 -0.09 -17.77 -3.18
N ASN D 311 0.50 -18.65 -2.36
CA ASN D 311 0.19 -20.07 -2.43
C ASN D 311 -1.21 -20.33 -1.90
N CYS D 312 -2.16 -21.38 -2.09
CA CYS D 312 -3.45 -21.95 -1.70
C CYS D 312 -3.56 -23.44 -1.97
N THR D 313 -3.51 -24.21 -0.89
CA THR D 313 -3.63 -25.66 -0.93
C THR D 313 -4.82 -26.09 -0.06
N ARG D 314 -5.12 -27.40 -0.06
CA ARG D 314 -6.20 -28.01 0.74
C ARG D 314 -5.77 -29.46 0.97
N PRO D 315 -5.04 -29.74 2.06
CA PRO D 315 -4.55 -31.11 2.28
C PRO D 315 -5.63 -32.05 2.86
N ASN D 316 -6.86 -31.86 2.38
CA ASN D 316 -8.03 -32.67 2.71
C ASN D 316 -8.19 -33.61 1.53
N ASN D 317 -7.85 -34.92 1.68
CA ASN D 317 -7.76 -35.78 0.51
C ASN D 317 -9.09 -36.51 0.41
N ASN D 318 -10.12 -36.30 -0.46
CA ASN D 318 -11.50 -36.76 -0.61
C ASN D 318 -11.70 -37.71 -1.78
N THR D 319 -12.49 -38.77 -1.56
CA THR D 319 -12.85 -39.80 -2.56
C THR D 319 -14.15 -39.42 -3.29
N ARG D 320 -14.58 -40.23 -4.28
CA ARG D 320 -15.77 -39.94 -5.09
C ARG D 320 -16.98 -40.83 -4.74
N LYS D 321 -18.04 -40.19 -4.23
CA LYS D 321 -19.31 -40.84 -3.85
C LYS D 321 -20.46 -40.34 -4.71
N SER D 322 -21.03 -41.24 -5.52
CA SER D 322 -22.14 -40.93 -6.43
C SER D 322 -23.45 -41.62 -6.02
N ILE D 323 -24.48 -40.81 -5.73
CA ILE D 323 -25.81 -41.29 -5.37
C ILE D 323 -26.82 -40.73 -6.37
N HIS D 324 -27.57 -41.62 -7.04
CA HIS D 324 -28.53 -41.23 -8.06
C HIS D 324 -29.87 -40.78 -7.48
N ILE D 325 -30.29 -39.57 -7.88
CA ILE D 325 -31.56 -38.97 -7.46
C ILE D 325 -32.55 -39.21 -8.60
N GLY D 326 -33.44 -40.20 -8.41
CA GLY D 326 -34.43 -40.59 -9.40
C GLY D 326 -33.81 -41.23 -10.63
N PRO D 327 -34.43 -41.07 -11.83
CA PRO D 327 -33.84 -41.68 -13.03
C PRO D 327 -32.71 -40.87 -13.65
N GLY D 328 -31.66 -41.58 -14.06
CA GLY D 328 -30.48 -41.02 -14.73
C GLY D 328 -29.56 -40.14 -13.89
N ARG D 329 -30.10 -39.01 -13.38
CA ARG D 329 -29.44 -37.98 -12.58
C ARG D 329 -28.46 -38.54 -11.55
N ALA D 330 -27.21 -38.02 -11.53
CA ALA D 330 -26.16 -38.46 -10.61
C ALA D 330 -25.65 -37.32 -9.74
N PHE D 331 -25.65 -37.52 -8.40
CA PHE D 331 -25.17 -36.54 -7.43
C PHE D 331 -23.84 -36.97 -6.83
N TYR D 332 -22.83 -36.11 -6.99
CA TYR D 332 -21.46 -36.34 -6.50
C TYR D 332 -21.16 -35.48 -5.28
N ALA D 333 -20.78 -36.13 -4.17
CA ALA D 333 -20.46 -35.49 -2.90
C ALA D 333 -19.13 -35.99 -2.32
N THR D 334 -18.62 -35.31 -1.26
CA THR D 334 -17.37 -35.63 -0.55
C THR D 334 -17.40 -37.06 0.00
N GLY D 335 -16.42 -37.88 -0.38
CA GLY D 335 -16.34 -39.26 0.07
C GLY D 335 -15.77 -39.42 1.46
N ASP D 336 -14.49 -39.76 1.55
CA ASP D 336 -13.82 -39.94 2.84
C ASP D 336 -12.45 -39.26 2.84
N ILE D 337 -12.11 -38.57 3.93
CA ILE D 337 -10.84 -37.86 4.05
C ILE D 337 -9.73 -38.81 4.54
N ILE D 338 -8.70 -39.04 3.70
CA ILE D 338 -7.56 -39.92 3.96
C ILE D 338 -6.40 -39.15 4.63
N GLY D 339 -6.14 -39.48 5.89
CA GLY D 339 -5.08 -38.87 6.67
C GLY D 339 -5.53 -38.09 7.89
N ASN D 340 -4.67 -37.18 8.38
CA ASN D 340 -4.92 -36.34 9.55
C ASN D 340 -5.85 -35.17 9.22
N ILE D 341 -6.66 -34.75 10.22
CA ILE D 341 -7.60 -33.62 10.10
C ILE D 341 -6.80 -32.31 10.12
N ARG D 342 -6.99 -31.48 9.08
CA ARG D 342 -6.27 -30.21 8.92
C ARG D 342 -7.04 -29.14 8.16
N GLN D 343 -6.68 -27.86 8.39
CA GLN D 343 -7.27 -26.69 7.76
C GLN D 343 -6.78 -26.62 6.30
N ALA D 344 -7.48 -25.82 5.46
CA ALA D 344 -7.11 -25.63 4.04
C ALA D 344 -5.64 -25.26 3.85
N HIS D 345 -5.19 -24.18 4.48
CA HIS D 345 -3.80 -23.72 4.41
C HIS D 345 -3.39 -22.90 3.17
N CYS D 346 -3.72 -21.61 3.12
CA CYS D 346 -3.34 -20.78 1.98
C CYS D 346 -1.84 -20.40 1.91
N ASN D 347 -1.32 -19.79 2.98
CA ASN D 347 0.09 -19.35 3.17
C ASN D 347 0.45 -18.06 2.43
N ILE D 348 1.35 -17.26 3.02
CA ILE D 348 1.79 -15.99 2.43
C ILE D 348 3.12 -15.55 3.01
N SER D 349 3.81 -14.63 2.34
CA SER D 349 5.04 -14.12 2.96
C SER D 349 4.76 -13.06 4.03
N LYS D 350 5.70 -12.94 4.98
CA LYS D 350 5.66 -12.02 6.10
C LYS D 350 6.25 -10.67 5.65
N ALA D 351 7.54 -10.67 5.26
CA ALA D 351 8.29 -9.49 4.84
C ALA D 351 7.86 -8.88 3.49
N ARG D 352 7.48 -9.71 2.52
CA ARG D 352 7.12 -9.16 1.22
C ARG D 352 5.91 -8.27 1.33
N TRP D 353 4.94 -8.76 2.08
CA TRP D 353 3.71 -8.05 2.32
C TRP D 353 4.00 -6.78 3.07
N ASN D 354 4.88 -6.89 4.06
CA ASN D 354 5.20 -5.76 4.89
C ASN D 354 5.76 -4.68 4.01
N GLU D 355 6.52 -5.12 3.02
CA GLU D 355 7.19 -4.18 2.13
C GLU D 355 6.17 -3.47 1.23
N THR D 356 5.12 -4.19 0.80
CA THR D 356 4.04 -3.69 -0.04
C THR D 356 3.18 -2.72 0.77
N LEU D 357 2.95 -3.03 2.07
CA LEU D 357 2.20 -2.20 3.02
C LEU D 357 2.94 -0.88 3.30
N GLY D 358 4.28 -0.94 3.25
CA GLY D 358 5.18 0.20 3.47
C GLY D 358 4.82 1.44 2.67
N GLN D 359 4.51 1.26 1.37
CA GLN D 359 4.11 2.34 0.48
C GLN D 359 2.60 2.66 0.58
N ILE D 360 1.78 1.69 1.08
CA ILE D 360 0.33 1.86 1.26
C ILE D 360 0.08 2.90 2.37
N VAL D 361 0.75 2.74 3.53
CA VAL D 361 0.65 3.65 4.68
C VAL D 361 1.25 5.02 4.36
N ALA D 362 2.29 5.06 3.50
CA ALA D 362 2.98 6.28 3.07
C ALA D 362 2.12 7.09 2.11
N LYS D 363 1.36 6.41 1.23
CA LYS D 363 0.46 7.05 0.26
C LYS D 363 -0.78 7.63 0.93
N LEU D 364 -1.31 6.93 1.95
CA LEU D 364 -2.49 7.38 2.71
C LEU D 364 -2.21 8.61 3.58
N GLU D 365 -0.91 8.86 3.93
CA GLU D 365 -0.47 10.03 4.70
C GLU D 365 -0.54 11.28 3.80
N GLU D 366 -0.37 11.08 2.48
CA GLU D 366 -0.42 12.11 1.46
C GLU D 366 -1.87 12.41 1.06
N GLN D 367 -2.70 11.35 0.90
CA GLN D 367 -4.11 11.44 0.52
C GLN D 367 -4.97 11.96 1.69
N PHE D 368 -4.85 11.33 2.88
CA PHE D 368 -5.60 11.70 4.09
C PHE D 368 -4.81 12.65 5.04
N PRO D 369 -5.50 13.40 5.95
CA PRO D 369 -4.77 14.37 6.79
C PRO D 369 -3.78 13.83 7.82
N ASN D 370 -2.54 14.38 7.76
CA ASN D 370 -1.38 14.13 8.62
C ASN D 370 -1.15 12.64 8.97
N LYS D 371 -0.93 12.33 10.27
CA LYS D 371 -0.69 10.98 10.78
C LYS D 371 -1.80 10.55 11.75
N THR D 372 -3.05 10.95 11.46
CA THR D 372 -4.23 10.65 12.29
C THR D 372 -4.46 9.13 12.42
N ILE D 373 -4.90 8.66 13.63
CA ILE D 373 -5.13 7.25 13.98
C ILE D 373 -5.96 6.54 12.88
N ILE D 374 -5.44 5.42 12.31
CA ILE D 374 -6.04 4.74 11.15
C ILE D 374 -5.98 3.17 11.04
N PHE D 375 -6.28 2.39 12.10
CA PHE D 375 -6.21 0.92 11.95
C PHE D 375 -7.36 0.11 12.59
N ASN D 376 -7.77 -1.06 11.89
CA ASN D 376 -8.76 -1.97 12.47
C ASN D 376 -9.05 -3.08 11.47
N HIS D 377 -9.89 -4.05 11.71
CA HIS D 377 -10.19 -5.27 10.95
C HIS D 377 -11.60 -5.18 10.33
N SER D 378 -11.95 -6.15 9.44
CA SER D 378 -13.25 -6.26 8.75
C SER D 378 -14.41 -6.21 9.76
N SER D 379 -15.32 -5.24 9.60
CA SER D 379 -16.45 -5.01 10.51
C SER D 379 -17.74 -5.74 10.10
N GLY D 380 -18.29 -6.53 11.04
CA GLY D 380 -19.51 -7.30 10.89
C GLY D 380 -19.47 -8.34 9.78
N GLY D 381 -20.50 -8.30 8.93
CA GLY D 381 -20.65 -9.13 7.74
C GLY D 381 -20.80 -10.64 7.88
N ASP D 382 -21.27 -11.26 6.78
CA ASP D 382 -21.46 -12.70 6.62
C ASP D 382 -20.13 -13.34 6.17
N PRO D 383 -19.96 -14.70 6.16
CA PRO D 383 -18.64 -15.27 5.77
C PRO D 383 -18.07 -14.73 4.44
N GLU D 384 -18.85 -14.82 3.35
CA GLU D 384 -18.47 -14.38 2.00
C GLU D 384 -18.05 -12.89 1.88
N ILE D 385 -18.66 -12.00 2.68
CA ILE D 385 -18.43 -10.55 2.63
C ILE D 385 -17.12 -10.09 3.30
N VAL D 386 -16.88 -10.50 4.56
CA VAL D 386 -15.72 -10.06 5.36
C VAL D 386 -14.46 -10.94 5.21
N THR D 387 -14.57 -12.14 4.62
CA THR D 387 -13.39 -12.99 4.40
C THR D 387 -12.97 -13.00 2.93
N HIS D 388 -11.70 -13.32 2.67
CA HIS D 388 -11.14 -13.40 1.32
C HIS D 388 -11.70 -14.68 0.64
N SER D 389 -12.93 -14.56 0.13
CA SER D 389 -13.67 -15.63 -0.53
C SER D 389 -13.21 -15.72 -1.99
N PHE D 390 -12.59 -16.85 -2.37
CA PHE D 390 -12.06 -17.05 -3.73
C PHE D 390 -12.06 -18.51 -4.19
N ASN D 391 -12.21 -18.71 -5.51
CA ASN D 391 -12.20 -20.01 -6.15
C ASN D 391 -10.74 -20.41 -6.38
N CYS D 392 -10.37 -21.63 -5.98
CA CYS D 392 -9.00 -22.15 -6.15
C CYS D 392 -9.04 -23.66 -6.33
N GLY D 393 -8.74 -24.11 -7.55
CA GLY D 393 -8.74 -25.51 -7.92
C GLY D 393 -10.12 -26.14 -8.06
N GLY D 394 -11.15 -25.38 -7.65
CA GLY D 394 -12.55 -25.81 -7.71
C GLY D 394 -13.35 -25.32 -6.52
N GLU D 395 -12.89 -25.65 -5.30
CA GLU D 395 -13.55 -25.27 -4.04
C GLU D 395 -13.36 -23.81 -3.65
N PHE D 396 -14.29 -23.29 -2.83
CA PHE D 396 -14.29 -21.91 -2.34
C PHE D 396 -13.65 -21.79 -0.96
N PHE D 397 -12.55 -21.02 -0.89
CA PHE D 397 -11.76 -20.80 0.32
C PHE D 397 -12.21 -19.54 1.04
N TYR D 398 -12.36 -19.63 2.37
CA TYR D 398 -12.82 -18.52 3.21
C TYR D 398 -11.79 -18.18 4.30
N CYS D 399 -10.62 -17.70 3.86
CA CYS D 399 -9.48 -17.32 4.72
C CYS D 399 -9.62 -15.92 5.32
N ASN D 400 -9.03 -15.72 6.59
CA ASN D 400 -9.21 -14.61 7.53
C ASN D 400 -8.42 -13.35 7.12
N THR D 401 -8.84 -12.11 7.32
CA THR D 401 -8.18 -10.84 7.00
C THR D 401 -7.82 -10.10 8.30
N THR D 402 -7.56 -10.89 9.36
CA THR D 402 -7.19 -10.41 10.70
C THR D 402 -5.66 -10.23 10.85
N PRO D 403 -4.75 -11.16 10.45
CA PRO D 403 -3.31 -10.93 10.65
C PRO D 403 -2.70 -9.75 9.85
N LEU D 404 -3.47 -9.20 8.89
CA LEU D 404 -3.02 -8.09 8.05
C LEU D 404 -3.14 -6.73 8.76
N PHE D 405 -4.35 -6.43 9.26
CA PHE D 405 -4.71 -5.17 9.91
C PHE D 405 -4.32 -5.12 11.41
N ASN D 406 -3.43 -5.89 11.98
CA ASN D 406 -2.77 -6.25 13.22
C ASN D 406 -1.54 -5.35 13.45
N SER D 407 -1.10 -4.79 12.14
CA SER D 407 -0.06 -3.81 12.17
C SER D 407 -0.59 -2.41 12.19
N THR D 408 -0.18 -1.71 13.22
CA THR D 408 -0.48 -0.28 13.40
C THR D 408 0.84 0.49 13.27
N TRP D 409 0.94 1.31 12.22
CA TRP D 409 2.13 2.11 11.91
C TRP D 409 1.78 3.48 11.34
N ASN D 410 2.51 4.53 11.79
CA ASN D 410 2.32 5.91 11.35
C ASN D 410 3.40 6.39 10.37
N ASN D 411 4.63 6.47 10.87
CA ASN D 411 5.68 7.02 10.06
C ASN D 411 6.12 5.99 9.05
N THR D 412 5.57 6.21 7.86
CA THR D 412 5.84 5.43 6.65
C THR D 412 6.09 3.94 6.93
N GLY D 421 9.99 -23.29 2.33
CA GLY D 421 10.52 -22.28 1.43
C GLY D 421 10.63 -20.91 2.08
N GLU D 422 9.50 -20.19 2.15
CA GLU D 422 9.36 -18.85 2.75
C GLU D 422 8.70 -18.90 4.15
N GLN D 423 8.39 -17.71 4.75
CA GLN D 423 7.79 -17.57 6.08
C GLN D 423 6.35 -18.08 6.15
N ASN D 424 6.01 -18.75 7.26
CA ASN D 424 4.70 -19.35 7.56
C ASN D 424 3.63 -18.36 8.02
N ILE D 425 2.92 -17.76 7.05
CA ILE D 425 1.81 -16.85 7.37
C ILE D 425 0.55 -17.40 6.73
N THR D 426 -0.42 -17.77 7.58
CA THR D 426 -1.71 -18.31 7.15
C THR D 426 -2.86 -17.64 7.90
N LEU D 427 -4.08 -17.86 7.39
CA LEU D 427 -5.32 -17.28 7.90
C LEU D 427 -6.33 -18.39 8.27
N GLN D 428 -7.42 -18.04 8.99
CA GLN D 428 -8.44 -19.00 9.42
C GLN D 428 -9.22 -19.54 8.21
N CYS D 429 -8.68 -20.59 7.59
CA CYS D 429 -9.22 -21.23 6.39
C CYS D 429 -10.39 -22.16 6.68
N ARG D 430 -11.48 -22.00 5.91
CA ARG D 430 -12.71 -22.79 6.00
C ARG D 430 -13.30 -23.03 4.60
N ILE D 431 -13.80 -24.25 4.34
CA ILE D 431 -14.40 -24.66 3.06
C ILE D 431 -15.93 -24.61 3.15
N LYS D 432 -16.60 -24.34 2.02
CA LYS D 432 -18.05 -24.27 1.89
C LYS D 432 -18.46 -24.75 0.49
N GLN D 433 -19.47 -25.65 0.41
CA GLN D 433 -19.96 -26.20 -0.85
C GLN D 433 -21.26 -25.55 -1.33
N ILE D 434 -22.20 -25.25 -0.42
CA ILE D 434 -23.47 -24.58 -0.77
C ILE D 434 -23.11 -23.12 -1.08
N ILE D 435 -23.06 -22.76 -2.38
CA ILE D 435 -22.68 -21.42 -2.80
C ILE D 435 -23.57 -20.86 -3.92
N ASN D 436 -24.38 -19.84 -3.58
CA ASN D 436 -25.23 -19.12 -4.51
C ASN D 436 -24.65 -17.69 -4.61
N MET D 437 -23.34 -17.62 -5.00
CA MET D 437 -22.54 -16.40 -5.13
C MET D 437 -23.28 -15.24 -5.80
N TRP D 438 -23.06 -14.01 -5.29
CA TRP D 438 -23.69 -12.74 -5.69
C TRP D 438 -25.18 -12.75 -5.33
N GLN D 439 -25.54 -13.61 -4.35
CA GLN D 439 -26.86 -13.86 -3.80
C GLN D 439 -27.87 -14.29 -4.88
N GLY D 440 -27.82 -15.57 -5.24
CA GLY D 440 -28.70 -16.18 -6.22
C GLY D 440 -30.01 -16.62 -5.60
N VAL D 441 -31.01 -15.73 -5.63
CA VAL D 441 -32.35 -15.96 -5.05
C VAL D 441 -33.23 -16.90 -5.91
N GLY D 442 -32.75 -17.27 -7.10
CA GLY D 442 -33.44 -18.17 -8.02
C GLY D 442 -32.75 -19.52 -8.13
N LYS D 443 -31.58 -19.54 -8.78
CA LYS D 443 -30.78 -20.75 -9.00
C LYS D 443 -29.53 -20.76 -8.11
N ALA D 444 -29.50 -21.70 -7.13
CA ALA D 444 -28.38 -21.89 -6.21
C ALA D 444 -27.46 -22.99 -6.74
N MET D 445 -26.16 -22.90 -6.46
CA MET D 445 -25.16 -23.83 -6.95
C MET D 445 -24.46 -24.61 -5.83
N TYR D 446 -24.26 -25.92 -6.05
CA TYR D 446 -23.53 -26.79 -5.12
C TYR D 446 -22.15 -27.05 -5.71
N ALA D 447 -21.10 -26.57 -5.02
CA ALA D 447 -19.72 -26.74 -5.46
C ALA D 447 -19.30 -28.21 -5.31
N PRO D 448 -18.85 -28.88 -6.39
CA PRO D 448 -18.44 -30.29 -6.25
C PRO D 448 -17.02 -30.42 -5.69
N PRO D 449 -16.76 -31.41 -4.79
CA PRO D 449 -15.39 -31.56 -4.25
C PRO D 449 -14.35 -31.95 -5.30
N ILE D 450 -13.06 -31.65 -5.06
CA ILE D 450 -12.00 -31.96 -6.02
C ILE D 450 -11.07 -33.05 -5.47
N ARG D 451 -11.12 -34.24 -6.11
CA ARG D 451 -10.36 -35.44 -5.74
C ARG D 451 -8.84 -35.26 -5.81
N GLY D 452 -8.21 -35.20 -4.63
CA GLY D 452 -6.77 -35.12 -4.47
C GLY D 452 -6.13 -33.76 -4.31
N GLN D 453 -5.13 -33.51 -5.16
CA GLN D 453 -4.26 -32.32 -5.23
C GLN D 453 -5.02 -31.00 -5.35
N ILE D 454 -4.52 -29.96 -4.64
CA ILE D 454 -5.04 -28.59 -4.65
C ILE D 454 -3.84 -27.64 -4.72
N ARG D 455 -3.69 -26.92 -5.85
CA ARG D 455 -2.59 -25.97 -6.10
C ARG D 455 -3.12 -24.54 -6.31
N CYS D 456 -2.22 -23.54 -6.26
CA CYS D 456 -2.59 -22.13 -6.35
C CYS D 456 -2.19 -21.46 -7.69
N SER D 457 -0.87 -21.20 -7.89
CA SER D 457 -0.29 -20.51 -9.06
C SER D 457 -1.07 -19.22 -9.40
N SER D 458 -1.48 -18.48 -8.34
CA SER D 458 -2.27 -17.26 -8.42
C SER D 458 -1.49 -16.02 -7.96
N ASN D 459 -2.19 -14.87 -7.80
CA ASN D 459 -1.55 -13.62 -7.41
C ASN D 459 -2.44 -12.70 -6.53
N ILE D 460 -1.85 -11.56 -6.21
CA ILE D 460 -2.48 -10.48 -5.50
C ILE D 460 -2.33 -9.39 -6.52
N THR D 461 -3.43 -8.85 -7.02
CA THR D 461 -3.36 -7.78 -8.02
C THR D 461 -4.00 -6.49 -7.54
N GLY D 462 -4.27 -6.42 -6.25
CA GLY D 462 -4.97 -5.30 -5.63
C GLY D 462 -5.76 -5.66 -4.39
N LEU D 463 -6.55 -4.70 -3.89
CA LEU D 463 -7.40 -4.84 -2.70
C LEU D 463 -8.55 -3.81 -2.65
N LEU D 464 -9.53 -4.04 -1.74
CA LEU D 464 -10.70 -3.18 -1.56
C LEU D 464 -10.83 -2.72 -0.11
N LEU D 465 -11.01 -1.41 0.11
CA LEU D 465 -11.12 -0.79 1.44
C LEU D 465 -12.50 -0.16 1.69
N THR D 466 -12.71 0.45 2.89
CA THR D 466 -13.98 1.10 3.26
C THR D 466 -13.76 2.39 4.12
N ARG D 467 -14.85 2.84 4.79
CA ARG D 467 -14.98 4.03 5.63
C ARG D 467 -14.57 3.83 7.10
N ASP D 468 -14.85 4.87 7.90
CA ASP D 468 -14.73 4.94 9.35
C ASP D 468 -15.92 5.77 9.86
N GLY D 469 -17.13 5.29 9.59
CA GLY D 469 -18.39 5.93 9.96
C GLY D 469 -18.57 7.33 9.40
N GLY D 470 -19.10 8.22 10.24
CA GLY D 470 -19.34 9.61 9.91
C GLY D 470 -18.89 10.57 11.00
N ARG D 471 -17.64 10.39 11.48
CA ARG D 471 -17.02 11.20 12.52
C ARG D 471 -16.71 12.61 12.02
N ASP D 472 -17.01 13.62 12.81
CA ASP D 472 -16.73 14.99 12.38
C ASP D 472 -15.33 15.35 12.85
N GLN D 473 -14.49 15.81 11.92
CA GLN D 473 -13.13 16.21 12.22
C GLN D 473 -12.39 15.08 12.93
N ASN D 474 -11.87 15.38 14.12
CA ASN D 474 -11.20 14.38 14.95
C ASN D 474 -9.76 14.01 14.59
N GLY D 475 -9.27 13.00 15.29
CA GLY D 475 -7.93 12.44 15.14
C GLY D 475 -7.99 10.95 14.89
N THR D 476 -9.21 10.38 14.93
CA THR D 476 -9.48 8.95 14.73
C THR D 476 -10.28 8.72 13.44
N GLU D 477 -9.68 7.99 12.48
CA GLU D 477 -10.27 7.63 11.19
C GLU D 477 -9.82 6.22 10.73
N THR D 478 -9.91 5.22 11.64
CA THR D 478 -9.50 3.81 11.45
C THR D 478 -10.09 3.17 10.19
N PHE D 479 -9.23 2.79 9.22
CA PHE D 479 -9.66 2.17 7.97
C PHE D 479 -9.47 0.66 7.94
N ARG D 480 -10.46 -0.05 7.37
CA ARG D 480 -10.55 -1.51 7.31
C ARG D 480 -11.06 -2.04 5.93
N PRO D 481 -11.05 -3.37 5.64
CA PRO D 481 -11.56 -3.83 4.33
C PRO D 481 -13.07 -4.13 4.39
N GLY D 482 -13.87 -3.28 3.76
CA GLY D 482 -15.32 -3.44 3.73
C GLY D 482 -15.95 -3.26 2.36
N GLY D 483 -15.18 -3.58 1.32
CA GLY D 483 -15.62 -3.47 -0.06
C GLY D 483 -16.52 -4.63 -0.43
N GLY D 484 -17.81 -4.35 -0.59
CA GLY D 484 -18.84 -5.34 -0.93
C GLY D 484 -19.44 -5.14 -2.29
N ASN D 485 -18.62 -5.29 -3.35
CA ASN D 485 -19.05 -5.14 -4.74
C ASN D 485 -18.16 -5.94 -5.69
N MET D 486 -18.76 -6.49 -6.76
CA MET D 486 -18.03 -7.28 -7.76
C MET D 486 -17.63 -6.43 -8.96
N ARG D 487 -18.34 -5.30 -9.16
CA ARG D 487 -18.09 -4.35 -10.24
C ARG D 487 -16.74 -3.65 -10.04
N ASP D 488 -16.46 -3.21 -8.79
CA ASP D 488 -15.21 -2.55 -8.40
C ASP D 488 -13.98 -3.45 -8.58
N ASN D 489 -14.19 -4.78 -8.62
CA ASN D 489 -13.13 -5.78 -8.81
C ASN D 489 -12.55 -5.73 -10.22
N TRP D 490 -13.36 -5.31 -11.20
CA TRP D 490 -12.93 -5.17 -12.59
C TRP D 490 -12.61 -3.72 -12.92
N ARG D 491 -12.74 -2.82 -11.92
CA ARG D 491 -12.43 -1.40 -12.05
C ARG D 491 -10.92 -1.14 -11.94
N SER D 492 -10.14 -2.21 -11.65
CA SER D 492 -8.68 -2.22 -11.59
C SER D 492 -8.15 -2.85 -12.90
N GLU D 493 -9.08 -3.08 -13.85
CA GLU D 493 -8.82 -3.69 -15.17
C GLU D 493 -9.34 -2.82 -16.30
N LEU D 494 -10.55 -2.24 -16.13
CA LEU D 494 -11.22 -1.40 -17.12
C LEU D 494 -11.08 0.10 -16.80
N TYR D 495 -10.13 0.45 -15.90
CA TYR D 495 -9.82 1.82 -15.49
C TYR D 495 -9.27 2.63 -16.67
N LYS D 496 -8.54 1.94 -17.55
CA LYS D 496 -7.86 2.46 -18.74
C LYS D 496 -8.70 2.40 -20.00
N TYR D 497 -9.98 1.98 -19.88
CA TYR D 497 -10.86 1.83 -21.04
C TYR D 497 -12.08 2.72 -21.02
N LYS D 498 -12.48 3.19 -22.22
CA LYS D 498 -13.63 4.05 -22.49
C LYS D 498 -14.02 3.89 -23.97
N VAL D 499 -15.21 3.33 -24.23
CA VAL D 499 -15.74 3.10 -25.57
C VAL D 499 -16.22 4.41 -26.20
N VAL D 500 -15.93 4.59 -27.50
CA VAL D 500 -16.34 5.77 -28.27
C VAL D 500 -16.93 5.39 -29.64
N LYS D 501 -17.91 6.18 -30.11
CA LYS D 501 -18.60 6.01 -31.38
C LYS D 501 -17.88 6.85 -32.44
N ILE D 502 -17.44 6.21 -33.54
CA ILE D 502 -16.71 6.89 -34.63
C ILE D 502 -17.68 7.60 -35.58
N GLU D 503 -17.39 8.88 -35.89
CA GLU D 503 -18.17 9.71 -36.80
C GLU D 503 -17.33 9.99 -38.08
N PRO D 504 -17.45 9.13 -39.13
CA PRO D 504 -16.61 9.32 -40.32
C PRO D 504 -17.04 10.48 -41.23
N LEU D 505 -18.31 10.92 -41.12
CA LEU D 505 -18.82 12.03 -41.93
C LEU D 505 -18.37 13.37 -41.35
N GLY D 506 -17.77 14.19 -42.21
CA GLY D 506 -17.26 15.51 -41.85
C GLY D 506 -17.53 16.56 -42.92
N ILE D 507 -18.00 17.74 -42.49
CA ILE D 507 -18.33 18.86 -43.35
C ILE D 507 -17.35 20.01 -43.10
N ALA D 508 -16.54 20.37 -44.11
CA ALA D 508 -15.57 21.48 -44.01
C ALA D 508 -15.54 22.35 -45.26
N PRO D 509 -15.73 23.68 -45.12
CA PRO D 509 -15.70 24.55 -46.31
C PRO D 509 -14.30 24.93 -46.76
N THR D 510 -14.10 25.00 -48.09
CA THR D 510 -12.85 25.36 -48.76
C THR D 510 -13.12 25.86 -50.20
N ALA D 511 -12.21 26.69 -50.74
CA ALA D 511 -12.33 27.28 -52.08
C ALA D 511 -12.18 26.26 -53.23
N CYS D 512 -13.31 25.60 -53.54
CA CYS D 512 -13.50 24.58 -54.60
C CYS D 512 -14.99 24.26 -54.72
N LYS D 513 -15.49 23.90 -55.93
CA LYS D 513 -16.90 23.59 -56.15
C LYS D 513 -17.03 22.60 -57.34
N ARG D 514 -18.26 22.23 -57.66
CA ARG D 514 -18.53 21.31 -58.76
C ARG D 514 -19.19 22.05 -59.91
N ARG D 515 -19.10 21.49 -61.11
CA ARG D 515 -19.68 22.12 -62.29
C ARG D 515 -20.66 21.20 -63.01
N VAL D 516 -20.88 21.45 -64.29
CA VAL D 516 -21.80 20.65 -65.09
C VAL D 516 -21.10 19.43 -65.67
N VAL E 2 18.43 -38.71 23.81
CA VAL E 2 18.70 -40.09 24.18
C VAL E 2 19.31 -40.15 25.58
N GLN E 3 20.48 -39.51 25.77
CA GLN E 3 21.21 -39.49 27.05
C GLN E 3 21.00 -38.18 27.81
N LEU E 4 20.87 -38.26 29.15
CA LEU E 4 20.67 -37.10 30.02
C LEU E 4 21.51 -37.19 31.29
N ARG E 5 22.37 -36.18 31.51
CA ARG E 5 23.25 -36.10 32.69
C ARG E 5 22.92 -34.88 33.53
N GLU E 6 22.48 -35.13 34.79
CA GLU E 6 22.06 -34.09 35.73
C GLU E 6 23.21 -33.57 36.60
N SER E 7 23.23 -32.25 36.84
CA SER E 7 24.25 -31.57 37.65
C SER E 7 23.63 -30.49 38.55
N GLY E 8 24.45 -29.89 39.42
CA GLY E 8 24.04 -28.85 40.35
C GLY E 8 24.10 -29.32 41.80
N PRO E 9 24.19 -28.39 42.79
CA PRO E 9 24.25 -28.83 44.18
C PRO E 9 22.87 -29.24 44.73
N GLY E 10 22.81 -30.47 45.23
CA GLY E 10 21.60 -31.05 45.80
C GLY E 10 21.30 -30.65 47.23
N LEU E 11 21.93 -29.55 47.70
CA LEU E 11 21.76 -29.01 49.05
C LEU E 11 21.35 -27.54 48.98
N VAL E 12 20.26 -27.20 49.68
CA VAL E 12 19.72 -25.83 49.77
C VAL E 12 19.40 -25.58 51.24
N LYS E 13 19.71 -24.38 51.75
CA LYS E 13 19.40 -23.97 53.11
C LYS E 13 17.93 -23.53 53.11
N PRO E 14 17.14 -23.66 54.22
CA PRO E 14 15.72 -23.25 54.19
C PRO E 14 15.47 -21.96 53.41
N SER E 15 14.56 -22.04 52.41
CA SER E 15 14.19 -21.02 51.43
C SER E 15 15.33 -20.88 50.38
N GLU E 16 16.06 -19.73 50.35
CA GLU E 16 17.19 -19.46 49.45
C GLU E 16 16.84 -19.74 47.96
N THR E 17 17.83 -20.25 47.18
CA THR E 17 17.67 -20.57 45.76
C THR E 17 18.34 -21.91 45.37
N LEU E 18 17.88 -22.52 44.25
CA LEU E 18 18.40 -23.77 43.70
C LEU E 18 18.78 -23.56 42.23
N SER E 19 20.01 -23.94 41.87
CA SER E 19 20.53 -23.83 40.50
C SER E 19 20.70 -25.22 39.86
N LEU E 20 19.59 -25.98 39.78
CA LEU E 20 19.53 -27.34 39.22
C LEU E 20 19.85 -27.34 37.71
N SER E 21 20.69 -28.30 37.27
CA SER E 21 21.12 -28.42 35.88
C SER E 21 20.95 -29.82 35.29
N CYS E 22 20.81 -29.89 33.95
CA CYS E 22 20.67 -31.12 33.17
C CYS E 22 21.14 -30.91 31.73
N THR E 23 22.08 -31.74 31.28
CA THR E 23 22.66 -31.68 29.94
C THR E 23 22.11 -32.80 29.05
N VAL E 24 21.72 -32.45 27.81
CA VAL E 24 21.24 -33.42 26.83
C VAL E 24 22.50 -33.85 26.06
N SER E 25 22.87 -35.13 26.18
CA SER E 25 24.08 -35.67 25.57
C SER E 25 23.95 -36.00 24.07
N GLN E 26 22.88 -36.71 23.67
CA GLN E 26 22.70 -37.08 22.27
C GLN E 26 21.27 -36.88 21.78
N ASP E 27 21.11 -36.43 20.53
CA ASP E 27 19.81 -36.21 19.87
C ASP E 27 19.95 -36.06 18.35
N SER E 28 19.01 -36.67 17.60
CA SER E 28 18.93 -36.61 16.15
C SER E 28 18.19 -35.33 15.74
N ARG E 29 17.15 -34.99 16.51
CA ARG E 29 16.31 -33.81 16.33
C ARG E 29 16.24 -33.10 17.71
N PRO E 30 17.16 -32.15 17.99
CA PRO E 30 17.18 -31.52 19.32
C PRO E 30 16.44 -30.20 19.50
N SER E 31 15.71 -29.72 18.48
CA SER E 31 14.99 -28.44 18.58
C SER E 31 13.47 -28.58 18.65
N ASP E 32 12.87 -29.29 17.67
CA ASP E 32 11.42 -29.52 17.54
C ASP E 32 10.76 -30.15 18.79
N HIS E 33 11.50 -31.00 19.52
CA HIS E 33 11.02 -31.65 20.74
C HIS E 33 11.08 -30.67 21.91
N SER E 34 10.11 -30.76 22.84
CA SER E 34 10.01 -29.89 24.02
C SER E 34 10.88 -30.37 25.20
N TRP E 35 10.67 -29.79 26.41
CA TRP E 35 11.45 -30.12 27.61
C TRP E 35 10.61 -29.95 28.90
N THR E 36 10.67 -30.94 29.81
CA THR E 36 9.92 -30.92 31.08
C THR E 36 10.76 -31.34 32.30
N TRP E 37 10.43 -30.76 33.47
CA TRP E 37 11.05 -31.05 34.77
C TRP E 37 10.01 -31.75 35.65
N VAL E 38 10.44 -32.73 36.46
CA VAL E 38 9.53 -33.52 37.31
C VAL E 38 9.95 -33.50 38.80
N ARG E 39 8.97 -33.26 39.69
CA ARG E 39 9.15 -33.22 41.15
C ARG E 39 8.66 -34.53 41.76
N GLN E 40 9.59 -35.45 42.06
CA GLN E 40 9.28 -36.74 42.67
C GLN E 40 9.31 -36.57 44.20
N SER E 41 8.19 -36.93 44.85
CA SER E 41 8.00 -36.89 46.31
C SER E 41 8.93 -37.92 46.97
N PRO E 42 9.35 -37.78 48.27
CA PRO E 42 10.27 -38.78 48.87
C PRO E 42 9.86 -40.25 48.65
N GLY E 43 8.56 -40.53 48.73
CA GLY E 43 8.00 -41.86 48.50
C GLY E 43 6.48 -41.82 48.49
N LYS E 44 5.90 -40.78 47.86
CA LYS E 44 4.45 -40.58 47.79
C LYS E 44 3.92 -40.55 46.36
N ALA E 45 4.02 -39.40 45.67
CA ALA E 45 3.50 -39.22 44.32
C ALA E 45 4.47 -38.51 43.36
N LEU E 46 3.95 -37.63 42.50
CA LEU E 46 4.69 -36.87 41.49
C LEU E 46 4.06 -35.48 41.30
N GLU E 47 4.87 -34.48 40.88
CA GLU E 47 4.42 -33.11 40.63
C GLU E 47 5.03 -32.53 39.35
N TRP E 48 4.20 -31.91 38.50
CA TRP E 48 4.62 -31.33 37.21
C TRP E 48 5.32 -29.97 37.36
N ILE E 49 6.41 -29.76 36.60
CA ILE E 49 7.17 -28.52 36.54
C ILE E 49 7.30 -28.10 35.05
N GLY E 50 7.16 -26.81 34.82
CA GLY E 50 7.40 -26.25 33.51
C GLY E 50 6.76 -26.63 32.18
N ASP E 51 7.71 -26.84 31.27
CA ASP E 51 7.53 -27.15 29.85
C ASP E 51 8.18 -25.98 29.09
N ILE E 52 9.39 -26.19 28.58
CA ILE E 52 10.12 -25.14 27.85
C ILE E 52 10.44 -25.57 26.40
N HIS E 53 10.27 -24.63 25.46
CA HIS E 53 10.53 -24.81 24.03
C HIS E 53 11.37 -23.64 23.51
N TYR E 54 12.24 -23.93 22.52
CA TYR E 54 13.21 -23.01 21.90
C TYR E 54 12.64 -21.69 21.35
N ASN E 55 11.35 -21.69 20.96
CA ASN E 55 10.65 -20.51 20.42
C ASN E 55 10.41 -19.43 21.50
N GLY E 56 10.68 -19.79 22.76
CA GLY E 56 10.49 -18.91 23.91
C GLY E 56 9.18 -19.16 24.60
N ALA E 57 8.70 -20.42 24.57
CA ALA E 57 7.44 -20.84 25.19
C ALA E 57 7.52 -20.81 26.71
N THR E 58 6.58 -20.09 27.34
CA THR E 58 6.51 -19.88 28.78
C THR E 58 5.43 -20.75 29.45
N THR E 59 5.19 -21.97 28.93
CA THR E 59 4.22 -22.87 29.52
C THR E 59 4.84 -23.48 30.78
N TYR E 60 4.22 -23.23 31.94
CA TYR E 60 4.75 -23.69 33.21
C TYR E 60 3.70 -24.07 34.24
N ASN E 61 4.14 -24.64 35.38
CA ASN E 61 3.26 -25.02 36.49
C ASN E 61 2.74 -23.73 37.17
N PRO E 62 1.42 -23.44 37.14
CA PRO E 62 0.92 -22.19 37.72
C PRO E 62 0.65 -22.23 39.22
N SER E 63 0.66 -23.45 39.83
CA SER E 63 0.45 -23.66 41.26
C SER E 63 1.57 -22.96 42.06
N LEU E 64 2.79 -22.99 41.51
CA LEU E 64 3.98 -22.36 42.08
C LEU E 64 4.54 -21.41 41.00
N ARG E 65 3.73 -20.43 40.56
CA ARG E 65 4.07 -19.49 39.50
C ARG E 65 5.14 -18.44 39.89
N SER E 66 5.19 -18.03 41.18
CA SER E 66 6.15 -17.05 41.70
C SER E 66 7.47 -17.71 42.14
N ARG E 67 7.63 -19.00 41.78
CA ARG E 67 8.76 -19.86 42.09
C ARG E 67 9.49 -20.36 40.83
N VAL E 68 8.79 -20.35 39.67
CA VAL E 68 9.28 -20.84 38.39
C VAL E 68 10.13 -19.81 37.61
N ARG E 69 11.34 -20.26 37.19
CA ARG E 69 12.31 -19.56 36.36
C ARG E 69 13.05 -20.65 35.57
N ILE E 70 12.61 -20.92 34.32
CA ILE E 70 13.20 -21.98 33.47
C ILE E 70 14.21 -21.39 32.49
N GLU E 71 15.43 -21.96 32.45
CA GLU E 71 16.50 -21.52 31.55
C GLU E 71 16.66 -22.46 30.37
N LEU E 72 16.83 -21.87 29.18
CA LEU E 72 17.02 -22.56 27.90
C LEU E 72 18.24 -21.94 27.20
N ASP E 73 19.32 -22.73 27.05
CA ASP E 73 20.53 -22.26 26.38
C ASP E 73 20.48 -22.65 24.90
N GLN E 74 20.71 -21.66 24.02
CA GLN E 74 20.70 -21.84 22.56
C GLN E 74 21.86 -22.74 22.11
N SER E 75 23.12 -22.32 22.38
CA SER E 75 24.32 -23.10 22.07
C SER E 75 24.40 -24.22 23.10
N ILE E 76 24.26 -25.46 22.62
CA ILE E 76 24.29 -26.68 23.42
C ILE E 76 22.86 -26.98 23.91
N PRO E 77 22.55 -28.26 24.18
CA PRO E 77 21.19 -28.47 24.71
C PRO E 77 21.06 -28.58 26.23
N ARG E 78 21.96 -27.94 27.00
CA ARG E 78 21.91 -27.96 28.46
C ARG E 78 20.80 -27.03 29.00
N PHE E 79 20.05 -27.51 30.01
CA PHE E 79 18.94 -26.77 30.63
C PHE E 79 19.17 -26.51 32.12
N SER E 80 18.70 -25.35 32.60
CA SER E 80 18.81 -24.96 34.01
C SER E 80 17.45 -24.57 34.59
N LEU E 81 17.27 -24.82 35.91
CA LEU E 81 16.05 -24.51 36.65
C LEU E 81 16.37 -23.72 37.90
N LYS E 82 15.61 -22.63 38.14
CA LYS E 82 15.77 -21.76 39.29
C LYS E 82 14.54 -21.82 40.19
N MET E 83 14.75 -22.27 41.45
CA MET E 83 13.71 -22.41 42.46
C MET E 83 13.87 -21.29 43.50
N THR E 84 12.98 -20.28 43.44
CA THR E 84 13.00 -19.13 44.34
C THR E 84 12.01 -19.29 45.48
N SER E 85 12.41 -18.85 46.70
CA SER E 85 11.64 -18.87 47.96
C SER E 85 11.20 -20.26 48.45
N MET E 86 10.34 -20.97 47.69
CA MET E 86 9.87 -22.30 48.09
C MET E 86 10.81 -23.38 47.57
N THR E 87 11.43 -24.11 48.51
CA THR E 87 12.35 -25.21 48.28
C THR E 87 12.03 -26.30 49.31
N ALA E 88 11.79 -25.88 50.57
CA ALA E 88 11.46 -26.75 51.69
C ALA E 88 9.95 -26.78 51.93
N ALA E 89 9.29 -27.83 51.42
CA ALA E 89 7.86 -28.12 51.51
C ALA E 89 7.67 -29.59 51.21
N ASP E 90 8.32 -30.05 50.12
CA ASP E 90 8.36 -31.41 49.64
C ASP E 90 9.75 -31.58 49.03
N THR E 91 10.61 -32.36 49.69
CA THR E 91 11.97 -32.60 49.23
C THR E 91 12.21 -34.10 49.06
N GLY E 92 12.74 -34.46 47.90
CA GLY E 92 13.03 -35.84 47.53
C GLY E 92 13.99 -35.96 46.37
N MET E 93 13.46 -36.23 45.16
CA MET E 93 14.23 -36.41 43.93
C MET E 93 13.67 -35.52 42.80
N TYR E 94 14.54 -35.13 41.86
CA TYR E 94 14.18 -34.31 40.72
C TYR E 94 14.68 -34.94 39.42
N TYR E 95 13.74 -35.34 38.54
CA TYR E 95 14.02 -35.97 37.25
C TYR E 95 13.77 -35.01 36.10
N CYS E 96 14.49 -35.20 34.98
CA CYS E 96 14.37 -34.38 33.78
C CYS E 96 13.97 -35.22 32.58
N ALA E 97 12.86 -34.87 31.91
CA ALA E 97 12.35 -35.63 30.78
C ALA E 97 11.95 -34.81 29.56
N ARG E 98 12.13 -35.42 28.36
CA ARG E 98 11.81 -34.81 27.06
C ARG E 98 10.36 -35.12 26.66
N ASN E 99 9.59 -34.07 26.32
CA ASN E 99 8.20 -34.20 25.89
C ASN E 99 8.13 -34.11 24.35
N ALA E 100 7.99 -35.28 23.70
CA ALA E 100 7.92 -35.41 22.23
C ALA E 100 6.72 -34.71 21.62
N ILE E 101 6.86 -34.22 20.37
CA ILE E 101 5.81 -33.49 19.66
C ILE E 101 5.29 -34.29 18.46
N ARG E 102 6.19 -34.71 17.54
CA ARG E 102 5.88 -35.49 16.33
C ARG E 102 4.75 -34.87 15.48
N ILE E 103 4.95 -33.61 15.04
CA ILE E 103 3.99 -32.88 14.20
C ILE E 103 3.81 -33.55 12.83
N TYR E 104 2.56 -33.76 12.40
CA TYR E 104 2.24 -34.34 11.09
C TYR E 104 2.49 -33.25 10.04
N GLY E 105 1.97 -32.05 10.32
CA GLY E 105 2.13 -30.83 9.52
C GLY E 105 2.88 -29.78 10.32
N VAL E 106 3.77 -29.02 9.64
CA VAL E 106 4.62 -27.99 10.24
C VAL E 106 3.86 -26.76 10.80
N VAL E 107 2.52 -26.73 10.68
CA VAL E 107 1.66 -25.66 11.21
C VAL E 107 1.66 -25.79 12.74
N ALA E 108 2.27 -24.83 13.44
CA ALA E 108 2.42 -24.78 14.91
C ALA E 108 1.09 -24.87 15.68
N LEU E 109 -0.01 -24.39 15.06
CA LEU E 109 -1.35 -24.36 15.64
C LEU E 109 -2.24 -25.47 15.06
N GLY E 110 -1.84 -26.02 13.91
CA GLY E 110 -2.58 -27.05 13.19
C GLY E 110 -2.57 -28.46 13.73
N GLU E 111 -1.41 -29.14 13.64
CA GLU E 111 -1.27 -30.56 14.02
C GLU E 111 -0.22 -30.84 15.10
N TRP E 112 -0.32 -30.14 16.24
CA TRP E 112 0.59 -30.34 17.36
C TRP E 112 -0.06 -31.25 18.41
N PHE E 113 0.71 -32.21 18.95
CA PHE E 113 0.21 -33.13 20.00
C PHE E 113 1.35 -33.63 20.89
N HIS E 114 0.99 -34.19 22.06
CA HIS E 114 1.97 -34.72 23.01
C HIS E 114 2.01 -36.23 22.93
N TYR E 115 3.22 -36.79 22.96
CA TYR E 115 3.45 -38.24 22.99
C TYR E 115 3.77 -38.60 24.44
N GLY E 116 4.10 -37.56 25.21
CA GLY E 116 4.44 -37.65 26.63
C GLY E 116 5.93 -37.55 26.89
N MET E 117 6.33 -37.87 28.13
CA MET E 117 7.72 -37.84 28.58
C MET E 117 8.41 -39.16 28.22
N ASP E 118 8.83 -39.30 26.95
CA ASP E 118 9.45 -40.53 26.43
C ASP E 118 10.88 -40.77 26.90
N VAL E 119 11.73 -39.73 26.99
CA VAL E 119 13.13 -39.86 27.40
C VAL E 119 13.39 -39.20 28.78
N TRP E 120 13.71 -40.04 29.80
CA TRP E 120 14.03 -39.62 31.16
C TRP E 120 15.52 -39.76 31.44
N GLY E 121 16.02 -39.00 32.40
CA GLY E 121 17.43 -39.01 32.78
C GLY E 121 17.76 -39.84 34.00
N GLN E 122 18.97 -39.63 34.55
CA GLN E 122 19.46 -40.34 35.73
C GLN E 122 18.69 -39.94 37.01
N GLY E 123 18.51 -38.63 37.21
CA GLY E 123 17.82 -38.07 38.37
C GLY E 123 18.72 -37.91 39.58
N THR E 124 18.93 -36.66 40.02
CA THR E 124 19.75 -36.33 41.18
C THR E 124 18.88 -36.06 42.41
N ALA E 125 19.42 -36.35 43.60
CA ALA E 125 18.71 -36.19 44.87
C ALA E 125 18.93 -34.79 45.45
N VAL E 126 17.84 -34.03 45.61
CA VAL E 126 17.87 -32.68 46.17
C VAL E 126 17.11 -32.69 47.50
N THR E 127 17.85 -32.69 48.61
CA THR E 127 17.31 -32.71 49.97
C THR E 127 17.62 -31.39 50.68
N VAL E 128 16.59 -30.79 51.30
CA VAL E 128 16.69 -29.51 52.02
C VAL E 128 16.46 -29.72 53.52
N SER E 129 17.52 -29.53 54.33
CA SER E 129 17.50 -29.69 55.79
C SER E 129 18.66 -28.94 56.49
N SER E 130 19.10 -27.79 55.90
CA SER E 130 20.19 -26.93 56.38
C SER E 130 21.52 -27.70 56.53
N ALA E 131 22.35 -27.36 57.56
CA ALA E 131 23.65 -27.96 57.92
C ALA E 131 24.72 -27.89 56.81
N SER E 132 25.96 -28.34 57.12
CA SER E 132 27.09 -28.35 56.18
C SER E 132 27.58 -29.76 55.83
N THR E 133 28.38 -29.85 54.76
CA THR E 133 28.95 -31.08 54.20
C THR E 133 29.97 -31.77 55.12
N LYS E 134 29.92 -33.12 55.17
CA LYS E 134 30.84 -33.94 55.98
C LYS E 134 31.53 -35.00 55.11
N GLY E 135 32.77 -35.33 55.47
CA GLY E 135 33.60 -36.30 54.76
C GLY E 135 33.32 -37.76 55.04
N PRO E 136 33.47 -38.64 54.02
CA PRO E 136 33.24 -40.08 54.23
C PRO E 136 34.50 -40.79 54.71
N SER E 137 34.41 -41.44 55.89
CA SER E 137 35.52 -42.15 56.51
C SER E 137 35.75 -43.51 55.83
N VAL E 138 36.98 -43.76 55.35
CA VAL E 138 37.34 -45.00 54.66
C VAL E 138 37.93 -46.04 55.63
N PHE E 139 37.10 -47.02 56.01
CA PHE E 139 37.46 -48.13 56.90
C PHE E 139 36.93 -49.44 56.32
N PRO E 140 37.78 -50.49 56.17
CA PRO E 140 37.29 -51.75 55.61
C PRO E 140 36.68 -52.68 56.66
N LEU E 141 36.05 -53.78 56.21
CA LEU E 141 35.40 -54.75 57.09
C LEU E 141 36.08 -56.11 57.15
N ALA E 142 36.97 -56.41 56.17
CA ALA E 142 37.75 -57.66 56.00
C ALA E 142 36.86 -58.88 55.61
N PRO E 143 37.37 -59.84 54.79
CA PRO E 143 36.52 -60.97 54.39
C PRO E 143 36.52 -62.15 55.35
N SER E 144 35.49 -63.01 55.23
CA SER E 144 35.29 -64.21 56.03
C SER E 144 35.43 -65.44 55.10
N SER E 145 36.66 -65.96 54.97
CA SER E 145 36.94 -67.12 54.12
C SER E 145 37.85 -68.13 54.81
N LYS E 146 37.36 -69.38 54.90
CA LYS E 146 38.04 -70.54 55.50
C LYS E 146 37.58 -71.84 54.83
N SER E 147 37.05 -71.71 53.60
CA SER E 147 36.55 -72.84 52.81
C SER E 147 37.61 -73.61 52.04
N THR E 148 37.18 -74.19 50.91
CA THR E 148 38.04 -74.99 50.04
C THR E 148 38.07 -74.51 48.60
N SER E 149 36.94 -74.67 47.92
CA SER E 149 36.78 -74.26 46.52
C SER E 149 36.05 -72.95 46.34
N GLY E 150 35.46 -72.79 45.14
CA GLY E 150 34.70 -71.59 44.76
C GLY E 150 33.35 -71.53 45.42
N GLY E 151 33.30 -70.88 46.59
CA GLY E 151 32.08 -70.73 47.37
C GLY E 151 31.77 -69.31 47.83
N THR E 152 31.11 -69.20 48.99
CA THR E 152 30.67 -67.94 49.61
C THR E 152 31.81 -67.05 50.07
N ALA E 153 31.66 -65.73 49.87
CA ALA E 153 32.61 -64.69 50.28
C ALA E 153 31.87 -63.50 50.88
N ALA E 154 32.54 -62.76 51.78
CA ALA E 154 31.94 -61.61 52.47
C ALA E 154 32.80 -60.33 52.44
N LEU E 155 32.92 -59.69 51.25
CA LEU E 155 33.66 -58.44 51.10
C LEU E 155 32.81 -57.30 51.63
N GLY E 156 33.40 -56.48 52.50
CA GLY E 156 32.69 -55.37 53.13
C GLY E 156 33.34 -54.02 53.13
N CYS E 157 32.55 -53.03 52.68
CA CYS E 157 32.89 -51.60 52.66
C CYS E 157 31.99 -51.01 53.73
N LEU E 158 32.62 -50.26 54.64
CA LEU E 158 31.96 -49.61 55.77
C LEU E 158 31.55 -48.15 55.51
N VAL E 159 32.25 -47.25 56.21
CA VAL E 159 32.09 -45.79 56.22
C VAL E 159 31.39 -45.30 57.51
N LYS E 160 31.68 -44.07 57.96
CA LYS E 160 31.02 -43.53 59.15
C LYS E 160 30.06 -42.36 58.92
N ASP E 161 30.14 -41.71 57.76
CA ASP E 161 29.27 -40.57 57.52
C ASP E 161 29.41 -39.91 56.15
N TYR E 162 28.37 -39.13 55.75
CA TYR E 162 28.23 -38.32 54.53
C TYR E 162 27.02 -37.40 54.74
N PHE E 163 27.05 -36.22 54.11
CA PHE E 163 25.98 -35.23 54.30
C PHE E 163 24.75 -35.34 53.31
N PRO E 164 24.85 -35.21 51.96
CA PRO E 164 23.62 -35.32 51.15
C PRO E 164 23.29 -36.73 50.67
N GLU E 165 21.99 -37.01 50.46
CA GLU E 165 21.48 -38.30 50.00
C GLU E 165 22.27 -38.95 48.81
N PRO E 166 22.75 -38.24 47.73
CA PRO E 166 23.49 -38.97 46.67
C PRO E 166 24.74 -39.73 47.14
N VAL E 167 24.80 -41.02 46.79
CA VAL E 167 25.89 -41.94 47.14
C VAL E 167 26.46 -42.54 45.84
N THR E 168 27.78 -42.44 45.64
CA THR E 168 28.46 -42.98 44.46
C THR E 168 29.42 -44.09 44.87
N VAL E 169 29.01 -45.36 44.64
CA VAL E 169 29.81 -46.55 44.98
C VAL E 169 29.96 -47.46 43.75
N SER E 170 31.22 -47.79 43.40
CA SER E 170 31.57 -48.66 42.28
C SER E 170 32.67 -49.64 42.68
N TRP E 171 32.43 -50.94 42.48
CA TRP E 171 33.38 -52.00 42.82
C TRP E 171 34.36 -52.31 41.68
N ASN E 172 35.63 -52.56 42.06
CA ASN E 172 36.78 -52.83 41.17
C ASN E 172 37.04 -51.64 40.23
N SER E 173 36.84 -50.40 40.77
CA SER E 173 36.98 -49.10 40.10
C SER E 173 36.11 -48.96 38.83
N GLY E 174 35.03 -49.76 38.77
CA GLY E 174 34.09 -49.78 37.66
C GLY E 174 34.35 -50.90 36.68
N ALA E 175 34.50 -52.14 37.18
CA ALA E 175 34.74 -53.32 36.36
C ALA E 175 33.64 -54.37 36.50
N LEU E 176 33.68 -55.22 37.55
CA LEU E 176 32.67 -56.25 37.78
C LEU E 176 31.62 -55.74 38.77
N THR E 177 30.42 -55.41 38.24
CA THR E 177 29.28 -54.89 39.00
C THR E 177 28.03 -55.77 38.82
N SER E 178 28.24 -57.07 38.52
CA SER E 178 27.18 -58.05 38.31
C SER E 178 26.44 -58.44 39.61
N GLY E 179 27.21 -58.70 40.68
CA GLY E 179 26.67 -59.10 41.97
C GLY E 179 26.95 -58.14 43.10
N VAL E 180 26.58 -56.86 42.91
CA VAL E 180 26.77 -55.81 43.91
C VAL E 180 25.46 -55.57 44.67
N HIS E 181 25.51 -55.71 46.01
CA HIS E 181 24.35 -55.53 46.89
C HIS E 181 24.50 -54.29 47.78
N THR E 182 24.05 -53.12 47.28
CA THR E 182 24.10 -51.86 48.02
C THR E 182 22.76 -51.66 48.74
N PHE E 183 22.81 -51.44 50.07
CA PHE E 183 21.60 -51.27 50.88
C PHE E 183 21.45 -49.86 51.48
N PRO E 184 20.22 -49.27 51.48
CA PRO E 184 20.05 -47.93 52.07
C PRO E 184 20.10 -47.94 53.61
N ALA E 185 20.44 -46.80 54.22
CA ALA E 185 20.52 -46.67 55.68
C ALA E 185 19.94 -45.37 56.22
N VAL E 186 19.44 -45.41 57.47
CA VAL E 186 18.85 -44.26 58.17
C VAL E 186 19.95 -43.40 58.83
N LEU E 187 19.67 -42.09 58.93
CA LEU E 187 20.49 -41.02 59.49
C LEU E 187 21.01 -41.23 60.93
N GLN E 188 20.40 -42.17 61.70
CA GLN E 188 20.73 -42.50 63.09
C GLN E 188 20.54 -41.29 64.03
N SER E 189 19.44 -40.51 63.81
CA SER E 189 19.02 -39.30 64.52
C SER E 189 19.97 -38.09 64.35
N SER E 190 21.28 -38.35 64.13
CA SER E 190 22.31 -37.33 63.95
C SER E 190 22.23 -36.60 62.61
N GLY E 191 21.83 -37.33 61.57
CA GLY E 191 21.73 -36.81 60.20
C GLY E 191 22.68 -37.51 59.26
N LEU E 192 23.75 -38.11 59.81
CA LEU E 192 24.78 -38.83 59.08
C LEU E 192 24.40 -40.29 58.87
N TYR E 193 23.96 -40.62 57.66
CA TYR E 193 23.52 -41.97 57.27
C TYR E 193 24.72 -42.93 57.25
N SER E 194 24.54 -44.13 57.83
CA SER E 194 25.58 -45.16 57.91
C SER E 194 25.42 -46.18 56.78
N LEU E 195 25.42 -45.68 55.52
CA LEU E 195 25.24 -46.48 54.31
C LEU E 195 26.44 -47.39 54.05
N SER E 196 26.16 -48.68 53.83
CA SER E 196 27.16 -49.71 53.57
C SER E 196 26.82 -50.50 52.30
N SER E 197 27.85 -50.71 51.46
CA SER E 197 27.74 -51.45 50.21
C SER E 197 28.62 -52.70 50.26
N VAL E 198 28.02 -53.87 50.01
CA VAL E 198 28.72 -55.16 50.04
C VAL E 198 28.63 -55.90 48.70
N VAL E 199 29.68 -56.67 48.36
CA VAL E 199 29.76 -57.44 47.12
C VAL E 199 30.02 -58.93 47.44
N THR E 200 29.20 -59.82 46.86
CA THR E 200 29.31 -61.28 47.05
C THR E 200 30.00 -61.90 45.82
N VAL E 201 31.34 -61.97 45.89
CA VAL E 201 32.20 -62.49 44.82
C VAL E 201 32.44 -64.02 44.93
N PRO E 202 32.72 -64.76 43.83
CA PRO E 202 32.99 -66.20 43.99
C PRO E 202 34.41 -66.42 44.49
N SER E 203 34.52 -66.90 45.73
CA SER E 203 35.81 -67.03 46.32
C SER E 203 36.46 -68.20 45.65
N SER E 204 37.39 -67.83 44.80
CA SER E 204 38.23 -68.77 44.05
C SER E 204 39.72 -68.62 44.39
N SER E 205 40.44 -67.74 43.66
CA SER E 205 41.87 -67.48 43.86
C SER E 205 42.15 -65.99 43.64
N LEU E 206 42.14 -65.21 44.74
CA LEU E 206 42.37 -63.76 44.63
C LEU E 206 43.44 -63.27 45.60
N GLY E 207 44.41 -62.52 45.05
CA GLY E 207 45.52 -61.94 45.80
C GLY E 207 45.59 -60.44 45.60
N THR E 208 45.99 -60.02 44.39
CA THR E 208 46.06 -58.60 44.00
C THR E 208 44.64 -58.11 43.65
N GLN E 209 43.81 -59.03 43.11
CA GLN E 209 42.43 -58.76 42.69
C GLN E 209 41.46 -58.63 43.87
N THR E 210 41.86 -57.86 44.90
CA THR E 210 41.03 -57.59 46.07
C THR E 210 40.22 -56.37 45.67
N TYR E 211 38.94 -56.60 45.33
CA TYR E 211 37.97 -55.63 44.82
C TYR E 211 37.91 -54.35 45.67
N ILE E 212 38.30 -53.23 45.05
CA ILE E 212 38.33 -51.90 45.67
C ILE E 212 36.99 -51.17 45.51
N CYS E 213 36.65 -50.31 46.50
CA CYS E 213 35.41 -49.53 46.49
C CYS E 213 35.68 -48.07 46.15
N ASN E 214 34.91 -47.53 45.18
CA ASN E 214 35.04 -46.15 44.74
C ASN E 214 34.03 -45.27 45.46
N VAL E 215 34.53 -44.23 46.16
CA VAL E 215 33.70 -43.29 46.92
C VAL E 215 33.92 -41.90 46.28
N ASN E 216 32.85 -41.28 45.75
CA ASN E 216 32.94 -40.00 45.05
C ASN E 216 32.17 -38.82 45.69
N HIS E 217 31.29 -39.12 46.68
CA HIS E 217 30.47 -38.12 47.39
C HIS E 217 29.58 -37.32 46.41
N LYS E 218 29.44 -35.99 46.63
CA LYS E 218 28.65 -35.10 45.78
C LYS E 218 29.19 -33.64 45.75
N PRO E 219 29.17 -32.85 46.85
CA PRO E 219 29.64 -31.45 46.77
C PRO E 219 31.13 -31.28 47.07
N SER E 220 31.63 -31.93 48.14
CA SER E 220 33.04 -31.90 48.54
C SER E 220 33.94 -32.60 47.51
N ASN E 221 33.34 -33.51 46.70
CA ASN E 221 33.96 -34.29 45.63
C ASN E 221 35.16 -35.10 46.14
N THR E 222 35.00 -35.74 47.32
CA THR E 222 36.01 -36.57 47.98
C THR E 222 36.19 -37.86 47.19
N LYS E 223 37.41 -38.09 46.67
CA LYS E 223 37.73 -39.28 45.89
C LYS E 223 38.77 -40.15 46.61
N VAL E 224 38.30 -40.95 47.58
CA VAL E 224 39.17 -41.85 48.36
C VAL E 224 38.73 -43.31 48.15
N ASP E 225 39.51 -44.05 47.34
CA ASP E 225 39.28 -45.47 47.04
C ASP E 225 39.90 -46.32 48.14
N LYS E 226 39.15 -47.28 48.68
CA LYS E 226 39.64 -48.16 49.73
C LYS E 226 39.71 -49.62 49.30
N ARG E 227 40.84 -50.26 49.62
CA ARG E 227 41.11 -51.67 49.31
C ARG E 227 40.69 -52.54 50.49
N VAL E 228 39.87 -53.58 50.21
CA VAL E 228 39.40 -54.52 51.25
C VAL E 228 40.58 -55.44 51.61
N GLU E 229 40.96 -55.44 52.91
CA GLU E 229 42.07 -56.20 53.51
C GLU E 229 42.24 -57.62 52.93
N PRO E 230 43.45 -57.98 52.41
CA PRO E 230 43.61 -59.33 51.85
C PRO E 230 43.79 -60.40 52.93
N LYS E 231 42.66 -60.99 53.37
CA LYS E 231 42.64 -62.03 54.40
C LYS E 231 41.81 -63.25 53.95
N SER E 232 42.34 -64.45 54.23
CA SER E 232 41.70 -65.73 53.90
C SER E 232 42.12 -66.83 54.87
N GLU F 5 -5.21 -32.85 43.70
CA GLU F 5 -5.56 -32.23 42.43
C GLU F 5 -6.34 -33.18 41.52
N LEU F 6 -5.82 -34.41 41.33
CA LEU F 6 -6.37 -35.47 40.48
C LEU F 6 -6.92 -36.61 41.33
N THR F 7 -7.97 -37.30 40.84
CA THR F 7 -8.58 -38.42 41.55
C THR F 7 -7.90 -39.73 41.09
N GLN F 8 -6.71 -40.01 41.63
CA GLN F 8 -5.92 -41.19 41.31
C GLN F 8 -6.29 -42.37 42.23
N PRO F 9 -6.33 -43.62 41.71
CA PRO F 9 -6.63 -44.77 42.58
C PRO F 9 -5.44 -45.10 43.49
N PRO F 10 -5.64 -45.29 44.82
CA PRO F 10 -4.48 -45.53 45.71
C PRO F 10 -3.72 -46.83 45.48
N SER F 11 -4.40 -47.99 45.58
CA SER F 11 -3.78 -49.30 45.42
C SER F 11 -4.80 -50.37 45.02
N VAL F 12 -4.48 -51.14 43.96
CA VAL F 12 -5.31 -52.24 43.46
C VAL F 12 -4.42 -53.47 43.21
N SER F 13 -4.84 -54.64 43.71
CA SER F 13 -4.11 -55.90 43.53
C SER F 13 -4.25 -56.47 42.12
N VAL F 14 -3.44 -57.49 41.77
CA VAL F 14 -3.46 -58.11 40.46
C VAL F 14 -4.34 -59.38 40.41
N SER F 15 -4.99 -59.61 39.26
CA SER F 15 -5.81 -60.79 39.01
C SER F 15 -4.82 -61.93 38.68
N PRO F 16 -5.11 -63.22 39.00
CA PRO F 16 -4.15 -64.29 38.68
C PRO F 16 -4.04 -64.59 37.18
N GLY F 17 -3.23 -63.78 36.49
CA GLY F 17 -3.01 -63.86 35.05
C GLY F 17 -4.26 -63.59 34.24
N GLN F 18 -5.13 -62.68 34.75
CA GLN F 18 -6.42 -62.33 34.14
C GLN F 18 -6.59 -60.82 33.87
N THR F 19 -7.85 -60.35 33.78
CA THR F 19 -8.27 -58.98 33.51
C THR F 19 -7.68 -57.97 34.48
N ALA F 20 -7.10 -56.88 33.93
CA ALA F 20 -6.51 -55.78 34.69
C ALA F 20 -7.35 -54.52 34.51
N ARG F 21 -7.55 -53.76 35.61
CA ARG F 21 -8.37 -52.55 35.56
C ARG F 21 -7.91 -51.46 36.53
N ILE F 22 -7.84 -50.21 36.02
CA ILE F 22 -7.47 -49.00 36.75
C ILE F 22 -8.44 -47.88 36.32
N THR F 23 -8.50 -46.75 37.04
CA THR F 23 -9.45 -45.68 36.69
C THR F 23 -8.77 -44.34 36.38
N CYS F 24 -8.59 -43.48 37.42
CA CYS F 24 -8.05 -42.11 37.39
C CYS F 24 -9.08 -41.12 36.83
N SER F 25 -9.87 -40.50 37.73
CA SER F 25 -10.94 -39.55 37.38
C SER F 25 -10.48 -38.09 37.40
N GLY F 26 -11.12 -37.27 36.57
CA GLY F 26 -10.84 -35.84 36.46
C GLY F 26 -11.79 -35.11 35.52
N ALA F 27 -11.71 -33.77 35.51
CA ALA F 27 -12.54 -32.93 34.67
C ALA F 27 -12.11 -32.87 33.19
N PRO F 28 -10.80 -32.77 32.81
CA PRO F 28 -10.44 -32.70 31.38
C PRO F 28 -10.85 -33.94 30.57
N LEU F 29 -10.08 -35.06 30.67
CA LEU F 29 -10.22 -36.38 30.04
C LEU F 29 -10.47 -36.30 28.53
N THR F 30 -11.65 -35.80 28.12
CA THR F 30 -12.02 -35.59 26.71
C THR F 30 -11.24 -34.41 26.09
N SER F 31 -10.43 -33.69 26.91
CA SER F 31 -9.63 -32.56 26.44
C SER F 31 -8.22 -32.95 25.97
N ARG F 32 -7.35 -33.41 26.88
CA ARG F 32 -5.98 -33.76 26.52
C ARG F 32 -5.60 -35.22 26.88
N PHE F 33 -6.41 -36.16 26.36
CA PHE F 33 -6.30 -37.62 26.43
C PHE F 33 -5.97 -38.18 27.83
N THR F 34 -4.94 -39.05 27.95
CA THR F 34 -4.59 -39.68 29.24
C THR F 34 -3.12 -39.51 29.66
N TYR F 35 -2.19 -40.33 29.08
CA TYR F 35 -0.75 -40.40 29.36
C TYR F 35 -0.48 -40.96 30.77
N TRP F 36 0.05 -42.20 30.86
CA TRP F 36 0.27 -42.89 32.13
C TRP F 36 1.72 -42.80 32.67
N TYR F 37 2.64 -43.71 32.23
CA TYR F 37 4.05 -43.82 32.66
C TYR F 37 4.20 -44.43 34.06
N ARG F 38 5.30 -45.21 34.29
CA ARG F 38 5.54 -45.89 35.58
C ARG F 38 6.89 -45.58 36.24
N GLN F 39 6.87 -45.39 37.59
CA GLN F 39 8.03 -45.11 38.43
C GLN F 39 8.53 -46.43 39.07
N LYS F 40 9.68 -46.93 38.56
CA LYS F 40 10.33 -48.16 39.03
C LYS F 40 10.95 -47.93 40.42
N PRO F 41 10.87 -48.90 41.38
CA PRO F 41 11.43 -48.66 42.73
C PRO F 41 12.91 -48.26 42.73
N GLY F 42 13.15 -46.99 43.04
CA GLY F 42 14.49 -46.40 43.10
C GLY F 42 15.15 -46.20 41.74
N GLN F 43 14.38 -46.33 40.65
CA GLN F 43 14.88 -46.17 39.30
C GLN F 43 14.06 -45.15 38.49
N ALA F 44 14.63 -44.69 37.36
CA ALA F 44 14.02 -43.71 36.46
C ALA F 44 12.74 -44.21 35.77
N PRO F 45 11.67 -43.37 35.69
CA PRO F 45 10.41 -43.80 35.03
C PRO F 45 10.53 -44.10 33.54
N VAL F 46 9.64 -44.97 33.01
CA VAL F 46 9.66 -45.39 31.60
C VAL F 46 8.29 -45.28 30.89
N LEU F 47 8.31 -45.41 29.54
CA LEU F 47 7.18 -45.32 28.61
C LEU F 47 6.11 -46.41 28.77
N ILE F 48 4.83 -46.02 28.61
CA ILE F 48 3.65 -46.89 28.68
C ILE F 48 2.74 -46.62 27.47
N ILE F 49 2.35 -45.35 27.28
CA ILE F 49 1.45 -44.89 26.20
C ILE F 49 2.16 -44.83 24.82
N SER F 50 1.36 -45.01 23.75
CA SER F 50 1.79 -44.95 22.36
C SER F 50 0.75 -44.13 21.56
N ARG F 51 0.48 -42.89 22.03
CA ARG F 51 -0.49 -41.97 21.45
C ARG F 51 -0.04 -41.42 20.08
N SER F 52 -0.95 -41.49 19.08
CA SER F 52 -0.71 -41.03 17.71
C SER F 52 -2.01 -40.61 16.99
N SER F 53 -3.14 -41.28 17.32
CA SER F 53 -4.45 -41.01 16.73
C SER F 53 -5.02 -39.66 17.20
N GLN F 54 -4.96 -38.65 16.33
CA GLN F 54 -5.45 -37.30 16.61
C GLN F 54 -6.98 -37.25 16.50
N GLY F 61 2.91 -49.34 23.30
CA GLY F 61 2.55 -50.67 22.80
C GLY F 61 1.96 -51.59 23.85
N ARG F 62 1.41 -52.73 23.40
CA ARG F 62 0.75 -53.79 24.19
C ARG F 62 -0.51 -53.34 24.93
N PHE F 63 -0.36 -52.46 25.94
CA PHE F 63 -1.45 -51.97 26.79
C PHE F 63 -2.21 -50.82 26.15
N SER F 64 -3.56 -50.91 26.15
CA SER F 64 -4.45 -49.91 25.54
C SER F 64 -5.54 -49.38 26.49
N ALA F 65 -6.30 -48.36 26.03
CA ALA F 65 -7.37 -47.69 26.77
C ALA F 65 -8.46 -47.11 25.85
N SER F 66 -9.64 -46.77 26.43
CA SER F 66 -10.78 -46.19 25.71
C SER F 66 -10.96 -44.72 26.11
N TRP F 67 -10.97 -43.81 25.12
CA TRP F 67 -11.12 -42.37 25.35
C TRP F 67 -12.53 -42.00 25.82
N SER F 68 -12.75 -42.13 27.15
CA SER F 68 -14.01 -41.86 27.86
C SER F 68 -13.92 -40.54 28.66
N GLY F 69 -15.07 -39.98 29.01
CA GLY F 69 -15.15 -38.74 29.78
C GLY F 69 -15.38 -38.94 31.27
N THR F 70 -15.50 -40.20 31.70
CA THR F 70 -15.75 -40.59 33.09
C THR F 70 -14.45 -40.85 33.85
N THR F 71 -13.65 -41.84 33.37
CA THR F 71 -12.38 -42.25 34.00
C THR F 71 -11.27 -42.60 32.99
N VAL F 72 -11.63 -42.94 31.72
CA VAL F 72 -10.73 -43.35 30.62
C VAL F 72 -10.30 -44.83 30.78
N THR F 73 -9.75 -45.18 31.97
CA THR F 73 -9.25 -46.52 32.38
C THR F 73 -8.00 -46.94 31.56
N LEU F 74 -7.43 -48.13 31.88
CA LEU F 74 -6.25 -48.73 31.22
C LEU F 74 -6.12 -50.20 31.63
N THR F 75 -5.86 -51.09 30.66
CA THR F 75 -5.67 -52.53 30.86
C THR F 75 -4.25 -52.95 30.46
N ILE F 76 -3.57 -53.69 31.35
CA ILE F 76 -2.19 -54.15 31.11
C ILE F 76 -2.13 -55.67 30.77
N ARG F 77 -3.23 -56.20 30.15
CA ARG F 77 -3.38 -57.60 29.72
C ARG F 77 -3.34 -58.61 30.89
N GLY F 78 -3.17 -59.89 30.56
CA GLY F 78 -3.12 -60.97 31.54
C GLY F 78 -1.72 -61.29 32.01
N VAL F 79 -0.98 -60.26 32.47
CA VAL F 79 0.39 -60.41 32.97
C VAL F 79 0.38 -60.23 34.50
N GLN F 80 0.59 -61.33 35.25
CA GLN F 80 0.58 -61.34 36.72
C GLN F 80 1.84 -60.72 37.32
N ALA F 81 3.01 -61.36 37.13
CA ALA F 81 4.31 -60.87 37.61
C ALA F 81 4.95 -59.93 36.56
N ASP F 82 6.27 -59.62 36.71
CA ASP F 82 7.06 -58.75 35.82
C ASP F 82 6.55 -57.30 35.71
N ASP F 83 5.47 -56.96 36.45
CA ASP F 83 4.85 -55.63 36.41
C ASP F 83 4.30 -55.21 37.78
N GLU F 84 5.09 -54.40 38.51
CA GLU F 84 4.74 -53.83 39.82
C GLU F 84 5.58 -52.56 40.05
N ALA F 85 4.91 -51.40 39.98
CA ALA F 85 5.52 -50.08 40.15
C ALA F 85 4.47 -49.02 40.54
N ASP F 86 4.95 -47.79 40.81
CA ASP F 86 4.10 -46.64 41.14
C ASP F 86 3.66 -45.97 39.83
N TYR F 87 2.34 -45.93 39.57
CA TYR F 87 1.77 -45.35 38.35
C TYR F 87 1.14 -43.97 38.55
N TYR F 88 1.15 -43.12 37.49
CA TYR F 88 0.60 -41.76 37.51
C TYR F 88 -0.17 -41.40 36.22
N CYS F 89 -0.63 -40.12 36.09
CA CYS F 89 -1.39 -39.63 34.93
C CYS F 89 -1.15 -38.12 34.69
N GLN F 90 -0.79 -37.75 33.44
CA GLN F 90 -0.48 -36.36 33.03
C GLN F 90 -1.46 -35.83 31.96
N SER F 91 -2.42 -34.98 32.37
CA SER F 91 -3.43 -34.40 31.46
C SER F 91 -3.46 -32.87 31.49
N SER F 92 -3.11 -32.27 30.33
CA SER F 92 -3.07 -30.82 30.13
C SER F 92 -4.45 -30.16 30.19
N ASP F 93 -4.49 -28.96 30.78
CA ASP F 93 -5.69 -28.14 30.90
C ASP F 93 -5.94 -27.48 29.53
N THR F 94 -7.18 -27.01 29.28
CA THR F 94 -7.61 -26.33 28.04
C THR F 94 -6.72 -25.14 27.64
N SER F 95 -6.03 -24.51 28.62
CA SER F 95 -5.14 -23.36 28.40
C SER F 95 -3.65 -23.70 28.71
N ASP F 96 -3.30 -25.01 28.65
CA ASP F 96 -1.96 -25.59 28.91
C ASP F 96 -1.39 -25.21 30.31
N SER F 97 -2.29 -25.02 31.30
CA SER F 97 -1.93 -24.61 32.67
C SER F 97 -1.08 -25.64 33.42
N TYR F 98 -1.67 -26.78 33.85
CA TYR F 98 -0.98 -27.83 34.61
C TYR F 98 -1.35 -29.24 34.11
N LYS F 99 -0.72 -30.29 34.67
CA LYS F 99 -1.00 -31.66 34.26
C LYS F 99 -1.78 -32.45 35.31
N MET F 100 -1.71 -32.02 36.59
CA MET F 100 -2.33 -32.56 37.84
C MET F 100 -2.07 -34.06 38.07
N PHE F 101 -1.71 -34.39 39.32
CA PHE F 101 -1.43 -35.76 39.75
C PHE F 101 -2.03 -35.99 41.14
N GLY F 102 -2.55 -37.20 41.36
CA GLY F 102 -3.17 -37.60 42.62
C GLY F 102 -2.19 -38.07 43.68
N GLY F 103 -2.68 -38.96 44.54
CA GLY F 103 -1.89 -39.53 45.64
C GLY F 103 -1.19 -40.83 45.30
N GLY F 104 -0.71 -40.93 44.06
CA GLY F 104 0.01 -42.10 43.55
C GLY F 104 -0.87 -43.34 43.35
N THR F 105 -0.29 -44.36 42.68
CA THR F 105 -0.94 -45.64 42.40
C THR F 105 0.08 -46.75 42.62
N LYS F 106 0.07 -47.34 43.83
CA LYS F 106 1.01 -48.40 44.20
C LYS F 106 0.37 -49.78 44.07
N LEU F 107 0.57 -50.42 42.90
CA LEU F 107 0.03 -51.75 42.60
C LEU F 107 0.81 -52.86 43.32
N THR F 108 0.18 -54.04 43.49
CA THR F 108 0.77 -55.21 44.16
C THR F 108 0.49 -56.50 43.38
N VAL F 109 1.49 -57.41 43.36
CA VAL F 109 1.43 -58.70 42.66
C VAL F 109 1.27 -59.86 43.67
N LEU F 110 0.36 -60.81 43.38
CA LEU F 110 0.09 -61.98 44.22
C LEU F 110 1.03 -63.14 43.91
N GLY F 111 1.42 -63.87 44.95
CA GLY F 111 2.31 -65.02 44.86
C GLY F 111 3.60 -64.86 45.66
N GLN F 112 4.62 -65.69 45.29
CA GLN F 112 5.98 -65.75 45.87
C GLN F 112 6.02 -66.32 47.32
N PRO F 113 7.06 -67.11 47.71
CA PRO F 113 7.09 -67.67 49.07
C PRO F 113 7.32 -66.63 50.19
N ALA F 114 7.10 -67.06 51.46
CA ALA F 114 7.27 -66.24 52.66
C ALA F 114 8.73 -65.81 52.90
N ALA F 115 8.93 -64.77 53.75
CA ALA F 115 10.23 -64.17 54.12
C ALA F 115 11.35 -65.17 54.39
N ALA F 116 12.35 -65.19 53.50
CA ALA F 116 13.52 -66.08 53.59
C ALA F 116 14.83 -65.27 53.52
N PRO F 117 15.24 -64.57 54.62
CA PRO F 117 16.49 -63.79 54.57
C PRO F 117 17.73 -64.67 54.55
N SER F 118 18.44 -64.68 53.42
CA SER F 118 19.64 -65.50 53.19
C SER F 118 20.93 -64.65 53.13
N VAL F 119 21.19 -63.86 54.19
CA VAL F 119 22.37 -63.00 54.30
C VAL F 119 23.11 -63.25 55.62
N THR F 120 24.43 -63.54 55.54
CA THR F 120 25.32 -63.79 56.68
C THR F 120 25.66 -62.47 57.43
N LEU F 121 26.21 -62.56 58.65
CA LEU F 121 26.54 -61.39 59.46
C LEU F 121 27.90 -60.75 59.13
N PHE F 122 28.09 -59.48 59.54
CA PHE F 122 29.32 -58.70 59.29
C PHE F 122 29.95 -58.04 60.53
N PRO F 123 31.16 -58.48 60.98
CA PRO F 123 31.81 -57.83 62.12
C PRO F 123 32.77 -56.69 61.71
N PRO F 124 32.87 -55.58 62.48
CA PRO F 124 33.80 -54.50 62.08
C PRO F 124 35.26 -54.84 62.35
N SER F 125 36.16 -54.45 61.44
CA SER F 125 37.60 -54.75 61.55
C SER F 125 38.51 -53.54 61.32
N SER F 126 39.80 -53.72 61.66
CA SER F 126 40.92 -52.79 61.52
C SER F 126 40.72 -51.43 62.23
N GLU F 127 41.02 -50.32 61.53
CA GLU F 127 40.99 -48.93 61.98
C GLU F 127 39.73 -48.44 62.67
N GLU F 128 38.52 -48.80 62.17
CA GLU F 128 37.24 -48.36 62.75
C GLU F 128 37.25 -48.52 64.28
N LEU F 129 37.57 -49.73 64.76
CA LEU F 129 37.62 -50.09 66.18
C LEU F 129 38.62 -49.26 66.97
N GLN F 130 39.85 -49.07 66.43
CA GLN F 130 40.91 -48.31 67.09
C GLN F 130 40.80 -46.79 66.87
N ALA F 131 39.79 -46.34 66.11
CA ALA F 131 39.57 -44.91 65.86
C ALA F 131 38.84 -44.28 67.05
N ASN F 132 37.55 -44.66 67.27
CA ASN F 132 36.71 -44.16 68.36
C ASN F 132 35.45 -45.00 68.61
N LYS F 133 34.79 -45.51 67.54
CA LYS F 133 33.56 -46.31 67.64
C LYS F 133 33.68 -47.69 66.99
N ALA F 134 32.99 -48.70 67.55
CA ALA F 134 33.00 -50.07 67.02
C ALA F 134 32.11 -50.19 65.78
N THR F 135 30.80 -49.86 65.92
CA THR F 135 29.77 -49.88 64.88
C THR F 135 29.61 -51.28 64.24
N LEU F 136 28.79 -52.16 64.86
CA LEU F 136 28.53 -53.51 64.34
C LEU F 136 27.60 -53.41 63.13
N VAL F 137 28.03 -53.96 61.99
CA VAL F 137 27.28 -53.90 60.73
C VAL F 137 25.99 -54.71 60.83
N CYS F 138 26.06 -55.96 61.35
CA CYS F 138 24.93 -56.86 61.54
C CYS F 138 23.99 -56.85 60.29
N LEU F 139 24.37 -57.59 59.25
CA LEU F 139 23.60 -57.59 58.01
C LEU F 139 22.61 -58.75 57.89
N ILE F 140 21.37 -58.42 57.47
CA ILE F 140 20.24 -59.33 57.23
C ILE F 140 19.42 -58.68 56.08
N SER F 141 19.36 -59.36 54.91
CA SER F 141 18.66 -58.85 53.73
C SER F 141 18.09 -59.98 52.84
N ASP F 142 17.36 -59.59 51.75
CA ASP F 142 16.75 -60.45 50.74
C ASP F 142 15.59 -61.31 51.31
N PHE F 143 14.41 -60.68 51.46
CA PHE F 143 13.19 -61.32 52.01
C PHE F 143 11.90 -60.70 51.47
N TYR F 144 10.83 -61.52 51.36
CA TYR F 144 9.51 -61.12 50.88
C TYR F 144 8.41 -61.85 51.69
N PRO F 145 7.60 -61.16 52.52
CA PRO F 145 7.60 -59.72 52.83
C PRO F 145 8.55 -59.35 53.97
N GLY F 146 8.32 -58.20 54.61
CA GLY F 146 9.12 -57.71 55.72
C GLY F 146 8.80 -58.39 57.04
N ALA F 147 8.43 -57.58 58.06
CA ALA F 147 8.06 -57.98 59.43
C ALA F 147 9.11 -58.86 60.17
N VAL F 148 10.39 -58.76 59.74
CA VAL F 148 11.50 -59.51 60.35
C VAL F 148 12.18 -58.66 61.42
N THR F 149 12.06 -59.09 62.69
CA THR F 149 12.65 -58.40 63.83
C THR F 149 14.10 -58.89 63.98
N VAL F 150 15.06 -57.96 63.86
CA VAL F 150 16.49 -58.24 63.98
C VAL F 150 16.84 -58.58 65.44
N ALA F 151 16.41 -57.72 66.40
CA ALA F 151 16.61 -57.85 67.85
C ALA F 151 17.97 -58.45 68.26
N TRP F 152 19.04 -57.66 68.09
CA TRP F 152 20.43 -58.02 68.38
C TRP F 152 20.68 -58.43 69.83
N LYS F 153 21.49 -59.49 70.03
CA LYS F 153 21.84 -60.03 71.35
C LYS F 153 23.32 -59.80 71.64
N ALA F 154 23.67 -59.63 72.93
CA ALA F 154 25.05 -59.49 73.38
C ALA F 154 25.70 -60.87 73.34
N ASP F 155 24.89 -61.92 73.56
CA ASP F 155 25.25 -63.34 73.58
C ASP F 155 24.05 -64.16 73.08
N SER F 156 23.31 -64.81 74.00
CA SER F 156 22.09 -65.58 73.76
C SER F 156 20.91 -64.81 74.38
N SER F 157 21.23 -63.89 75.31
CA SER F 157 20.30 -63.00 76.00
C SER F 157 20.26 -61.67 75.21
N PRO F 158 19.09 -61.26 74.68
CA PRO F 158 19.04 -60.01 73.88
C PRO F 158 19.26 -58.72 74.66
N VAL F 159 20.24 -57.91 74.20
CA VAL F 159 20.59 -56.61 74.75
C VAL F 159 19.83 -55.52 73.97
N LYS F 160 19.57 -54.36 74.61
CA LYS F 160 18.86 -53.25 73.98
C LYS F 160 19.73 -52.56 72.92
N ALA F 161 20.64 -51.65 73.34
CA ALA F 161 21.55 -50.82 72.53
C ALA F 161 20.80 -49.81 71.62
N GLY F 162 19.88 -50.32 70.80
CA GLY F 162 18.98 -49.59 69.91
C GLY F 162 19.54 -48.39 69.18
N VAL F 163 20.39 -48.61 68.16
CA VAL F 163 20.96 -47.52 67.37
C VAL F 163 20.00 -47.18 66.21
N GLU F 164 19.80 -48.12 65.24
CA GLU F 164 18.90 -47.92 64.09
C GLU F 164 18.67 -49.17 63.24
N THR F 165 17.47 -49.26 62.63
CA THR F 165 17.00 -50.30 61.72
C THR F 165 16.28 -49.61 60.57
N THR F 166 16.82 -49.75 59.34
CA THR F 166 16.28 -49.12 58.12
C THR F 166 14.96 -49.76 57.68
N THR F 167 14.03 -48.92 57.19
CA THR F 167 12.71 -49.33 56.71
C THR F 167 12.86 -50.07 55.36
N PRO F 168 12.29 -51.30 55.22
CA PRO F 168 12.44 -52.08 53.96
C PRO F 168 12.26 -51.34 52.63
N SER F 169 13.21 -51.55 51.70
CA SER F 169 13.23 -50.97 50.35
C SER F 169 13.22 -52.07 49.30
N LYS F 170 12.44 -51.89 48.21
CA LYS F 170 12.32 -52.85 47.12
C LYS F 170 13.57 -52.96 46.25
N GLN F 171 14.11 -54.17 46.14
CA GLN F 171 15.31 -54.52 45.38
C GLN F 171 15.09 -55.86 44.67
N SER F 172 15.70 -56.03 43.46
CA SER F 172 15.63 -57.23 42.63
C SER F 172 14.18 -57.64 42.31
N ASN F 173 13.81 -58.91 42.59
CA ASN F 173 12.47 -59.46 42.35
C ASN F 173 11.53 -59.19 43.53
N ASN F 174 11.17 -57.90 43.72
CA ASN F 174 10.29 -57.37 44.78
C ASN F 174 10.76 -57.74 46.20
N LYS F 175 12.08 -57.91 46.39
CA LYS F 175 12.67 -58.29 47.66
C LYS F 175 13.04 -57.08 48.52
N TYR F 176 12.50 -57.04 49.75
CA TYR F 176 12.75 -55.98 50.72
C TYR F 176 14.08 -56.23 51.44
N ALA F 177 15.08 -55.36 51.18
CA ALA F 177 16.43 -55.47 51.76
C ALA F 177 17.01 -54.11 52.18
N ALA F 178 16.66 -53.65 53.39
CA ALA F 178 17.14 -52.39 53.96
C ALA F 178 18.25 -52.63 54.97
N SER F 179 18.15 -53.76 55.72
CA SER F 179 19.05 -54.23 56.77
C SER F 179 19.16 -53.28 57.97
N SER F 180 19.72 -53.78 59.09
CA SER F 180 19.89 -53.03 60.33
C SER F 180 21.37 -52.69 60.56
N TYR F 181 21.67 -51.56 61.22
CA TYR F 181 23.05 -51.12 61.49
C TYR F 181 23.22 -50.64 62.92
N LEU F 182 24.17 -51.23 63.67
CA LEU F 182 24.47 -50.87 65.06
C LEU F 182 25.69 -49.94 65.14
N SER F 183 25.74 -49.09 66.19
CA SER F 183 26.81 -48.14 66.45
C SER F 183 27.16 -48.01 67.94
N LEU F 184 27.93 -48.97 68.46
CA LEU F 184 28.40 -48.99 69.85
C LEU F 184 29.90 -48.68 69.90
N THR F 185 30.47 -48.54 71.12
CA THR F 185 31.90 -48.22 71.33
C THR F 185 32.76 -49.52 71.32
N PRO F 186 34.11 -49.46 71.04
CA PRO F 186 34.91 -50.70 71.05
C PRO F 186 34.99 -51.38 72.42
N GLU F 187 34.87 -50.60 73.51
CA GLU F 187 34.89 -51.10 74.89
C GLU F 187 33.58 -51.85 75.27
N GLN F 188 32.72 -52.12 74.26
CA GLN F 188 31.45 -52.84 74.38
C GLN F 188 31.45 -54.05 73.43
N TRP F 189 32.25 -53.98 72.33
CA TRP F 189 32.37 -55.02 71.31
C TRP F 189 33.56 -55.97 71.54
N LYS F 190 34.81 -55.45 71.55
CA LYS F 190 36.02 -56.27 71.77
C LYS F 190 36.23 -56.60 73.27
N SER F 191 35.12 -56.58 74.03
CA SER F 191 35.07 -56.89 75.47
C SER F 191 33.80 -57.68 75.79
N HIS F 192 33.87 -58.49 76.87
CA HIS F 192 32.80 -59.30 77.42
C HIS F 192 32.30 -60.41 76.46
N LYS F 193 31.00 -60.44 76.13
CA LYS F 193 30.36 -61.48 75.31
C LYS F 193 30.69 -61.44 73.81
N SER F 194 30.35 -62.55 73.11
CA SER F 194 30.59 -62.81 71.69
C SER F 194 29.84 -61.91 70.70
N TYR F 195 28.47 -61.88 70.77
CA TYR F 195 27.50 -61.15 69.93
C TYR F 195 26.90 -62.03 68.84
N SER F 196 25.57 -61.93 68.65
CA SER F 196 24.81 -62.69 67.64
C SER F 196 23.41 -62.09 67.47
N CYS F 197 23.10 -61.56 66.27
CA CYS F 197 21.78 -61.00 65.96
C CYS F 197 20.93 -62.07 65.29
N GLN F 198 19.62 -62.12 65.62
CA GLN F 198 18.70 -63.13 65.11
C GLN F 198 17.82 -62.66 63.93
N VAL F 199 17.12 -63.64 63.32
CA VAL F 199 16.18 -63.46 62.22
C VAL F 199 14.87 -64.09 62.72
N THR F 200 13.81 -63.27 62.87
CA THR F 200 12.51 -63.74 63.37
C THR F 200 11.34 -63.19 62.54
N HIS F 201 10.69 -64.07 61.76
CA HIS F 201 9.54 -63.72 60.93
C HIS F 201 8.28 -64.40 61.49
N GLU F 202 8.21 -65.74 61.40
CA GLU F 202 7.11 -66.55 61.91
C GLU F 202 7.66 -67.93 62.35
N GLY F 203 8.02 -68.01 63.62
CA GLY F 203 8.57 -69.21 64.23
C GLY F 203 9.98 -69.55 63.79
N SER F 204 10.09 -70.41 62.76
CA SER F 204 11.36 -70.89 62.20
C SER F 204 11.97 -69.95 61.15
N THR F 205 13.21 -69.48 61.43
CA THR F 205 14.03 -68.59 60.59
C THR F 205 15.52 -68.78 60.96
N VAL F 206 16.40 -68.85 59.95
CA VAL F 206 17.85 -69.10 60.10
C VAL F 206 18.67 -67.80 60.34
N GLU F 207 19.63 -67.86 61.30
CA GLU F 207 20.54 -66.75 61.66
C GLU F 207 22.00 -67.22 61.91
N LYS F 208 22.97 -66.27 61.92
CA LYS F 208 24.40 -66.57 62.15
C LYS F 208 24.95 -65.92 63.44
N THR F 209 26.29 -65.96 63.62
CA THR F 209 26.99 -65.40 64.79
C THR F 209 28.22 -64.57 64.39
N VAL F 210 28.56 -63.57 65.22
CA VAL F 210 29.73 -62.71 65.05
C VAL F 210 30.64 -62.81 66.28
N ALA F 211 31.94 -62.92 66.07
CA ALA F 211 32.91 -63.01 67.15
C ALA F 211 33.86 -61.80 67.13
N PRO F 212 34.24 -61.25 68.32
CA PRO F 212 35.12 -60.05 68.33
C PRO F 212 36.51 -60.24 67.73
N THR F 213 37.19 -61.35 68.07
CA THR F 213 38.54 -61.64 67.59
C THR F 213 38.66 -63.08 67.08
N GLU F 214 39.35 -63.26 65.94
CA GLU F 214 39.59 -64.56 65.31
C GLU F 214 41.06 -64.95 65.40
N CYS F 215 41.97 -63.96 65.37
CA CYS F 215 43.42 -64.16 65.44
C CYS F 215 44.05 -63.16 66.40
C1 NAG G . -18.20 35.94 -36.38
C2 NAG G . -17.82 35.31 -35.03
C3 NAG G . -18.44 36.35 -34.06
C4 NAG G . -17.90 37.77 -34.34
C5 NAG G . -18.06 38.15 -35.84
C6 NAG G . -17.63 39.57 -36.27
C7 NAG G . -19.14 33.33 -34.11
C8 NAG G . -18.64 32.45 -33.00
N2 NAG G . -18.22 33.89 -34.91
O3 NAG G . -18.34 35.93 -32.68
O4 NAG G . -18.76 38.61 -33.55
O5 NAG G . -17.49 37.15 -36.70
O6 NAG G . -16.21 39.74 -36.40
O7 NAG G . -20.33 33.50 -34.25
C1 NAG G . -18.08 39.53 -32.63
C2 NAG G . -18.00 38.92 -31.21
C3 NAG G . -17.21 39.89 -30.32
C4 NAG G . -15.88 40.31 -30.97
C5 NAG G . -16.07 40.87 -32.39
C6 NAG G . -14.74 41.19 -33.10
C7 NAG G . -19.85 37.50 -30.28
C8 NAG G . -20.32 37.39 -28.85
N2 NAG G . -19.32 38.69 -30.60
O3 NAG G . -16.99 39.24 -29.05
O4 NAG G . -15.28 41.37 -30.22
O5 NAG G . -16.77 39.87 -33.14
O6 NAG G . -14.26 42.53 -32.88
O7 NAG G . -19.97 36.58 -31.07
C1 BMA G . -14.18 40.87 -29.47
C2 BMA G . -12.88 41.39 -30.08
C3 BMA G . -11.71 40.85 -29.30
C4 BMA G . -11.92 41.13 -27.81
C5 BMA G . -13.29 40.63 -27.33
C6 BMA G . -13.59 40.90 -25.85
O2 BMA G . -12.85 42.82 -30.01
O3 BMA G . -10.52 41.46 -29.78
O4 BMA G . -10.88 40.50 -27.08
O5 BMA G . -14.28 41.29 -28.10
O6 BMA G . -13.85 42.28 -25.60
C1 NAG H . -25.52 24.57 -30.78
C2 NAG H . -24.38 23.60 -30.49
C3 NAG H . -24.11 23.75 -29.01
C4 NAG H . -23.87 25.23 -28.59
C5 NAG H . -24.88 26.22 -29.20
C6 NAG H . -24.38 27.67 -29.14
C7 NAG H . -25.58 21.37 -30.65
C8 NAG H . -25.30 19.90 -30.72
N2 NAG H . -24.56 22.19 -30.91
O3 NAG H . -22.98 22.89 -28.82
O4 NAG H . -23.94 25.32 -27.13
O5 NAG H . -25.08 25.92 -30.58
O6 NAG H . -23.39 27.84 -28.13
O7 NAG H . -26.70 21.76 -30.36
C1 NAG H . -25.08 25.67 -26.28
C2 NAG H . -26.15 24.58 -26.09
C3 NAG H . -27.02 24.77 -24.83
C4 NAG H . -26.15 25.08 -23.60
C5 NAG H . -25.35 26.35 -23.92
C6 NAG H . -24.50 26.86 -22.77
C7 NAG H . -27.95 25.23 -27.78
C8 NAG H . -28.75 24.67 -28.92
N2 NAG H . -27.05 24.39 -27.23
O3 NAG H . -27.80 23.57 -24.63
O4 NAG H . -26.81 25.13 -22.31
O5 NAG H . -24.50 26.02 -25.03
O6 NAG H . -23.37 26.00 -22.60
O7 NAG H . -28.14 26.39 -27.41
C1 BMA H . -26.62 23.90 -21.54
C2 BMA H . -25.16 23.70 -21.14
C3 BMA H . -24.98 22.36 -20.45
C4 BMA H . -25.95 22.25 -19.27
C5 BMA H . -27.37 22.57 -19.73
C6 BMA H . -28.37 22.50 -18.57
O2 BMA H . -24.74 24.74 -20.26
O3 BMA H . -23.61 22.24 -20.01
O4 BMA H . -25.90 20.92 -18.77
O5 BMA H . -27.39 23.87 -20.31
O6 BMA H . -28.35 21.20 -17.98
C1 NAG I . 2.46 18.24 -32.03
C2 NAG I . 1.85 17.92 -33.38
C3 NAG I . 2.86 18.22 -34.50
C4 NAG I . 3.06 19.77 -34.53
C5 NAG I . 3.48 20.16 -33.09
C6 NAG I . 3.54 21.67 -32.87
C7 NAG I . -0.04 16.61 -33.81
C8 NAG I . -0.78 17.92 -33.98
N2 NAG I . 1.20 16.64 -33.36
O3 NAG I . 2.46 17.60 -35.73
O4 NAG I . 4.08 20.11 -35.53
O5 NAG I . 2.59 19.64 -32.07
O6 NAG I . 2.49 22.27 -33.64
O7 NAG I . -0.57 15.56 -34.09
C1 NAG I . 4.13 21.46 -36.11
C2 NAG I . 5.39 21.56 -36.98
C3 NAG I . 5.43 22.93 -37.66
C4 NAG I . 4.22 23.10 -38.59
C5 NAG I . 2.97 23.06 -37.64
C6 NAG I . 1.53 23.05 -38.23
C7 NAG I . 7.25 22.12 -35.42
C8 NAG I . 8.75 22.05 -35.44
N2 NAG I . 6.58 21.24 -36.19
O3 NAG I . 6.65 23.25 -38.36
O4 NAG I . 4.46 24.15 -39.59
O5 NAG I . 3.00 21.81 -36.91
O6 NAG I . 1.07 24.09 -39.12
O7 NAG I . 6.70 22.93 -34.72
C1 BMA I . 4.91 23.75 -40.96
C2 BMA I . 4.23 24.63 -42.09
C3 BMA I . 4.59 24.17 -43.51
C4 BMA I . 6.11 24.03 -43.63
C5 BMA I . 6.68 23.17 -42.46
C6 BMA I . 8.17 22.75 -42.64
O2 BMA I . 4.48 26.05 -42.00
O3 BMA I . 4.04 25.09 -44.49
O4 BMA I . 6.43 23.61 -44.98
O5 BMA I . 6.34 23.81 -41.22
O6 BMA I . 9.25 23.23 -41.70
C1 MAN I . 9.04 22.68 -40.29
C2 MAN I . 9.69 23.66 -39.21
C3 MAN I . 11.14 23.25 -38.95
C4 MAN I . 11.43 21.76 -38.72
C5 MAN I . 10.91 21.08 -39.94
C6 MAN I . 11.19 19.62 -39.80
O2 MAN I . 8.83 23.78 -38.03
O3 MAN I . 11.59 23.89 -37.75
O4 MAN I . 12.81 21.46 -38.36
O5 MAN I . 9.50 21.26 -39.94
O6 MAN I . 11.87 19.21 -38.62
C1 NAG J . -20.61 -42.15 9.55
C2 NAG J . -20.66 -42.57 8.09
C3 NAG J . -21.26 -44.00 8.13
C4 NAG J . -20.40 -45.00 8.91
C5 NAG J . -20.07 -44.36 10.28
C6 NAG J . -18.93 -45.02 11.06
C7 NAG J . -21.58 -40.34 7.37
C8 NAG J . -20.48 -39.50 6.80
N2 NAG J . -21.45 -41.68 7.22
O3 NAG J . -21.47 -44.54 6.84
O4 NAG J . -21.23 -46.25 8.92
O5 NAG J . -19.62 -42.99 10.16
O6 NAG J . -19.40 -45.69 12.24
O7 NAG J . -22.54 -39.86 7.97
C1 NAG J . -20.68 -47.56 9.39
C2 NAG J . -21.77 -48.58 9.86
C3 NAG J . -21.16 -49.93 10.34
C4 NAG J . -20.34 -50.67 9.26
C5 NAG J . -19.34 -49.57 8.83
C6 NAG J . -18.39 -50.01 7.72
C7 NAG J . -23.95 -48.37 11.03
C8 NAG J . -24.49 -48.26 12.42
N2 NAG J . -22.67 -48.01 10.89
O3 NAG J . -22.19 -50.78 10.84
O4 NAG J . -19.77 -51.88 9.90
O5 NAG J . -19.95 -48.31 8.41
O6 NAG J . -18.68 -49.38 6.47
O7 NAG J . -24.64 -48.79 10.11
C1 BMA J . -19.72 -53.26 9.31
C2 BMA J . -19.71 -54.35 10.44
C3 BMA J . -19.53 -55.77 9.88
C4 BMA J . -20.60 -56.06 8.84
C5 BMA J . -20.50 -54.96 7.79
C6 BMA J . -21.39 -55.24 6.57
O2 BMA J . -20.93 -54.28 11.17
O3 BMA J . -19.62 -56.77 10.91
O4 BMA J . -20.37 -57.36 8.26
O5 BMA J . -20.78 -53.67 8.41
O6 BMA J . -22.68 -54.67 6.73
C1 NAG K . -35.07 -41.80 6.67
C2 NAG K . -34.79 -41.06 7.97
C3 NAG K . -34.68 -42.03 9.16
C4 NAG K . -36.00 -42.80 9.28
C5 NAG K . -36.26 -43.49 7.90
C6 NAG K . -37.54 -44.36 7.87
C7 NAG K . -33.58 -38.94 7.61
C8 NAG K . -32.79 -38.12 8.58
N2 NAG K . -33.57 -40.26 7.85
O3 NAG K . -34.31 -41.30 10.35
O4 NAG K . -36.05 -43.66 10.46
O5 NAG K . -36.30 -42.51 6.80
O6 NAG K . -37.51 -45.43 8.81
O7 NAG K . -34.16 -38.45 6.65
C1 NAG K . -37.00 -43.18 11.51
C2 NAG K . -37.11 -44.06 12.80
C3 NAG K . -38.25 -43.49 13.67
C4 NAG K . -37.95 -42.02 14.04
C5 NAG K . -37.69 -41.19 12.79
C6 NAG K . -37.26 -39.74 13.18
C7 NAG K . -36.38 -46.41 12.98
C8 NAG K . -36.02 -47.46 11.98
N2 NAG K . -37.26 -45.49 12.56
O3 NAG K . -38.45 -44.26 14.87
O4 NAG K . -39.06 -41.47 14.78
O5 NAG K . -36.67 -41.84 11.99
O6 NAG K . -36.62 -38.99 12.13
O7 NAG K . -35.87 -46.40 14.09
C1 NAG L . -7.13 14.45 -9.64
C2 NAG L . -8.56 14.97 -9.53
C3 NAG L . -8.76 16.29 -10.28
C4 NAG L . -7.74 17.29 -9.65
C5 NAG L . -6.30 16.73 -9.87
C6 NAG L . -5.17 17.64 -9.36
C7 NAG L . -10.58 13.72 -9.00
C8 NAG L . -11.91 14.26 -9.41
N2 NAG L . -9.57 13.97 -9.85
O3 NAG L . -10.15 16.69 -10.23
O4 NAG L . -7.86 18.67 -10.10
O5 NAG L . -6.19 15.45 -9.24
O6 NAG L . -5.33 18.10 -8.01
O7 NAG L . -10.43 13.11 -7.95
C1 NAG L . -8.50 19.62 -9.18
C2 NAG L . -7.80 21.02 -9.10
C3 NAG L . -8.62 21.98 -8.20
C4 NAG L . -10.13 22.05 -8.56
C5 NAG L . -10.68 20.58 -8.65
C6 NAG L . -12.13 20.46 -9.12
C7 NAG L . -5.64 21.95 -8.11
C8 NAG L . -4.68 22.73 -8.96
N2 NAG L . -6.38 20.98 -8.70
O3 NAG L . -8.06 23.33 -8.21
O4 NAG L . -10.83 22.83 -7.54
O5 NAG L . -9.88 19.79 -9.54
O6 NAG L . -12.36 19.11 -9.56
O7 NAG L . -5.73 22.22 -6.92
C1 BMA L . -11.09 24.27 -7.74
C2 BMA L . -11.49 24.89 -6.38
C3 BMA L . -11.92 26.34 -6.56
C4 BMA L . -10.83 27.15 -7.29
C5 BMA L . -10.45 26.42 -8.59
C6 BMA L . -9.37 27.21 -9.36
O2 BMA L . -10.42 24.81 -5.42
O3 BMA L . -12.22 26.90 -5.26
O4 BMA L . -11.25 28.49 -7.58
O5 BMA L . -10.01 25.09 -8.25
O6 BMA L . -9.73 28.59 -9.50
C1 NAG M . 2.16 6.21 -23.29
C2 NAG M . 1.56 5.24 -24.34
C3 NAG M . 2.56 4.07 -24.55
C4 NAG M . 3.92 4.66 -24.90
C5 NAG M . 4.32 5.79 -23.93
C6 NAG M . 5.63 6.46 -24.31
C7 NAG M . -0.72 4.11 -24.55
C8 NAG M . -2.13 4.53 -24.23
N2 NAG M . 0.19 4.87 -23.92
O3 NAG M . 2.14 3.07 -25.53
O4 NAG M . 4.80 3.57 -24.58
O5 NAG M . 3.34 6.84 -23.79
O6 NAG M . 5.72 7.67 -23.55
O7 NAG M . -0.50 3.16 -25.28
C1 NAG M . 5.21 2.67 -25.64
C2 NAG M . 6.25 1.68 -25.08
C3 NAG M . 6.78 0.80 -26.21
C4 NAG M . 5.60 0.08 -26.86
C5 NAG M . 4.57 1.11 -27.33
C6 NAG M . 3.39 0.41 -27.96
C7 NAG M . 7.69 2.17 -23.17
C8 NAG M . 8.78 1.19 -22.80
N2 NAG M . 7.40 2.32 -24.46
O3 NAG M . 7.72 -0.13 -25.67
O4 NAG M . 6.08 -0.75 -27.93
O5 NAG M . 4.13 1.91 -26.23
O6 NAG M . 3.88 -0.53 -28.92
O7 NAG M . 7.10 2.81 -22.33
C1 NAG N . -4.68 -15.76 -13.66
C2 NAG N . -4.97 -16.60 -12.39
C3 NAG N . -4.14 -17.88 -12.41
C4 NAG N . -4.58 -18.76 -13.59
C5 NAG N . -4.43 -17.90 -14.89
C6 NAG N . -4.90 -18.57 -16.18
C7 NAG N . -4.14 -14.98 -10.51
C8 NAG N . -2.92 -14.43 -11.21
N2 NAG N . -4.97 -15.90 -11.09
O3 NAG N . -4.31 -18.48 -11.13
O4 NAG N . -3.87 -20.03 -13.60
O5 NAG N . -5.10 -16.61 -14.76
O6 NAG N . -3.86 -19.28 -16.88
O7 NAG N . -4.37 -14.58 -9.38
C1 NAG N . -3.90 -21.02 -12.52
C2 NAG N . -5.23 -21.75 -12.27
C3 NAG N . -5.05 -23.06 -11.50
C4 NAG N . -3.98 -23.93 -12.18
C5 NAG N . -2.68 -23.12 -12.15
C6 NAG N . -1.35 -23.83 -12.50
C7 NAG N . -6.30 -20.20 -10.53
C8 NAG N . -7.46 -19.27 -10.30
N2 NAG N . -6.31 -20.96 -11.64
O3 NAG N . -6.27 -23.81 -11.39
O4 NAG N . -3.90 -25.25 -11.60
O5 NAG N . -2.91 -21.95 -12.94
O6 NAG N . -1.32 -24.46 -13.79
O7 NAG N . -5.38 -20.24 -9.74
C1 BMA N . -3.57 -26.40 -12.46
C2 BMA N . -4.77 -27.36 -12.38
C3 BMA N . -4.50 -28.67 -13.10
C4 BMA N . -3.93 -28.45 -14.46
C5 BMA N . -2.85 -27.40 -14.49
C6 BMA N . -2.47 -27.32 -15.98
O2 BMA N . -5.98 -26.72 -12.81
O3 BMA N . -5.81 -29.16 -13.45
O4 BMA N . -3.31 -29.71 -14.74
O5 BMA N . -3.32 -26.18 -13.87
O6 BMA N . -2.57 -28.65 -16.53
C1 MAN N . -2.38 -28.76 -17.96
C2 MAN N . -3.71 -29.03 -18.65
C3 MAN N . -4.22 -30.39 -18.18
C4 MAN N . -3.24 -31.47 -18.60
C5 MAN N . -1.95 -31.10 -17.87
C6 MAN N . -0.87 -32.19 -17.78
O2 MAN N . -3.50 -29.11 -20.06
O3 MAN N . -5.54 -30.65 -18.59
O4 MAN N . -3.72 -32.77 -18.25
O5 MAN N . -1.50 -29.83 -18.37
O6 MAN N . -1.12 -32.98 -16.60
C1 MAN N . -0.01 -33.22 -15.67
C2 MAN N . -0.45 -34.14 -14.53
C3 MAN N . -1.49 -33.47 -13.60
C4 MAN N . -0.88 -32.19 -13.03
C5 MAN N . -0.39 -31.33 -14.18
C6 MAN N . 0.27 -30.08 -13.63
O2 MAN N . 0.70 -34.58 -13.78
O3 MAN N . -1.93 -34.34 -12.55
O4 MAN N . -1.84 -31.48 -12.22
O5 MAN N . 0.55 -32.06 -15.00
O6 MAN N . -0.71 -29.41 -12.82
C1 MAN N . -6.19 -30.42 -12.89
C2 MAN N . -5.75 -31.52 -13.81
C3 MAN N . -6.50 -31.36 -15.16
C4 MAN N . -8.00 -31.20 -14.96
C5 MAN N . -8.23 -30.06 -13.98
C6 MAN N . -9.75 -29.86 -13.79
O2 MAN N . -5.84 -32.84 -13.20
O3 MAN N . -6.29 -32.52 -15.98
O4 MAN N . -8.71 -30.90 -16.16
O5 MAN N . -7.59 -30.46 -12.75
O6 MAN N . -10.37 -29.91 -15.10
C1 NAG O . -16.53 12.46 -2.48
C2 NAG O . -16.13 13.63 -3.46
C3 NAG O . -16.44 14.98 -2.78
C4 NAG O . -17.79 15.14 -2.04
C5 NAG O . -18.05 13.89 -1.18
C6 NAG O . -19.43 13.82 -0.53
C7 NAG O . -13.98 13.17 -4.86
C8 NAG O . -14.09 13.86 -6.18
N2 NAG O . -14.69 13.67 -3.80
O3 NAG O . -16.40 16.01 -3.77
O4 NAG O . -17.57 16.33 -1.24
O5 NAG O . -17.89 12.69 -1.99
O6 NAG O . -19.41 14.33 0.82
O7 NAG O . -13.23 12.20 -4.77
C1 NAG O . -18.64 17.03 -0.55
C2 NAG O . -18.15 17.37 0.86
C3 NAG O . -19.23 18.04 1.70
C4 NAG O . -19.64 19.35 1.03
C5 NAG O . -20.09 19.01 -0.40
C6 NAG O . -20.46 20.26 -1.23
C7 NAG O . -16.52 16.34 2.33
C8 NAG O . -15.77 17.64 2.37
N2 NAG O . -17.57 16.23 1.53
O3 NAG O . -18.74 18.30 3.02
O4 NAG O . -20.74 19.91 1.80
O5 NAG O . -19.06 18.29 -1.12
O6 NAG O . -21.72 20.84 -0.88
O7 NAG O . -16.18 15.39 3.00
C1 BMA O . -20.49 20.81 2.93
C2 BMA O . -21.54 20.45 4.00
C3 BMA O . -21.60 21.47 5.16
C4 BMA O . -20.16 21.56 5.72
C5 BMA O . -19.16 21.83 4.59
C6 BMA O . -17.76 22.00 5.13
O2 BMA O . -21.18 19.17 4.54
O3 BMA O . -22.69 21.13 6.09
O4 BMA O . -19.97 22.58 6.71
O5 BMA O . -19.22 20.78 3.62
O6 BMA O . -17.49 20.93 6.03
C1 MAN O . -23.99 20.86 5.43
C2 MAN O . -25.10 21.87 5.80
C3 MAN O . -25.59 21.69 7.25
C4 MAN O . -26.02 20.26 7.48
C5 MAN O . -24.91 19.31 7.07
C6 MAN O . -25.38 17.87 7.23
O2 MAN O . -26.22 21.69 4.90
O3 MAN O . -26.70 22.53 7.52
O4 MAN O . -26.32 20.06 8.87
O5 MAN O . -24.58 19.56 5.70
O6 MAN O . -26.70 17.77 6.68
C1 NAG P . -5.22 -40.06 -0.56
C2 NAG P . -4.81 -40.05 -2.06
C3 NAG P . -4.79 -41.50 -2.58
C4 NAG P . -3.93 -42.42 -1.72
C5 NAG P . -4.32 -42.21 -0.26
C6 NAG P . -3.41 -42.99 0.68
C7 NAG P . -6.07 -39.06 -4.12
C8 NAG P . -7.48 -38.60 -4.24
N2 NAG P . -5.63 -39.08 -2.83
O3 NAG P . -4.24 -41.48 -3.90
O4 NAG P . -4.32 -43.78 -1.98
O5 NAG P . -4.27 -40.85 0.16
O6 NAG P . -2.24 -43.30 -0.07
O7 NAG P . -5.42 -39.33 -5.12
C1 NAG P . -3.71 -44.48 -3.09
C2 NAG P . -3.65 -45.97 -2.74
C3 NAG P . -3.01 -46.76 -3.88
C4 NAG P . -3.80 -46.55 -5.17
C5 NAG P . -3.87 -45.05 -5.47
C6 NAG P . -4.72 -44.78 -6.73
C7 NAG P . -3.60 -46.55 -0.39
C8 NAG P . -2.95 -47.55 0.53
N2 NAG P . -2.93 -46.22 -1.50
O3 NAG P . -2.98 -48.15 -3.54
O4 NAG P . -3.21 -47.25 -6.28
O5 NAG P . -4.44 -44.37 -4.34
O6 NAG P . -4.73 -45.92 -7.61
O7 NAG P . -4.68 -46.06 -0.16
C1 NAG Q . 8.47 -4.22 7.83
C2 NAG Q . 8.38 -2.75 8.22
C3 NAG Q . 9.83 -2.26 8.14
C4 NAG Q . 10.75 -3.07 9.04
C5 NAG Q . 10.59 -4.57 8.82
C6 NAG Q . 11.30 -5.28 9.96
C7 NAG Q . 7.05 -0.75 7.61
C8 NAG Q . 6.87 -0.32 9.04
N2 NAG Q . 7.41 -2.01 7.40
O3 NAG Q . 9.89 -0.88 8.53
O4 NAG Q . 12.06 -2.85 8.52
O5 NAG Q . 9.21 -4.95 8.82
O6 NAG Q . 11.12 -6.70 9.81
O7 NAG Q . 6.87 0.04 6.71
C1 NAG Q . 12.82 -1.85 9.23
C2 NAG Q . 14.23 -1.89 8.61
C3 NAG Q . 15.15 -0.86 9.27
C4 NAG Q . 14.48 0.53 9.36
C5 NAG Q . 13.04 0.43 9.91
C6 NAG Q . 12.29 1.76 10.04
C7 NAG Q . 14.65 -4.14 9.70
C8 NAG Q . 15.01 -3.89 11.14
N2 NAG Q . 14.85 -3.20 8.76
O3 NAG Q . 16.38 -0.84 8.54
O4 NAG Q . 15.24 1.36 10.27
O5 NAG Q . 12.28 -0.52 9.15
O6 NAG Q . 11.28 1.98 9.05
O7 NAG Q . 14.23 -5.24 9.38
C1 BMA Q . 16.38 2.11 9.74
C2 BMA Q . 16.74 3.28 10.66
C3 BMA Q . 17.86 4.13 10.09
C4 BMA Q . 19.04 3.23 9.79
C5 BMA Q . 18.60 2.05 8.91
C6 BMA Q . 19.77 1.10 8.60
O2 BMA Q . 17.20 2.80 11.93
O3 BMA Q . 18.23 5.13 11.05
O4 BMA Q . 20.06 3.98 9.13
O5 BMA Q . 17.58 1.33 9.59
O6 BMA Q . 20.93 1.85 8.21
C1 NAG R . -11.14 -2.10 16.17
C2 NAG R . -12.64 -2.05 16.43
C3 NAG R . -12.85 -1.57 17.85
C4 NAG R . -12.14 -2.49 18.85
C5 NAG R . -10.66 -2.66 18.40
C6 NAG R . -9.86 -3.80 19.08
C7 NAG R . -14.28 -1.69 14.67
C8 NAG R . -15.62 -1.90 15.34
N2 NAG R . -13.32 -1.22 15.46
O3 NAG R . -14.26 -1.46 18.16
O4 NAG R . -12.14 -1.72 20.07
O5 NAG R . -10.52 -3.03 17.03
O6 NAG R . -9.81 -3.75 20.50
O7 NAG R . -14.10 -1.93 13.49
C1 NAG R . -13.25 -1.64 21.06
C2 NAG R . -13.88 -0.23 20.96
C3 NAG R . -14.84 -0.01 22.12
C4 NAG R . -15.92 -1.08 22.15
C5 NAG R . -15.23 -2.45 22.10
C6 NAG R . -16.22 -3.60 22.17
C7 NAG R . -12.58 1.52 19.85
C8 NAG R . -13.42 2.74 19.59
N2 NAG R . -12.88 0.83 20.94
O3 NAG R . -15.37 1.31 21.98
O4 NAG R . -16.67 -1.03 23.38
O5 NAG R . -14.36 -2.59 20.95
O6 NAG R . -17.05 -3.53 21.02
O7 NAG R . -11.66 1.22 19.09
C1 BMA R . -17.71 -0.01 23.46
C2 BMA R . -18.90 -0.58 24.24
C3 BMA R . -20.06 0.43 24.27
C4 BMA R . -19.51 1.74 24.87
C5 BMA R . -18.29 2.22 24.09
C6 BMA R . -17.67 3.50 24.66
O2 BMA R . -18.51 -0.87 25.58
O3 BMA R . -21.19 -0.09 24.98
O4 BMA R . -20.52 2.74 24.91
O5 BMA R . -17.30 1.19 24.13
O6 BMA R . -18.66 4.46 24.99
C1 NAG S . -0.77 -9.81 15.77
C2 NAG S . -1.77 -9.84 16.95
C3 NAG S . -0.90 -9.92 18.22
C4 NAG S . 0.06 -11.14 18.19
C5 NAG S . 0.95 -11.09 16.89
C6 NAG S . 1.99 -12.25 16.75
C7 NAG S . -3.99 -8.80 17.41
C8 NAG S . -4.74 -7.51 17.49
N2 NAG S . -2.75 -8.73 16.93
O3 NAG S . -1.82 -9.93 19.35
O4 NAG S . 0.81 -11.05 19.45
O5 NAG S . 0.10 -10.94 15.72
O6 NAG S . 2.37 -12.70 15.45
O7 NAG S . -4.49 -9.86 17.78
C1 NAG S . 0.44 -12.01 20.53
C2 NAG S . 1.51 -12.12 21.65
C3 NAG S . 1.16 -13.35 22.52
C4 NAG S . -0.28 -13.39 23.08
C5 NAG S . -1.26 -12.92 21.99
C6 NAG S . -2.60 -12.48 22.55
C7 NAG S . 3.63 -12.65 20.26
C8 NAG S . 5.12 -12.53 20.40
N2 NAG S . 2.93 -12.02 21.23
O3 NAG S . 2.06 -13.25 23.64
O4 NAG S . -0.69 -14.76 23.53
O5 NAG S . -0.80 -11.76 21.26
O6 NAG S . -3.23 -13.56 23.26
O7 NAG S . 3.15 -13.26 19.32
C1 BMA S . 0.11 -15.99 23.28
C2 BMA S . -0.23 -17.19 24.18
C3 BMA S . 0.70 -18.43 23.93
C4 BMA S . 0.67 -18.79 22.44
C5 BMA S . 1.06 -17.54 21.66
C6 BMA S . 1.32 -17.87 20.19
O2 BMA S . -1.64 -17.51 24.04
O3 BMA S . 0.49 -19.64 24.73
O4 BMA S . 1.52 -19.89 22.03
O5 BMA S . 0.07 -16.52 21.94
O6 BMA S . 2.72 -18.02 19.82
C1 MAN S . 1.74 -20.26 25.22
C2 MAN S . 1.98 -21.72 24.72
C3 MAN S . 0.95 -22.69 25.27
C4 MAN S . 0.58 -22.33 26.70
C5 MAN S . 0.47 -20.83 27.04
C6 MAN S . 0.11 -20.51 28.51
O2 MAN S . 3.24 -22.34 25.03
O3 MAN S . 1.57 -24.00 25.25
O4 MAN S . -0.77 -22.75 26.71
O5 MAN S . 1.70 -20.21 26.65
O6 MAN S . 1.10 -19.77 29.25
C1 MAN S . 3.28 -16.72 19.46
C2 MAN S . 3.66 -16.63 17.95
C3 MAN S . 4.87 -17.53 17.65
C4 MAN S . 5.98 -17.35 18.70
C5 MAN S . 5.39 -17.50 20.09
C6 MAN S . 6.45 -17.46 21.17
O2 MAN S . 3.82 -15.27 17.47
O3 MAN S . 5.36 -17.23 16.33
O4 MAN S . 7.05 -18.30 18.53
O5 MAN S . 4.44 -16.46 20.27
O6 MAN S . 7.15 -18.71 21.15
C1 NAG T . 2.07 -13.92 -10.70
C2 NAG T . 1.93 -14.66 -12.02
C3 NAG T . 3.32 -15.13 -12.51
C4 NAG T . 4.29 -13.96 -12.65
C5 NAG T . 4.26 -13.19 -11.31
C6 NAG T . 5.17 -11.97 -11.41
C7 NAG T . 0.00 -16.12 -12.72
C8 NAG T . 0.01 -15.76 -14.18
N2 NAG T . 1.03 -15.80 -11.93
O3 NAG T . 3.17 -15.75 -13.81
O4 NAG T . 5.63 -14.45 -12.85
O5 NAG T . 2.92 -12.81 -10.90
O6 NAG T . 6.38 -12.24 -10.70
O7 NAG T . -0.94 -16.73 -12.26
C1 NAG T . 6.08 -14.73 -14.22
C2 NAG T . 7.60 -14.97 -14.21
C3 NAG T . 8.09 -15.26 -15.63
C4 NAG T . 7.38 -16.48 -16.26
C5 NAG T . 5.86 -16.18 -16.18
C6 NAG T . 5.00 -17.33 -16.72
C7 NAG T . 9.07 -13.95 -12.51
C8 NAG T . 10.57 -14.07 -12.61
N2 NAG T . 8.39 -13.87 -13.65
O3 NAG T . 9.51 -15.42 -15.54
O4 NAG T . 7.76 -16.73 -17.66
O5 NAG T . 5.46 -15.88 -14.82
O6 NAG T . 3.62 -16.93 -16.78
O7 NAG T . 8.52 -13.93 -11.42
C1 BMA T . 8.87 -17.67 -17.97
C2 BMA T . 9.28 -17.54 -19.47
C3 BMA T . 10.43 -18.49 -19.82
C4 BMA T . 11.56 -18.36 -18.79
C5 BMA T . 11.02 -18.53 -17.39
C6 BMA T . 12.17 -18.52 -16.37
O2 BMA T . 9.66 -16.23 -19.91
O3 BMA T . 10.94 -18.09 -21.09
O4 BMA T . 12.62 -19.30 -19.01
O5 BMA T . 10.06 -17.48 -17.17
O6 BMA T . 13.20 -17.63 -16.80
C1 NAG U . 4.10 -22.48 5.55
C2 NAG U . 4.76 -23.15 4.40
C3 NAG U . 4.08 -24.50 4.12
C4 NAG U . 4.13 -25.42 5.40
C5 NAG U . 3.42 -24.57 6.48
C6 NAG U . 3.38 -25.20 7.87
C7 NAG U . 5.51 -21.56 2.77
C8 NAG U . 6.82 -22.27 2.84
N2 NAG U . 4.52 -22.21 3.34
O3 NAG U . 4.72 -25.06 2.95
O4 NAG U . 3.68 -26.84 5.32
O5 NAG U . 4.08 -23.32 6.66
O6 NAG U . 4.56 -24.84 8.61
O7 NAG U . 5.31 -20.51 2.20
C1 NAG U . 4.36 -27.86 6.21
C2 NAG U . 3.70 -29.26 6.22
C3 NAG U . 4.41 -30.24 7.16
C4 NAG U . 5.93 -30.36 7.04
C5 NAG U . 6.46 -28.95 6.86
C6 NAG U . 8.00 -28.95 6.72
C7 NAG U . 1.27 -28.90 5.87
C8 NAG U . -0.04 -29.29 6.48
N2 NAG U . 2.32 -29.14 6.66
O3 NAG U . 3.83 -31.52 6.87
O4 NAG U . 6.64 -30.54 8.30
O5 NAG U . 5.74 -28.15 5.89
O6 NAG U . 8.61 -28.20 7.80
O7 NAG U . 1.34 -28.39 4.76
C1 BMA U . 6.88 -31.77 9.05
C2 BMA U . 5.90 -32.84 8.61
C3 BMA U . 5.98 -34.09 9.46
C4 BMA U . 7.44 -34.57 9.61
C5 BMA U . 8.42 -33.42 9.88
C6 BMA U . 9.90 -33.83 10.02
O2 BMA U . 6.04 -33.14 7.20
O3 BMA U . 5.07 -34.97 8.77
O4 BMA U . 7.59 -35.52 10.69
O5 BMA U . 8.20 -32.38 8.90
O6 BMA U . 10.70 -34.61 9.08
C1 MAN U . 5.72 -36.06 8.09
C2 MAN U . 5.08 -36.25 6.69
C3 MAN U . 3.64 -36.78 6.75
C4 MAN U . 3.71 -38.01 7.67
C5 MAN U . 4.25 -37.61 9.06
C6 MAN U . 4.30 -38.70 10.09
O2 MAN U . 5.94 -37.15 5.95
O3 MAN U . 3.13 -37.18 5.47
O4 MAN U . 2.59 -38.90 7.66
O5 MAN U . 5.61 -37.28 8.83
O6 MAN U . 3.00 -39.26 10.30
C1 MAN U . 3.31 -40.53 10.87
C2 MAN U . 2.04 -41.35 11.02
C3 MAN U . 1.05 -40.60 11.90
C4 MAN U . 1.71 -40.20 13.23
C5 MAN U . 3.04 -39.49 12.95
C6 MAN U . 3.90 -39.03 14.13
O2 MAN U . 2.45 -42.60 11.58
O3 MAN U . -0.13 -41.38 12.13
O4 MAN U . 0.74 -39.38 13.92
O5 MAN U . 3.87 -40.37 12.17
O6 MAN U . 5.10 -38.38 13.65
C1 MAN U . 10.09 -34.97 7.79
C2 MAN U . 10.12 -36.49 7.42
C3 MAN U . 11.37 -37.05 6.74
C4 MAN U . 11.85 -36.08 5.68
C5 MAN U . 12.01 -34.70 6.28
C6 MAN U . 12.53 -33.77 5.20
O2 MAN U . 9.01 -36.94 6.63
O3 MAN U . 10.90 -38.23 6.08
O4 MAN U . 13.03 -36.41 4.92
O5 MAN U . 10.68 -34.32 6.62
O6 MAN U . 12.62 -34.51 3.98
C1 NAG V . -7.20 28.07 -33.26
C2 NAG V . -7.45 29.56 -33.24
C3 NAG V . -7.51 30.06 -31.81
C4 NAG V . -8.62 29.28 -31.11
C5 NAG V . -8.34 27.79 -31.20
C6 NAG V . -9.45 27.02 -30.51
C7 NAG V . -6.80 30.69 -35.24
C8 NAG V . -7.22 32.12 -35.37
N2 NAG V . -6.47 30.30 -34.02
O3 NAG V . -7.80 31.46 -31.79
O4 NAG V . -8.69 29.68 -29.73
O5 NAG V . -8.24 27.39 -32.57
O6 NAG V . -9.91 27.76 -29.39
O7 NAG V . -6.76 29.94 -36.20
C1 NAG W . -35.00 -20.24 6.73
C2 NAG W . -34.44 -18.96 7.45
C3 NAG W . -35.63 -18.48 8.33
C4 NAG W . -36.88 -18.28 7.45
C5 NAG W . -37.23 -19.55 6.65
C6 NAG W . -38.47 -19.41 5.79
C7 NAG W . -32.66 -18.64 9.28
C8 NAG W . -32.36 -17.17 9.39
N2 NAG W . -33.13 -19.15 8.13
O3 NAG W . -35.34 -17.30 9.10
O4 NAG W . -37.99 -18.00 8.30
O5 NAG W . -36.12 -19.97 5.86
O6 NAG W . -39.09 -18.15 6.05
O7 NAG W . -32.43 -19.35 10.23
C1 NAG X . 5.04 -21.07 -2.01
C2 NAG X . 6.09 -22.21 -1.81
C3 NAG X . 7.51 -21.67 -2.09
C4 NAG X . 7.62 -21.05 -3.46
C5 NAG X . 6.55 -19.97 -3.57
C6 NAG X . 6.62 -19.47 -5.00
C7 NAG X . 6.67 -23.97 -0.06
C8 NAG X . 5.97 -25.29 -0.10
N2 NAG X . 5.99 -22.87 -0.49
O3 NAG X . 8.55 -22.65 -2.00
O4 NAG X . 8.96 -20.54 -3.69
O5 NAG X . 5.24 -20.52 -3.31
O6 NAG X . 6.88 -20.61 -5.82
O7 NAG X . 7.81 -23.94 0.37
C1 NAG Y . -9.84 -14.42 12.48
C2 NAG Y . -11.33 -14.67 12.67
C3 NAG Y . -11.74 -14.07 14.03
C4 NAG Y . -10.85 -14.51 15.20
C5 NAG Y . -9.41 -14.23 14.85
C6 NAG Y . -8.54 -14.70 16.01
C7 NAG Y . -12.32 -12.85 11.16
C8 NAG Y . -13.35 -12.60 10.10
N2 NAG Y . -12.13 -14.14 11.55
O3 NAG Y . -13.07 -14.50 14.31
O4 NAG Y . -11.13 -13.77 16.40
O5 NAG Y . -9.10 -14.92 13.62
O6 NAG Y . -8.87 -16.06 16.29
O7 NAG Y . -11.70 -11.91 11.62
#